data_8Z1Z
#
_entry.id   8Z1Z
#
loop_
_entity.id
_entity.type
_entity.pdbx_description
1 polymer 'Dipeptide transport system permease protein DppB'
2 polymer 'Dipeptide transport system permease protein DppC'
3 polymer 'Dipeptide transport ATP-binding protein DppD'
4 polymer 'Dipeptide transport ATP-binding protein DppF'
5 polymer 'Dipeptide-binding protein'
6 non-polymer 'IRON/SULFUR CLUSTER'
7 non-polymer 'PHOSPHOTHIOPHOSPHORIC ACID-ADENYLATE ESTER'
#
loop_
_entity_poly.entity_id
_entity_poly.type
_entity_poly.pdbx_seq_one_letter_code
_entity_poly.pdbx_strand_id
1 'polypeptide(L)'
;MLQFILRRLGLVIPTFIGITLLTFAFVHMIPGDPVMIMAGERGISPERHAQLLAELGLDKPMWQQYLHYIWGVMHGDLGI
SMKSRIPVWEEFVPRFQATLELGVCAMIFATAVGIPVGVLAAVKRGSIFDHTAVGLALTGYSMPIFWWGMMLIMLVSVHW
NLTPVSGRVSDMVFLDDSNPLTGFMLIDTAIWGEDGNFIDAVAHMILPAIVLGTIPLAVIVRMTRSSMLEVLGEDYIRTA
RAKGLTRMRVIIVHALRNAMLPVVTVIGLQVGTLLAGAILTETIFSWPGLGRWLIDALQRRDYPVVQGGVLLVATMIILV
NLLVDLLYGVVNPRIRHKK
;
A
2 'polypeptide(L)'
;MSQVTENKVISAPVPMTPLQEFWHYFKRNKGAVVGLVYVVIVLFIAIFANWIAPYNPAEQFRDALLAPPAWQEGGSMAHL
LGTDDVGRDVLSRLMYGARLSLLVGCLVVVLSLIMGVILGLIAGYFGGLVDNIIMRVVDIMLALPSLLLALVLVAIFGPS
IGNAALALTFVALPHYVRLTRAAVLVEVNRDYVTASRVAGAGAMRQMFINIFPNCLAPLIVQASLGFSNAILDMAALGFL
GMGAQPPTPEWGTMLSDVLQFAQSAWWVVTFPGLAILLTVLAFNLMGDGLRDALDPKLKQ
;
B
3 'polypeptide(L)'
;MALLNVDKLSVHFGDESAPFRAVDRISYSVKQGEVVGIVGESGSGKSVSSLAIMGLIDYPGRVMAEKLEFNGQDLQRISE
KERRNLVGAEVAMIFQDPMTSLNPCYTVGFQIMEAIKVHQGGNKSTRRQRAIDLLNQVGIPDPASRLDVYPHQLSGGMSQ
RVMIAMAIACRPKLLIADQPTTALDVTIQAQIIELLLELQQKENMALVLITHDLALVAEAAHKIIVMYAGQVVETGDAHA
IFHAPRHPYTQALLRALPEFAQDKERLASLPGVVPGKYDRPNGCLLNPRCPYATDRCRAEEPALNMLADGRQSKCHYPLD
DAGRPTL
;
C
4 'polypeptide(L)'
;MSTQEATLQQPLLQAIDLKKHYPVKKGMFAPERLVKALDGVSFNLERGKTLAVVGESGCGKSTLGRLLTMIEMPTGGELY
YQGQDLLKHDPQAQKLRRQKIQIVFQNPYGSLNPRKKVGQILEEPLLINTSLSKEQRREKALSMMAKVGLKTEHYDRYPH
MFSGGQRQRIAIARGLMLDPDVVIADQPVSALDVSVRAQVLNLMMDLQQELGLSYVFISHDLSVVEHIADEVMVMYLGRC
VEKGTKDQIFNNPRHPYTQALLSATPRLNPDDRRERIKLSGELPSPLNPPPGCAFNARCRRRFGPCTQLQPQLKDYGGQL
VACFAVDQDENPQR
;
D
5 'polypeptide(L)'
;MRISLKKSGMLKLGLSLVAMTVAASVQAKTLVYCSEGSPEGFNPQLFTSGTTYDASSVPLYNRLVEFKIGTTEVIPGLAE
KWEVSEDGKTYTFHLRKGVKWHDNKEFKPTRELNADDVVFSFDRQKNAQNPYHKVSGGSYEYFEGMGLPELISEVKKVDD
NTVQFVLTRPEAPFLADLAMDFASILSKEYADAMMKAGTPEKLDLNPIGTGPFQLQQYQKDSRIRYKAFDGYWGTKPQID
TLVFSITPDASVRYAKLQKNECQVMPYPNPADIARMKQDKSINLMEMPGLNVGYLSYNVQKKPLDDVKVRQALTYAVNKD
AIIKAVYQGAGVSAKNLIPPTMWGYNDDVQDYTYDPEKAKALLKEAGLEKGFSIDLWAMPVQDPYNPNARRMAEMIQADW
AKVGVQAKIVTYEWGEYLKRAKDGEHQTVMMGWTGRNGDPDNFFATLFSCAASEQGSNYSKWCYKPFEDLIQPARATDDH
NKRVELYKQAQVVMHDQAPALIIAHSTVFEPVRKEVKGYVVDPLGKHHFENVSIE
;
F
#
loop_
_chem_comp.id
_chem_comp.type
_chem_comp.name
_chem_comp.formula
AGS non-polymer 'PHOSPHOTHIOPHOSPHORIC ACID-ADENYLATE ESTER' 'C10 H16 N5 O12 P3 S'
SF4 non-polymer 'IRON/SULFUR CLUSTER' 'Fe4 S4'
#
# COMPACT_ATOMS: atom_id res chain seq x y z
N LEU A 6 14.90 17.79 16.90
CA LEU A 6 13.99 16.62 16.93
C LEU A 6 14.43 15.57 15.89
N ARG A 7 13.98 14.31 16.04
CA ARG A 7 14.27 13.17 15.14
C ARG A 7 13.45 13.21 13.82
N ARG A 8 13.43 14.36 13.14
CA ARG A 8 12.68 14.64 11.89
C ARG A 8 13.59 15.40 10.91
N LEU A 9 13.55 15.07 9.62
CA LEU A 9 14.53 15.60 8.65
C LEU A 9 14.30 17.05 8.21
N GLY A 10 13.07 17.57 8.30
CA GLY A 10 12.72 18.93 7.87
C GLY A 10 11.25 19.30 8.10
N LEU A 11 10.88 20.54 7.78
CA LEU A 11 9.53 21.10 7.92
C LEU A 11 8.92 20.91 9.33
N VAL A 12 9.73 20.98 10.39
CA VAL A 12 9.37 20.54 11.75
C VAL A 12 8.22 21.36 12.36
N ILE A 13 8.37 22.68 12.54
CA ILE A 13 7.27 23.49 13.10
C ILE A 13 6.10 23.69 12.13
N PRO A 14 6.27 23.80 10.79
CA PRO A 14 5.14 23.73 9.86
C PRO A 14 4.36 22.42 9.93
N THR A 15 4.98 21.28 10.30
CA THR A 15 4.26 20.01 10.52
C THR A 15 3.39 20.07 11.78
N PHE A 16 3.99 20.47 12.91
CA PHE A 16 3.30 20.59 14.20
C PHE A 16 2.12 21.58 14.14
N ILE A 17 2.33 22.76 13.55
CA ILE A 17 1.27 23.73 13.27
C ILE A 17 0.27 23.15 12.25
N GLY A 18 0.75 22.47 11.21
CA GLY A 18 -0.07 21.94 10.14
C GLY A 18 -1.13 20.95 10.60
N ILE A 19 -0.72 19.85 11.26
CA ILE A 19 -1.68 18.84 11.73
C ILE A 19 -2.60 19.40 12.81
N THR A 20 -2.12 20.33 13.65
CA THR A 20 -2.93 20.98 14.67
C THR A 20 -4.01 21.87 14.08
N LEU A 21 -3.68 22.80 13.18
CA LEU A 21 -4.69 23.71 12.62
C LEU A 21 -5.71 22.96 11.76
N LEU A 22 -5.27 21.98 10.95
CA LEU A 22 -6.18 21.12 10.19
C LEU A 22 -7.17 20.39 11.11
N THR A 23 -6.64 19.69 12.13
CA THR A 23 -7.47 18.92 13.06
C THR A 23 -8.36 19.82 13.92
N PHE A 24 -7.85 20.98 14.37
CA PHE A 24 -8.60 21.96 15.07
C PHE A 24 -9.79 22.41 14.26
N ALA A 25 -9.57 22.86 13.07
CA ALA A 25 -10.54 23.29 12.14
C ALA A 25 -11.57 22.23 11.88
N PHE A 26 -11.16 21.03 11.62
CA PHE A 26 -11.96 19.91 11.35
C PHE A 26 -12.87 19.57 12.51
N VAL A 27 -12.32 19.46 13.73
CA VAL A 27 -13.11 18.95 14.85
C VAL A 27 -14.14 19.96 15.37
N HIS A 28 -13.85 21.26 15.27
CA HIS A 28 -14.79 22.32 15.67
C HIS A 28 -15.95 22.54 14.69
N MET A 29 -16.03 21.84 13.56
CA MET A 29 -17.17 21.92 12.65
C MET A 29 -18.48 21.47 13.32
N TRP A 63 -12.54 31.36 18.06
CA TRP A 63 -11.65 30.75 17.16
C TRP A 63 -10.23 30.82 17.69
N GLN A 64 -9.97 31.74 18.56
CA GLN A 64 -8.75 31.98 19.22
C GLN A 64 -8.32 30.81 20.08
N GLN A 65 -9.17 29.88 20.37
CA GLN A 65 -8.90 28.67 21.03
C GLN A 65 -7.74 27.94 20.40
N TYR A 66 -7.58 28.06 19.08
CA TYR A 66 -6.46 27.45 18.36
C TYR A 66 -5.11 27.92 18.92
N LEU A 67 -4.95 29.23 19.10
CA LEU A 67 -3.78 29.85 19.59
C LEU A 67 -3.46 29.40 21.00
N HIS A 68 -4.43 29.38 21.87
CA HIS A 68 -4.36 28.94 23.20
C HIS A 68 -3.90 27.50 23.30
N TYR A 69 -4.52 26.63 22.51
CA TYR A 69 -4.23 25.20 22.56
C TYR A 69 -2.79 24.91 22.17
N ILE A 70 -2.27 25.57 21.11
CA ILE A 70 -0.90 25.38 20.64
C ILE A 70 0.09 25.60 21.76
N TRP A 71 -0.11 26.63 22.59
CA TRP A 71 0.66 26.89 23.75
C TRP A 71 0.75 25.69 24.64
N GLY A 72 -0.35 25.16 25.07
CA GLY A 72 -0.41 24.11 25.95
C GLY A 72 0.34 22.90 25.58
N VAL A 73 0.19 22.45 24.32
CA VAL A 73 0.97 21.32 23.82
C VAL A 73 2.45 21.67 23.62
N MET A 74 2.78 22.92 23.26
CA MET A 74 4.16 23.39 23.15
C MET A 74 4.88 23.44 24.52
N HIS A 75 4.19 23.79 25.62
CA HIS A 75 4.69 23.69 26.94
C HIS A 75 4.88 22.28 27.41
N GLY A 76 4.26 21.31 26.82
CA GLY A 76 4.37 19.95 27.02
C GLY A 76 3.28 19.10 27.52
N ASP A 77 2.02 19.56 27.47
CA ASP A 77 0.85 18.71 27.78
C ASP A 77 -0.38 18.99 26.89
N LEU A 78 -1.07 17.93 26.44
CA LEU A 78 -2.13 17.98 25.43
C LEU A 78 -3.53 18.22 26.02
N GLY A 79 -3.61 18.75 27.24
CA GLY A 79 -4.85 19.13 27.90
C GLY A 79 -5.55 17.97 28.63
N ILE A 80 -6.74 18.24 29.18
CA ILE A 80 -7.54 17.30 29.97
C ILE A 80 -8.75 16.81 29.15
N SER A 81 -9.03 15.50 29.14
CA SER A 81 -10.21 14.94 28.45
C SER A 81 -11.53 15.45 29.06
N MET A 82 -12.63 15.40 28.30
CA MET A 82 -13.94 15.91 28.72
C MET A 82 -14.87 14.81 29.24
N LYS A 83 -14.72 13.54 28.81
CA LYS A 83 -15.38 12.38 29.43
C LYS A 83 -14.64 11.81 30.65
N SER A 84 -13.41 11.30 30.51
CA SER A 84 -12.67 10.66 31.62
C SER A 84 -12.06 11.66 32.62
N ARG A 85 -11.87 12.92 32.22
CA ARG A 85 -11.40 14.07 33.04
C ARG A 85 -10.00 13.85 33.63
N ILE A 86 -9.11 13.34 32.77
CA ILE A 86 -7.70 12.97 33.02
C ILE A 86 -6.83 13.56 31.89
N PRO A 87 -5.54 13.90 32.11
CA PRO A 87 -4.70 14.45 31.06
C PRO A 87 -4.56 13.51 29.86
N VAL A 88 -4.59 14.07 28.65
CA VAL A 88 -4.59 13.32 27.39
C VAL A 88 -3.40 12.38 27.27
N TRP A 89 -2.22 12.73 27.76
CA TRP A 89 -1.07 11.83 27.63
C TRP A 89 -1.18 10.60 28.51
N GLU A 90 -1.67 10.76 29.74
CA GLU A 90 -1.92 9.64 30.65
C GLU A 90 -3.07 8.75 30.14
N GLU A 91 -3.98 9.32 29.34
CA GLU A 91 -5.06 8.61 28.68
C GLU A 91 -4.63 7.98 27.33
N PHE A 92 -3.55 8.47 26.69
CA PHE A 92 -3.08 8.01 25.38
C PHE A 92 -2.10 6.85 25.47
N VAL A 93 -1.13 6.88 26.39
CA VAL A 93 -0.12 5.91 26.54
C VAL A 93 -0.65 4.52 26.77
N PRO A 94 -1.58 4.28 27.73
CA PRO A 94 -2.02 2.90 28.05
C PRO A 94 -2.66 2.16 26.87
N ARG A 95 -3.31 2.91 25.96
CA ARG A 95 -3.97 2.39 24.75
C ARG A 95 -3.13 2.47 23.48
N PHE A 96 -2.18 3.40 23.39
CA PHE A 96 -1.23 3.41 22.29
C PHE A 96 -0.33 2.17 22.35
N GLN A 97 -0.05 1.67 23.53
CA GLN A 97 0.57 0.37 23.78
C GLN A 97 -0.37 -0.84 23.58
N ALA A 98 -1.67 -0.64 23.39
CA ALA A 98 -2.58 -1.69 22.93
C ALA A 98 -2.66 -1.78 21.42
N THR A 99 -2.66 -0.65 20.70
CA THR A 99 -2.73 -0.67 19.23
C THR A 99 -1.42 -1.00 18.58
N LEU A 100 -0.26 -0.60 19.13
CA LEU A 100 1.00 -1.12 18.59
C LEU A 100 1.14 -2.62 18.79
N GLU A 101 0.79 -3.17 19.96
CA GLU A 101 1.04 -4.59 20.24
C GLU A 101 0.31 -5.49 19.27
N LEU A 102 -0.93 -5.15 18.91
CA LEU A 102 -1.69 -5.82 17.85
C LEU A 102 -1.22 -5.43 16.43
N GLY A 103 -0.99 -4.14 16.13
CA GLY A 103 -0.56 -3.70 14.81
C GLY A 103 0.71 -4.39 14.32
N VAL A 104 1.71 -4.51 15.18
CA VAL A 104 2.98 -5.21 14.87
C VAL A 104 2.77 -6.72 14.75
N CYS A 105 1.97 -7.34 15.63
CA CYS A 105 1.65 -8.71 15.61
C CYS A 105 0.86 -9.11 14.39
N ALA A 106 0.12 -8.18 13.77
CA ALA A 106 -0.57 -8.37 12.51
C ALA A 106 0.40 -8.32 11.32
N MET A 107 1.38 -7.41 11.31
CA MET A 107 2.40 -7.35 10.24
C MET A 107 3.33 -8.53 10.19
N ILE A 108 3.76 -9.08 11.32
CA ILE A 108 4.54 -10.25 11.44
C ILE A 108 3.87 -11.42 10.77
N PHE A 109 2.59 -11.53 10.92
CA PHE A 109 1.72 -12.45 10.28
C PHE A 109 1.55 -12.13 8.81
N ALA A 110 1.27 -10.91 8.49
CA ALA A 110 1.02 -10.41 7.19
C ALA A 110 2.21 -10.55 6.28
N THR A 111 3.40 -10.57 6.80
CA THR A 111 4.64 -10.67 6.13
C THR A 111 5.17 -12.09 6.05
N ALA A 112 5.19 -12.79 7.15
CA ALA A 112 5.61 -14.15 7.24
C ALA A 112 4.85 -15.05 6.31
N VAL A 113 3.65 -14.72 5.95
CA VAL A 113 2.76 -15.35 5.06
C VAL A 113 2.63 -14.68 3.72
N GLY A 114 2.59 -13.38 3.69
CA GLY A 114 2.44 -12.64 2.54
C GLY A 114 3.51 -12.73 1.53
N ILE A 115 4.77 -12.63 1.98
CA ILE A 115 5.93 -12.65 1.08
C ILE A 115 6.20 -14.04 0.54
N PRO A 116 6.33 -15.11 1.35
CA PRO A 116 6.57 -16.42 0.77
C PRO A 116 5.56 -16.87 -0.25
N VAL A 117 4.31 -16.65 0.00
CA VAL A 117 3.21 -16.92 -0.84
C VAL A 117 3.26 -16.07 -2.08
N GLY A 118 3.45 -14.80 -1.95
CA GLY A 118 3.58 -13.91 -2.99
C GLY A 118 4.65 -14.14 -3.96
N VAL A 119 5.73 -14.82 -3.54
CA VAL A 119 6.84 -15.25 -4.39
C VAL A 119 6.47 -16.49 -5.20
N LEU A 120 5.96 -17.54 -4.55
CA LEU A 120 5.54 -18.76 -5.13
C LEU A 120 4.48 -18.53 -6.18
N ALA A 121 3.62 -17.60 -5.99
CA ALA A 121 2.58 -17.20 -6.86
C ALA A 121 3.10 -16.68 -8.19
N ALA A 122 4.30 -16.22 -8.25
CA ALA A 122 5.02 -15.77 -9.39
C ALA A 122 5.88 -16.81 -10.03
N VAL A 123 6.53 -17.67 -9.24
CA VAL A 123 7.36 -18.79 -9.71
C VAL A 123 6.53 -19.87 -10.43
N LYS A 124 5.23 -19.97 -10.10
CA LYS A 124 4.27 -20.89 -10.56
C LYS A 124 3.08 -20.25 -11.24
N ARG A 125 3.25 -19.23 -12.03
CA ARG A 125 2.25 -18.45 -12.65
C ARG A 125 1.25 -19.31 -13.36
N GLY A 126 -0.02 -19.16 -13.16
CA GLY A 126 -1.06 -19.87 -13.72
C GLY A 126 -1.40 -21.20 -13.23
N SER A 127 -0.67 -21.73 -12.30
CA SER A 127 -0.83 -22.97 -11.67
C SER A 127 -2.04 -23.00 -10.76
N ILE A 128 -2.35 -24.10 -10.16
CA ILE A 128 -3.29 -24.27 -9.13
C ILE A 128 -2.96 -23.38 -7.96
N PHE A 129 -1.73 -23.38 -7.54
CA PHE A 129 -1.19 -22.61 -6.49
C PHE A 129 -1.47 -21.14 -6.66
N ASP A 130 -1.22 -20.62 -7.82
CA ASP A 130 -1.41 -19.26 -8.18
C ASP A 130 -2.82 -18.81 -7.96
N HIS A 131 -3.78 -19.60 -8.45
CA HIS A 131 -5.21 -19.27 -8.35
C HIS A 131 -5.77 -19.52 -6.96
N THR A 132 -5.31 -20.57 -6.27
CA THR A 132 -5.68 -20.94 -4.96
C THR A 132 -5.25 -19.92 -3.94
N ALA A 133 -3.99 -19.65 -3.86
CA ALA A 133 -3.36 -18.78 -2.94
C ALA A 133 -3.89 -17.38 -3.02
N VAL A 134 -3.85 -16.77 -4.21
CA VAL A 134 -4.37 -15.41 -4.41
C VAL A 134 -5.89 -15.34 -4.28
N GLY A 135 -6.60 -16.40 -4.65
CA GLY A 135 -8.05 -16.47 -4.49
C GLY A 135 -8.47 -16.37 -3.03
N LEU A 136 -7.90 -17.18 -2.13
CA LEU A 136 -8.14 -17.20 -0.74
C LEU A 136 -7.83 -15.88 -0.10
N ALA A 137 -6.81 -15.21 -0.54
CA ALA A 137 -6.40 -13.92 -0.12
C ALA A 137 -7.50 -12.91 -0.31
N LEU A 138 -8.10 -12.93 -1.50
CA LEU A 138 -9.20 -12.04 -1.87
C LEU A 138 -10.56 -12.48 -1.31
N THR A 139 -10.80 -13.76 -1.00
CA THR A 139 -12.00 -14.13 -0.21
C THR A 139 -11.91 -13.55 1.21
N GLY A 140 -10.77 -13.69 1.88
CA GLY A 140 -10.52 -13.06 3.19
C GLY A 140 -10.67 -11.53 3.18
N TYR A 141 -10.27 -10.88 2.10
CA TYR A 141 -10.46 -9.45 1.89
C TYR A 141 -11.92 -9.09 1.66
N SER A 142 -12.66 -9.89 0.89
CA SER A 142 -14.00 -9.54 0.38
C SER A 142 -15.09 -9.48 1.45
N MET A 143 -14.89 -10.15 2.58
CA MET A 143 -15.81 -10.10 3.70
C MET A 143 -15.46 -8.89 4.58
N PRO A 144 -16.37 -7.93 4.80
CA PRO A 144 -16.09 -6.81 5.70
C PRO A 144 -15.85 -7.32 7.13
N ILE A 145 -15.08 -6.55 7.92
CA ILE A 145 -14.44 -7.02 9.16
C ILE A 145 -15.44 -7.63 10.14
N PHE A 146 -16.65 -7.08 10.25
CA PHE A 146 -17.72 -7.60 11.11
C PHE A 146 -18.02 -9.08 10.86
N TRP A 147 -18.41 -9.43 9.63
CA TRP A 147 -18.95 -10.76 9.36
C TRP A 147 -17.88 -11.82 9.53
N TRP A 148 -16.73 -11.65 8.89
CA TRP A 148 -15.69 -12.66 8.94
C TRP A 148 -14.96 -12.70 10.29
N GLY A 149 -14.93 -11.59 11.03
CA GLY A 149 -14.52 -11.61 12.43
C GLY A 149 -15.43 -12.50 13.26
N MET A 150 -16.75 -12.36 13.11
CA MET A 150 -17.71 -13.25 13.77
C MET A 150 -17.60 -14.68 13.27
N MET A 151 -17.32 -14.93 11.99
CA MET A 151 -17.08 -16.28 11.50
C MET A 151 -15.91 -16.95 12.23
N LEU A 152 -14.75 -16.30 12.31
CA LEU A 152 -13.61 -16.90 13.01
C LEU A 152 -13.97 -17.19 14.47
N ILE A 153 -14.69 -16.29 15.14
CA ILE A 153 -15.19 -16.53 16.49
C ILE A 153 -16.06 -17.81 16.48
N MET A 154 -17.13 -17.87 15.68
CA MET A 154 -18.04 -19.01 15.73
C MET A 154 -17.36 -20.32 15.35
N LEU A 155 -16.50 -20.37 14.33
CA LEU A 155 -15.80 -21.59 13.93
C LEU A 155 -14.69 -21.98 14.90
N VAL A 156 -13.67 -21.12 15.06
CA VAL A 156 -12.42 -21.45 15.75
C VAL A 156 -12.62 -21.46 17.26
N SER A 157 -13.38 -20.49 17.80
CA SER A 157 -13.58 -20.34 19.23
C SER A 157 -14.81 -21.09 19.76
N VAL A 158 -16.01 -20.85 19.21
CA VAL A 158 -17.25 -21.44 19.75
C VAL A 158 -17.40 -22.91 19.37
N HIS A 159 -17.23 -23.26 18.09
CA HIS A 159 -17.49 -24.61 17.58
C HIS A 159 -16.32 -25.58 17.78
N TRP A 160 -15.12 -25.26 17.30
CA TRP A 160 -13.96 -26.15 17.43
C TRP A 160 -13.34 -26.17 18.84
N ASN A 161 -13.56 -25.14 19.66
CA ASN A 161 -12.95 -24.94 20.97
C ASN A 161 -11.41 -24.78 20.96
N LEU A 162 -10.83 -24.08 19.97
CA LEU A 162 -9.37 -23.89 19.90
C LEU A 162 -8.88 -22.65 20.64
N THR A 163 -9.50 -21.48 20.46
CA THR A 163 -8.97 -20.19 20.98
C THR A 163 -10.00 -19.41 21.80
N PRO A 164 -9.62 -18.74 22.90
CA PRO A 164 -10.48 -17.80 23.63
C PRO A 164 -11.07 -16.68 22.78
N VAL A 165 -12.21 -16.12 23.19
CA VAL A 165 -13.06 -15.32 22.30
C VAL A 165 -12.60 -13.87 22.14
N SER A 166 -12.27 -13.12 23.22
CA SER A 166 -11.99 -11.67 23.13
C SER A 166 -11.24 -11.07 24.33
N GLY A 167 -10.64 -9.89 24.15
CA GLY A 167 -9.86 -9.16 25.16
C GLY A 167 -8.41 -9.61 25.26
N ARG A 168 -7.58 -8.91 26.04
CA ARG A 168 -6.11 -9.07 26.01
C ARG A 168 -5.58 -10.24 26.84
N VAL A 169 -6.20 -10.55 27.97
CA VAL A 169 -5.91 -11.72 28.81
C VAL A 169 -7.23 -12.24 29.38
N SER A 170 -7.33 -13.51 29.75
CA SER A 170 -8.58 -14.05 30.30
C SER A 170 -9.05 -13.25 31.52
N ASP A 171 -10.36 -13.00 31.60
CA ASP A 171 -10.93 -11.98 32.47
C ASP A 171 -10.58 -12.17 33.95
N MET A 172 -10.49 -13.41 34.41
CA MET A 172 -10.23 -13.79 35.80
C MET A 172 -8.73 -13.90 36.18
N VAL A 173 -7.81 -13.53 35.27
CA VAL A 173 -6.37 -13.43 35.53
C VAL A 173 -5.93 -11.97 35.39
N PHE A 174 -5.36 -11.39 36.44
CA PHE A 174 -4.95 -10.05 36.62
C PHE A 174 -3.52 -9.88 37.01
N LEU A 175 -2.85 -8.79 36.62
CA LEU A 175 -1.46 -8.50 37.02
C LEU A 175 -1.38 -7.79 38.37
N ASP A 176 -0.37 -8.14 39.18
CA ASP A 176 0.05 -7.36 40.35
C ASP A 176 0.67 -6.04 39.89
N ASP A 177 -0.02 -4.94 40.14
CA ASP A 177 0.27 -3.60 39.79
C ASP A 177 1.51 -3.04 40.43
N SER A 178 1.99 -3.58 41.51
CA SER A 178 3.15 -3.18 42.21
C SER A 178 4.39 -3.23 41.37
N ASN A 179 4.47 -4.13 40.39
CA ASN A 179 5.62 -4.31 39.50
C ASN A 179 5.76 -3.17 38.48
N PRO A 180 6.97 -2.88 37.96
CA PRO A 180 7.21 -1.76 37.04
C PRO A 180 6.78 -2.04 35.60
N LEU A 181 5.56 -2.55 35.42
CA LEU A 181 5.04 -3.03 34.14
C LEU A 181 4.86 -1.94 33.07
N THR A 182 5.15 -2.29 31.82
CA THR A 182 5.26 -1.34 30.70
C THR A 182 3.93 -1.07 30.02
N GLY A 183 2.98 -2.00 30.04
CA GLY A 183 1.65 -1.86 29.44
C GLY A 183 1.47 -2.61 28.12
N PHE A 184 2.49 -3.34 27.69
CA PHE A 184 2.43 -4.31 26.59
C PHE A 184 2.19 -5.68 27.22
N MET A 185 0.97 -6.20 27.14
CA MET A 185 0.57 -7.38 27.92
C MET A 185 1.46 -8.59 27.66
N LEU A 186 2.02 -8.74 26.46
CA LEU A 186 2.94 -9.83 26.17
C LEU A 186 4.24 -9.68 26.96
N ILE A 187 4.82 -8.48 27.02
CA ILE A 187 6.04 -8.20 27.78
C ILE A 187 5.75 -8.25 29.28
N ASP A 188 4.65 -7.62 29.70
CA ASP A 188 4.22 -7.57 31.09
C ASP A 188 3.95 -8.96 31.66
N THR A 189 3.20 -9.80 30.96
CA THR A 189 2.98 -11.18 31.41
C THR A 189 4.20 -12.06 31.21
N ALA A 190 5.09 -11.79 30.26
CA ALA A 190 6.30 -12.58 30.09
C ALA A 190 7.26 -12.43 31.27
N ILE A 191 7.44 -11.21 31.77
CA ILE A 191 8.34 -10.93 32.88
C ILE A 191 7.67 -11.25 34.23
N TRP A 192 6.43 -10.79 34.46
CA TRP A 192 5.77 -10.80 35.78
C TRP A 192 4.60 -11.78 35.96
N GLY A 193 4.07 -12.39 34.91
CA GLY A 193 2.97 -13.37 35.02
C GLY A 193 3.38 -14.69 35.64
N GLU A 194 2.41 -15.54 35.97
CA GLU A 194 2.60 -16.81 36.69
C GLU A 194 1.98 -18.02 35.99
N ASP A 195 2.55 -19.20 36.17
CA ASP A 195 1.93 -20.51 35.90
C ASP A 195 1.19 -20.64 34.55
N GLY A 196 1.77 -20.11 33.47
CA GLY A 196 1.22 -20.19 32.11
C GLY A 196 0.50 -18.94 31.61
N ASN A 197 0.46 -17.85 32.39
CA ASN A 197 -0.18 -16.59 32.02
C ASN A 197 0.30 -16.01 30.67
N PHE A 198 1.57 -16.19 30.26
CA PHE A 198 2.02 -15.72 28.95
C PHE A 198 1.35 -16.42 27.76
N ILE A 199 1.15 -17.75 27.86
CA ILE A 199 0.42 -18.57 26.98
C ILE A 199 -0.95 -17.97 26.71
N ASP A 200 -1.69 -17.65 27.77
CA ASP A 200 -3.01 -17.03 27.68
C ASP A 200 -2.92 -15.67 26.98
N ALA A 201 -1.91 -14.86 27.31
CA ALA A 201 -1.75 -13.54 26.74
C ALA A 201 -1.47 -13.54 25.25
N VAL A 202 -0.91 -14.61 24.67
CA VAL A 202 -0.75 -14.83 23.28
C VAL A 202 -1.93 -15.49 22.62
N ALA A 203 -2.58 -16.47 23.26
CA ALA A 203 -3.75 -17.13 22.70
C ALA A 203 -4.90 -16.15 22.46
N HIS A 204 -4.97 -15.09 23.25
CA HIS A 204 -5.89 -13.98 23.07
C HIS A 204 -5.51 -13.01 21.93
N MET A 205 -4.28 -13.07 21.41
CA MET A 205 -3.79 -12.20 20.33
C MET A 205 -4.10 -12.77 18.94
N ILE A 206 -4.11 -14.09 18.76
CA ILE A 206 -4.05 -14.69 17.43
C ILE A 206 -5.28 -14.46 16.56
N LEU A 207 -6.51 -14.55 17.07
CA LEU A 207 -7.67 -14.17 16.26
C LEU A 207 -7.70 -12.66 15.93
N PRO A 208 -7.50 -11.72 16.87
CA PRO A 208 -7.34 -10.32 16.54
C PRO A 208 -6.31 -10.05 15.45
N ALA A 209 -5.16 -10.74 15.47
CA ALA A 209 -4.13 -10.62 14.52
C ALA A 209 -4.57 -11.04 13.14
N ILE A 210 -5.17 -12.22 13.02
CA ILE A 210 -5.62 -12.77 11.74
C ILE A 210 -6.68 -11.87 11.11
N VAL A 211 -7.65 -11.38 11.87
CA VAL A 211 -8.69 -10.49 11.34
C VAL A 211 -8.13 -9.16 10.84
N LEU A 212 -7.16 -8.58 11.56
CA LEU A 212 -6.59 -7.30 11.14
C LEU A 212 -5.60 -7.47 9.99
N GLY A 213 -4.66 -8.41 10.12
CA GLY A 213 -3.56 -8.65 9.20
C GLY A 213 -3.94 -9.27 7.86
N THR A 214 -5.17 -9.78 7.71
CA THR A 214 -5.65 -10.28 6.41
C THR A 214 -5.92 -9.18 5.39
N ILE A 215 -6.31 -7.98 5.80
CA ILE A 215 -6.42 -6.84 4.89
C ILE A 215 -5.04 -6.46 4.30
N PRO A 216 -3.95 -6.23 5.08
CA PRO A 216 -2.59 -6.09 4.55
C PRO A 216 -2.06 -7.28 3.74
N LEU A 217 -2.38 -8.50 4.14
CA LEU A 217 -1.99 -9.74 3.57
C LEU A 217 -2.33 -9.79 2.11
N ALA A 218 -3.48 -9.34 1.74
CA ALA A 218 -3.95 -9.24 0.42
C ALA A 218 -3.06 -8.37 -0.44
N VAL A 219 -2.69 -7.23 0.03
CA VAL A 219 -1.86 -6.28 -0.59
C VAL A 219 -0.47 -6.82 -0.82
N ILE A 220 0.11 -7.41 0.17
CA ILE A 220 1.40 -7.99 0.17
C ILE A 220 1.54 -9.03 -0.91
N VAL A 221 0.65 -9.98 -0.94
CA VAL A 221 0.59 -11.06 -1.84
C VAL A 221 0.48 -10.58 -3.26
N ARG A 222 -0.50 -9.71 -3.52
CA ARG A 222 -0.73 -9.13 -4.84
C ARG A 222 0.48 -8.32 -5.30
N MET A 223 1.06 -7.50 -4.43
CA MET A 223 2.20 -6.64 -4.74
C MET A 223 3.50 -7.44 -4.89
N THR A 224 3.74 -8.45 -4.05
CA THR A 224 4.94 -9.29 -4.16
C THR A 224 4.91 -10.03 -5.47
N ARG A 225 3.77 -10.68 -5.79
CA ARG A 225 3.64 -11.43 -7.05
C ARG A 225 3.83 -10.51 -8.24
N SER A 226 3.19 -9.35 -8.22
CA SER A 226 3.18 -8.38 -9.25
C SER A 226 4.57 -7.91 -9.59
N SER A 227 5.28 -7.40 -8.64
CA SER A 227 6.61 -6.93 -8.72
C SER A 227 7.57 -8.00 -9.17
N MET A 228 7.46 -9.19 -8.59
CA MET A 228 8.34 -10.32 -8.88
C MET A 228 8.29 -10.73 -10.35
N LEU A 229 7.11 -10.67 -10.96
CA LEU A 229 6.89 -10.93 -12.33
C LEU A 229 7.63 -9.97 -13.22
N GLU A 230 7.59 -8.71 -12.94
CA GLU A 230 8.29 -7.66 -13.57
C GLU A 230 9.79 -7.85 -13.54
N VAL A 231 10.31 -8.51 -12.51
CA VAL A 231 11.75 -8.72 -12.26
C VAL A 231 12.26 -10.00 -12.92
N LEU A 232 11.49 -11.09 -12.87
CA LEU A 232 11.92 -12.41 -13.32
C LEU A 232 12.33 -12.45 -14.81
N GLY A 233 11.89 -11.48 -15.61
CA GLY A 233 12.28 -11.43 -17.01
C GLY A 233 13.54 -10.68 -17.32
N GLU A 234 14.16 -10.00 -16.36
CA GLU A 234 15.31 -9.12 -16.58
C GLU A 234 16.64 -9.86 -16.76
N ASP A 235 17.56 -9.24 -17.48
CA ASP A 235 18.82 -9.86 -17.90
C ASP A 235 19.68 -10.35 -16.75
N TYR A 236 19.76 -9.64 -15.63
CA TYR A 236 20.56 -10.06 -14.49
C TYR A 236 20.04 -11.34 -13.83
N ILE A 237 18.75 -11.65 -13.97
CA ILE A 237 18.21 -12.95 -13.56
C ILE A 237 18.67 -14.04 -14.53
N ARG A 238 18.72 -13.77 -15.84
CA ARG A 238 19.31 -14.68 -16.84
C ARG A 238 20.81 -14.92 -16.59
N THR A 239 21.56 -13.91 -16.18
CA THR A 239 22.94 -14.11 -15.69
C THR A 239 22.97 -15.02 -14.47
N ALA A 240 22.02 -14.89 -13.53
CA ALA A 240 22.03 -15.70 -12.33
C ALA A 240 21.78 -17.18 -12.62
N ARG A 241 20.97 -17.50 -13.64
CA ARG A 241 20.81 -18.86 -14.18
C ARG A 241 22.13 -19.39 -14.75
N ALA A 242 22.82 -18.58 -15.55
CA ALA A 242 24.07 -18.95 -16.23
C ALA A 242 25.20 -19.29 -15.24
N LYS A 243 25.26 -18.63 -14.09
CA LYS A 243 26.27 -18.90 -13.04
C LYS A 243 26.08 -20.24 -12.33
N GLY A 244 25.01 -20.97 -12.60
CA GLY A 244 24.73 -22.19 -12.03
C GLY A 244 24.16 -22.27 -10.69
N LEU A 245 23.53 -21.18 -10.23
CA LEU A 245 22.89 -21.10 -8.93
C LEU A 245 21.66 -22.00 -8.82
N THR A 246 21.31 -22.45 -7.61
CA THR A 246 20.03 -23.11 -7.35
C THR A 246 18.88 -22.15 -7.60
N ARG A 247 17.74 -22.64 -8.09
CA ARG A 247 16.61 -21.77 -8.44
C ARG A 247 16.10 -20.99 -7.24
N MET A 248 16.09 -21.60 -6.05
CA MET A 248 15.72 -20.91 -4.81
C MET A 248 16.62 -19.69 -4.53
N ARG A 249 17.93 -19.78 -4.78
CA ARG A 249 18.85 -18.63 -4.64
C ARG A 249 18.56 -17.55 -5.66
N VAL A 250 18.33 -17.90 -6.92
CA VAL A 250 17.95 -16.93 -7.95
C VAL A 250 16.67 -16.20 -7.54
N ILE A 251 15.71 -16.90 -6.95
CA ILE A 251 14.48 -16.31 -6.43
C ILE A 251 14.75 -15.40 -5.22
N ILE A 252 15.29 -15.91 -4.11
CA ILE A 252 15.33 -15.17 -2.84
C ILE A 252 16.49 -14.15 -2.74
N VAL A 253 17.57 -14.28 -3.53
CA VAL A 253 18.70 -13.34 -3.55
C VAL A 253 18.65 -12.39 -4.73
N HIS A 254 18.49 -12.90 -5.95
CA HIS A 254 18.57 -12.07 -7.17
C HIS A 254 17.27 -11.40 -7.54
N ALA A 255 16.17 -12.14 -7.61
CA ALA A 255 14.89 -11.57 -7.97
C ALA A 255 14.28 -10.78 -6.81
N LEU A 256 14.19 -11.38 -5.62
CA LEU A 256 13.40 -10.80 -4.52
C LEU A 256 13.87 -9.40 -4.13
N ARG A 257 15.18 -9.14 -4.01
CA ARG A 257 15.71 -7.82 -3.63
C ARG A 257 15.31 -6.71 -4.61
N ASN A 258 15.16 -7.01 -5.88
CA ASN A 258 14.72 -6.06 -6.89
C ASN A 258 13.18 -5.86 -6.88
N ALA A 259 12.42 -6.81 -6.34
CA ALA A 259 10.98 -6.68 -6.15
C ALA A 259 10.59 -5.94 -4.85
N MET A 260 11.50 -5.77 -3.89
CA MET A 260 11.16 -5.34 -2.53
C MET A 260 10.70 -3.89 -2.38
N LEU A 261 10.95 -2.98 -3.33
CA LEU A 261 10.62 -1.56 -3.15
C LEU A 261 9.11 -1.27 -3.06
N PRO A 262 8.26 -1.71 -4.01
CA PRO A 262 6.82 -1.67 -3.79
C PRO A 262 6.40 -2.45 -2.56
N VAL A 263 7.08 -3.55 -2.21
CA VAL A 263 6.64 -4.38 -1.07
C VAL A 263 6.88 -3.69 0.28
N VAL A 264 8.03 -3.04 0.49
CA VAL A 264 8.26 -2.24 1.71
C VAL A 264 7.42 -0.97 1.68
N THR A 265 7.12 -0.43 0.51
CA THR A 265 6.18 0.70 0.38
C THR A 265 4.79 0.35 0.90
N VAL A 266 4.23 -0.82 0.56
CA VAL A 266 2.94 -1.25 1.12
C VAL A 266 3.03 -1.59 2.60
N ILE A 267 4.13 -2.15 3.12
CA ILE A 267 4.31 -2.31 4.58
C ILE A 267 4.20 -0.97 5.31
N GLY A 268 4.89 0.06 4.84
CA GLY A 268 4.84 1.40 5.43
C GLY A 268 3.46 2.03 5.37
N LEU A 269 2.76 1.89 4.24
CA LEU A 269 1.41 2.41 4.08
C LEU A 269 0.42 1.69 5.00
N GLN A 270 0.54 0.37 5.15
CA GLN A 270 -0.37 -0.41 5.99
C GLN A 270 -0.09 -0.24 7.48
N VAL A 271 1.15 -0.01 7.93
CA VAL A 271 1.38 0.36 9.34
C VAL A 271 0.70 1.69 9.68
N GLY A 272 0.64 2.63 8.73
CA GLY A 272 -0.07 3.89 8.92
C GLY A 272 -1.56 3.71 9.25
N THR A 273 -2.25 2.85 8.51
CA THR A 273 -3.67 2.58 8.77
C THR A 273 -3.91 1.64 9.95
N LEU A 274 -3.01 0.70 10.25
CA LEU A 274 -3.17 -0.20 11.41
C LEU A 274 -3.02 0.51 12.76
N LEU A 275 -2.28 1.62 12.83
CA LEU A 275 -2.26 2.48 14.02
C LEU A 275 -3.48 3.41 14.06
N ALA A 276 -3.69 4.23 13.04
CA ALA A 276 -4.75 5.25 13.06
C ALA A 276 -6.18 4.67 13.05
N GLY A 277 -6.42 3.62 12.27
CA GLY A 277 -7.73 3.02 12.03
C GLY A 277 -8.10 1.91 13.03
N ALA A 278 -8.22 0.67 12.53
CA ALA A 278 -8.50 -0.55 13.29
C ALA A 278 -9.82 -0.58 14.09
N ILE A 279 -10.69 0.42 13.92
CA ILE A 279 -11.89 0.66 14.73
C ILE A 279 -12.74 -0.59 14.87
N LEU A 280 -12.93 -1.34 13.79
CA LEU A 280 -13.81 -2.50 13.75
C LEU A 280 -13.19 -3.80 14.30
N THR A 281 -11.87 -4.04 14.22
CA THR A 281 -11.31 -5.17 14.97
C THR A 281 -11.29 -4.86 16.48
N GLU A 282 -11.08 -3.60 16.86
CA GLU A 282 -11.13 -3.22 18.26
C GLU A 282 -12.52 -3.41 18.88
N THR A 283 -13.61 -3.10 18.17
CA THR A 283 -14.97 -3.30 18.69
C THR A 283 -15.33 -4.76 18.83
N ILE A 284 -15.13 -5.61 17.82
CA ILE A 284 -15.50 -7.02 17.91
C ILE A 284 -14.70 -7.70 19.04
N PHE A 285 -13.37 -7.61 19.04
CA PHE A 285 -12.56 -8.35 20.00
C PHE A 285 -12.39 -7.65 21.35
N SER A 286 -13.12 -6.57 21.61
CA SER A 286 -13.06 -5.76 22.83
C SER A 286 -11.67 -5.20 23.15
N TRP A 287 -10.90 -4.85 22.12
CA TRP A 287 -9.52 -4.38 22.29
C TRP A 287 -9.53 -2.94 22.84
N PRO A 288 -8.72 -2.58 23.85
CA PRO A 288 -8.76 -1.27 24.49
C PRO A 288 -7.95 -0.25 23.71
N GLY A 289 -8.17 -0.19 22.41
CA GLY A 289 -7.28 0.47 21.50
C GLY A 289 -7.49 1.97 21.38
N LEU A 290 -7.00 2.49 20.28
CA LEU A 290 -6.91 3.91 19.99
C LEU A 290 -8.00 4.29 19.01
N GLY A 291 -8.41 3.38 18.12
CA GLY A 291 -9.46 3.63 17.16
C GLY A 291 -10.81 3.84 17.84
N ARG A 292 -11.18 2.98 18.81
CA ARG A 292 -12.35 3.16 19.66
C ARG A 292 -12.28 4.48 20.38
N TRP A 293 -11.25 4.70 21.17
CA TRP A 293 -11.04 5.91 21.95
C TRP A 293 -11.16 7.20 21.14
N LEU A 294 -10.58 7.26 19.95
CA LEU A 294 -10.61 8.45 19.11
C LEU A 294 -11.98 8.70 18.44
N ILE A 295 -12.72 7.68 18.01
CA ILE A 295 -14.08 7.88 17.47
C ILE A 295 -15.10 8.11 18.59
N ASP A 296 -14.96 7.46 19.74
CA ASP A 296 -15.77 7.69 20.93
C ASP A 296 -15.61 9.12 21.45
N ALA A 297 -14.37 9.60 21.56
CA ALA A 297 -14.07 10.98 21.84
C ALA A 297 -14.75 11.95 20.86
N LEU A 298 -14.79 11.61 19.57
CA LEU A 298 -15.46 12.44 18.55
C LEU A 298 -16.99 12.35 18.61
N GLN A 299 -17.57 11.27 19.15
CA GLN A 299 -19.01 11.15 19.41
C GLN A 299 -19.45 11.85 20.70
N ARG A 300 -18.57 11.93 21.71
CA ARG A 300 -18.78 12.75 22.92
C ARG A 300 -18.31 14.21 22.77
N ARG A 301 -17.69 14.54 21.63
CA ARG A 301 -17.05 15.82 21.31
C ARG A 301 -16.00 16.26 22.34
N ASP A 302 -15.18 15.32 22.80
CA ASP A 302 -13.94 15.60 23.52
C ASP A 302 -12.91 16.18 22.57
N TYR A 303 -12.96 17.47 22.31
CA TYR A 303 -12.03 18.12 21.42
C TYR A 303 -10.55 17.87 21.77
N PRO A 304 -10.11 17.85 23.05
CA PRO A 304 -8.73 17.59 23.40
C PRO A 304 -8.17 16.26 22.90
N VAL A 305 -8.90 15.16 23.08
CA VAL A 305 -8.44 13.83 22.66
C VAL A 305 -8.36 13.72 21.13
N VAL A 306 -9.23 14.39 20.37
CA VAL A 306 -9.18 14.41 18.91
C VAL A 306 -8.03 15.29 18.40
N GLN A 307 -7.90 16.52 18.89
CA GLN A 307 -6.78 17.41 18.54
C GLN A 307 -5.42 16.76 18.87
N GLY A 308 -5.34 16.08 20.00
CA GLY A 308 -4.12 15.49 20.54
C GLY A 308 -3.77 14.15 19.95
N GLY A 309 -4.65 13.15 20.03
CA GLY A 309 -4.38 11.82 19.48
C GLY A 309 -4.08 11.83 17.98
N VAL A 310 -4.76 12.64 17.17
CA VAL A 310 -4.47 12.77 15.73
C VAL A 310 -3.10 13.40 15.49
N LEU A 311 -2.68 14.44 16.21
CA LEU A 311 -1.31 15.01 16.12
C LEU A 311 -0.24 13.97 16.51
N LEU A 312 -0.46 13.21 17.59
CA LEU A 312 0.41 12.19 18.03
C LEU A 312 0.55 11.10 17.00
N VAL A 313 -0.57 10.63 16.44
CA VAL A 313 -0.56 9.56 15.42
C VAL A 313 0.18 10.01 14.16
N ALA A 314 0.05 11.27 13.74
CA ALA A 314 0.79 11.86 12.69
C ALA A 314 2.27 11.78 12.93
N THR A 315 2.69 12.08 14.16
CA THR A 315 4.10 12.00 14.56
C THR A 315 4.63 10.59 14.44
N MET A 316 3.85 9.60 14.86
CA MET A 316 4.29 8.20 14.79
C MET A 316 4.28 7.63 13.37
N ILE A 317 3.36 8.07 12.50
CA ILE A 317 3.38 7.76 11.07
C ILE A 317 4.61 8.36 10.38
N ILE A 318 5.02 9.59 10.69
CA ILE A 318 6.23 10.19 10.10
C ILE A 318 7.48 9.38 10.44
N LEU A 319 7.64 8.89 11.66
CA LEU A 319 8.78 8.05 12.03
C LEU A 319 8.80 6.74 11.23
N VAL A 320 7.66 6.11 10.98
CA VAL A 320 7.60 4.89 10.16
C VAL A 320 7.85 5.20 8.69
N ASN A 321 7.28 6.27 8.14
CA ASN A 321 7.55 6.75 6.80
C ASN A 321 9.06 7.00 6.60
N LEU A 322 9.72 7.74 7.49
CA LEU A 322 11.15 8.02 7.37
C LEU A 322 12.01 6.76 7.52
N LEU A 323 11.60 5.76 8.29
CA LEU A 323 12.35 4.51 8.38
C LEU A 323 12.22 3.68 7.10
N VAL A 324 11.03 3.59 6.50
CA VAL A 324 10.87 2.88 5.21
C VAL A 324 11.55 3.63 4.07
N ASP A 325 11.53 4.97 4.10
CA ASP A 325 12.27 5.81 3.16
C ASP A 325 13.79 5.69 3.32
N LEU A 326 14.29 5.45 4.53
CA LEU A 326 15.67 5.03 4.76
C LEU A 326 15.92 3.61 4.24
N LEU A 327 14.98 2.69 4.41
CA LEU A 327 15.11 1.32 3.89
C LEU A 327 15.12 1.25 2.36
N TYR A 328 14.49 2.17 1.62
CA TYR A 328 14.60 2.23 0.15
C TYR A 328 16.06 2.21 -0.30
N GLY A 329 16.90 3.02 0.32
CA GLY A 329 18.33 3.09 0.03
C GLY A 329 19.14 1.91 0.54
N VAL A 330 18.60 1.11 1.46
CA VAL A 330 19.24 -0.13 1.90
C VAL A 330 19.00 -1.23 0.87
N VAL A 331 17.75 -1.38 0.40
CA VAL A 331 17.45 -2.37 -0.65
C VAL A 331 18.07 -2.01 -2.00
N ASN A 332 18.03 -0.74 -2.41
CA ASN A 332 18.55 -0.27 -3.70
C ASN A 332 19.68 0.78 -3.53
N PRO A 333 20.94 0.43 -3.79
CA PRO A 333 22.06 1.36 -3.70
C PRO A 333 21.98 2.54 -4.66
N ARG A 334 21.36 2.39 -5.82
CA ARG A 334 21.41 3.38 -6.90
C ARG A 334 20.63 4.67 -6.57
N ILE A 335 19.80 4.65 -5.53
CA ILE A 335 18.94 5.79 -5.13
C ILE A 335 19.42 6.52 -3.87
N ARG A 336 20.49 6.05 -3.21
CA ARG A 336 21.09 6.66 -2.07
C ARG A 336 21.66 8.02 -2.41
N SER B 11 3.86 -11.22 -46.70
CA SER B 11 4.21 -9.78 -46.76
C SER B 11 4.07 -9.12 -45.39
N ALA B 12 4.52 -7.87 -45.23
CA ALA B 12 4.36 -7.09 -44.01
C ALA B 12 2.89 -7.01 -43.64
N PRO B 13 2.52 -7.28 -42.39
CA PRO B 13 1.10 -7.22 -42.00
C PRO B 13 0.63 -5.79 -41.85
N VAL B 14 -0.70 -5.64 -41.79
CA VAL B 14 -1.29 -4.30 -41.63
C VAL B 14 -0.87 -3.73 -40.28
N PRO B 15 -0.53 -2.45 -40.19
CA PRO B 15 -0.16 -1.89 -38.88
C PRO B 15 -1.34 -1.92 -37.91
N MET B 16 -1.02 -2.10 -36.64
CA MET B 16 -2.02 -2.19 -35.58
C MET B 16 -1.98 -0.91 -34.74
N THR B 17 -3.17 -0.36 -34.48
CA THR B 17 -3.25 0.80 -33.61
C THR B 17 -2.91 0.40 -32.18
N PRO B 18 -2.45 1.35 -31.36
CA PRO B 18 -2.08 1.00 -29.98
C PRO B 18 -3.22 0.33 -29.23
N LEU B 19 -4.46 0.79 -29.42
CA LEU B 19 -5.59 0.14 -28.76
C LEU B 19 -5.81 -1.26 -29.30
N GLN B 20 -5.73 -1.42 -30.62
CA GLN B 20 -5.87 -2.75 -31.22
C GLN B 20 -4.76 -3.66 -30.74
N GLU B 21 -3.54 -3.13 -30.66
CA GLU B 21 -2.41 -3.91 -30.15
C GLU B 21 -2.65 -4.34 -28.71
N PHE B 22 -3.10 -3.48 -27.85
CA PHE B 22 -3.43 -3.70 -26.51
C PHE B 22 -4.45 -4.80 -26.36
N TRP B 23 -5.51 -4.75 -27.09
CA TRP B 23 -6.55 -5.70 -27.13
C TRP B 23 -6.03 -7.06 -27.54
N HIS B 24 -5.23 -7.06 -28.62
CA HIS B 24 -4.74 -8.32 -29.16
C HIS B 24 -3.90 -9.05 -28.13
N TYR B 25 -3.04 -8.40 -27.40
CA TYR B 25 -2.28 -8.95 -26.34
C TYR B 25 -3.05 -9.13 -25.05
N PHE B 26 -4.18 -8.54 -24.90
CA PHE B 26 -5.09 -8.68 -23.83
C PHE B 26 -5.81 -10.00 -23.87
N LYS B 27 -6.26 -10.41 -25.01
CA LYS B 27 -6.98 -11.59 -25.27
C LYS B 27 -6.21 -12.83 -24.88
N ARG B 28 -4.89 -12.85 -25.05
CA ARG B 28 -4.06 -14.05 -24.79
C ARG B 28 -4.18 -14.57 -23.37
N ASN B 29 -4.61 -13.73 -22.44
CA ASN B 29 -4.91 -14.03 -21.09
C ASN B 29 -6.37 -14.39 -20.95
N LYS B 30 -6.74 -15.61 -20.75
CA LYS B 30 -8.06 -16.10 -20.70
C LYS B 30 -8.83 -15.57 -19.51
N GLY B 31 -8.23 -15.68 -18.33
CA GLY B 31 -8.84 -15.23 -17.09
C GLY B 31 -9.21 -13.74 -17.15
N ALA B 32 -8.44 -12.94 -17.87
CA ALA B 32 -8.71 -11.53 -18.03
C ALA B 32 -9.98 -11.28 -18.83
N VAL B 33 -10.22 -12.06 -19.89
CA VAL B 33 -11.41 -12.06 -20.65
C VAL B 33 -12.59 -12.51 -19.84
N VAL B 34 -12.44 -13.54 -18.99
CA VAL B 34 -13.52 -14.03 -18.09
C VAL B 34 -13.93 -12.94 -17.09
N GLY B 35 -12.95 -12.33 -16.42
CA GLY B 35 -13.18 -11.18 -15.55
C GLY B 35 -13.80 -10.00 -16.29
N LEU B 36 -13.40 -9.69 -17.52
CA LEU B 36 -14.01 -8.60 -18.26
C LEU B 36 -15.48 -8.91 -18.54
N VAL B 37 -15.80 -10.09 -19.08
CA VAL B 37 -17.08 -10.56 -19.43
C VAL B 37 -18.03 -10.48 -18.26
N TYR B 38 -17.57 -10.93 -17.07
CA TYR B 38 -18.24 -10.81 -15.75
C TYR B 38 -18.53 -9.35 -15.33
N VAL B 39 -17.55 -8.45 -15.37
CA VAL B 39 -17.80 -7.05 -15.01
C VAL B 39 -18.77 -6.44 -15.99
N VAL B 40 -18.73 -6.79 -17.28
CA VAL B 40 -19.55 -6.14 -18.24
C VAL B 40 -20.99 -6.55 -18.09
N ILE B 41 -21.28 -7.81 -17.73
CA ILE B 41 -22.66 -8.22 -17.41
C ILE B 41 -23.14 -7.67 -16.07
N VAL B 42 -22.29 -7.54 -15.05
CA VAL B 42 -22.67 -6.88 -13.77
C VAL B 42 -23.07 -5.42 -13.99
N LEU B 43 -22.39 -4.69 -14.87
CA LEU B 43 -22.77 -3.36 -15.29
C LEU B 43 -24.06 -3.35 -16.13
N PHE B 44 -24.23 -4.29 -17.07
CA PHE B 44 -25.45 -4.43 -17.88
C PHE B 44 -26.68 -4.68 -17.01
N ILE B 45 -26.56 -5.55 -16.00
CA ILE B 45 -27.57 -5.74 -14.98
C ILE B 45 -27.88 -4.41 -14.30
N ALA B 46 -26.87 -3.68 -13.82
CA ALA B 46 -27.09 -2.44 -13.10
C ALA B 46 -27.88 -1.41 -13.90
N ILE B 47 -27.48 -1.10 -15.13
CA ILE B 47 -28.15 -0.06 -15.93
C ILE B 47 -29.58 -0.46 -16.35
N PHE B 48 -29.94 -1.75 -16.33
CA PHE B 48 -31.25 -2.26 -16.73
C PHE B 48 -32.02 -3.05 -15.65
N ALA B 49 -31.66 -2.96 -14.37
CA ALA B 49 -32.38 -3.67 -13.31
C ALA B 49 -33.86 -3.27 -13.22
N ASN B 50 -34.25 -2.04 -13.60
CA ASN B 50 -35.64 -1.62 -13.66
C ASN B 50 -36.47 -2.26 -14.79
N TRP B 51 -35.84 -2.95 -15.75
CA TRP B 51 -36.52 -3.86 -16.68
C TRP B 51 -36.32 -5.32 -16.25
N ILE B 52 -35.13 -5.68 -15.79
CA ILE B 52 -34.74 -7.08 -15.54
C ILE B 52 -35.23 -7.64 -14.19
N ALA B 53 -35.11 -6.89 -13.09
CA ALA B 53 -35.28 -7.42 -11.73
C ALA B 53 -36.75 -7.68 -11.38
N PRO B 54 -37.08 -8.76 -10.64
CA PRO B 54 -38.44 -9.26 -10.58
C PRO B 54 -39.45 -8.37 -9.84
N TYR B 55 -38.98 -7.48 -8.95
CA TYR B 55 -39.82 -6.57 -8.16
C TYR B 55 -39.11 -5.25 -7.86
N ASN B 56 -39.87 -4.20 -7.54
CA ASN B 56 -39.30 -3.01 -6.91
C ASN B 56 -38.76 -3.37 -5.51
N PRO B 57 -37.49 -3.08 -5.17
CA PRO B 57 -36.90 -3.48 -3.90
C PRO B 57 -37.48 -2.77 -2.68
N ALA B 58 -38.28 -1.71 -2.86
CA ALA B 58 -39.02 -1.07 -1.77
C ALA B 58 -40.23 -1.88 -1.27
N GLU B 59 -40.68 -2.91 -1.99
CA GLU B 59 -41.80 -3.75 -1.58
C GLU B 59 -41.41 -4.76 -0.51
N GLN B 60 -42.04 -4.65 0.66
CA GLN B 60 -41.95 -5.66 1.70
C GLN B 60 -43.04 -6.70 1.49
N PHE B 61 -42.64 -7.96 1.41
CA PHE B 61 -43.55 -9.11 1.27
C PHE B 61 -43.67 -9.79 2.62
N ARG B 62 -44.58 -9.26 3.46
CA ARG B 62 -44.67 -9.57 4.90
C ARG B 62 -45.22 -10.95 5.21
N ASP B 63 -45.71 -11.65 4.20
CA ASP B 63 -46.07 -13.01 4.23
C ASP B 63 -44.89 -13.94 4.29
N ALA B 64 -43.74 -13.53 3.88
CA ALA B 64 -42.53 -14.21 3.63
C ALA B 64 -41.33 -13.68 4.36
N LEU B 65 -41.50 -13.24 5.61
CA LEU B 65 -40.37 -12.73 6.41
C LEU B 65 -39.35 -13.85 6.59
N LEU B 66 -38.10 -13.60 6.22
CA LEU B 66 -37.03 -14.52 6.26
C LEU B 66 -37.38 -15.80 5.51
N ALA B 67 -37.80 -15.71 4.29
CA ALA B 67 -38.05 -16.77 3.39
C ALA B 67 -36.78 -17.25 2.77
N PRO B 68 -36.28 -18.45 3.04
CA PRO B 68 -35.02 -18.89 2.47
C PRO B 68 -35.08 -18.97 0.96
N PRO B 69 -33.96 -19.24 0.30
CA PRO B 69 -33.96 -19.36 -1.15
C PRO B 69 -34.84 -20.45 -1.66
N ALA B 70 -35.13 -20.45 -2.94
CA ALA B 70 -36.00 -21.40 -3.57
C ALA B 70 -35.56 -22.83 -3.33
N TRP B 71 -34.30 -23.12 -3.33
CA TRP B 71 -33.67 -24.38 -3.24
C TRP B 71 -33.50 -24.91 -1.85
N GLN B 72 -34.22 -24.42 -0.88
CA GLN B 72 -34.20 -24.82 0.50
C GLN B 72 -35.60 -24.92 1.06
N GLU B 73 -35.73 -25.64 2.16
CA GLU B 73 -37.04 -25.90 2.74
C GLU B 73 -37.75 -24.57 3.05
N GLY B 74 -38.99 -24.46 2.69
CA GLY B 74 -39.78 -23.30 2.87
C GLY B 74 -39.64 -22.21 1.85
N GLY B 75 -38.79 -22.37 0.87
CA GLY B 75 -38.62 -21.44 -0.17
C GLY B 75 -39.61 -21.54 -1.29
N SER B 76 -39.79 -20.48 -2.02
CA SER B 76 -40.66 -20.39 -3.16
C SER B 76 -39.96 -19.71 -4.31
N MET B 77 -40.32 -20.03 -5.53
CA MET B 77 -39.73 -19.48 -6.72
C MET B 77 -40.02 -18.02 -6.91
N ALA B 78 -40.94 -17.41 -6.15
CA ALA B 78 -41.20 -15.98 -6.23
C ALA B 78 -39.95 -15.17 -5.84
N HIS B 79 -39.32 -15.55 -4.74
CA HIS B 79 -38.17 -14.90 -4.13
C HIS B 79 -36.93 -15.78 -4.33
N LEU B 80 -36.31 -15.77 -5.51
CA LEU B 80 -35.40 -16.85 -5.89
C LEU B 80 -34.23 -17.04 -4.92
N LEU B 81 -33.64 -15.92 -4.48
CA LEU B 81 -32.63 -15.75 -3.50
C LEU B 81 -33.12 -15.71 -2.08
N GLY B 82 -34.39 -15.76 -1.84
CA GLY B 82 -34.99 -15.57 -0.62
C GLY B 82 -35.30 -14.17 -0.25
N THR B 83 -35.70 -13.89 0.94
CA THR B 83 -36.08 -12.67 1.52
C THR B 83 -35.23 -12.24 2.67
N ASP B 84 -34.98 -10.92 2.81
CA ASP B 84 -34.38 -10.34 4.01
C ASP B 84 -35.36 -10.33 5.21
N ASP B 85 -34.90 -9.90 6.38
CA ASP B 85 -35.71 -9.98 7.60
C ASP B 85 -36.91 -9.03 7.61
N VAL B 86 -36.75 -7.87 6.98
CA VAL B 86 -37.85 -6.96 6.73
C VAL B 86 -38.78 -7.49 5.62
N GLY B 87 -38.45 -8.58 4.91
CA GLY B 87 -39.24 -9.20 3.96
C GLY B 87 -39.16 -8.87 2.53
N ARG B 88 -38.12 -8.13 2.15
CA ARG B 88 -37.87 -7.71 0.76
C ARG B 88 -37.14 -8.80 0.01
N ASP B 89 -37.32 -8.80 -1.30
CA ASP B 89 -36.66 -9.74 -2.21
C ASP B 89 -35.17 -9.42 -2.33
N VAL B 90 -34.32 -10.37 -1.93
CA VAL B 90 -32.91 -10.28 -1.96
C VAL B 90 -32.38 -10.06 -3.34
N LEU B 91 -32.92 -10.77 -4.34
CA LEU B 91 -32.45 -10.70 -5.72
C LEU B 91 -32.60 -9.30 -6.29
N SER B 92 -33.78 -8.71 -6.17
CA SER B 92 -33.98 -7.33 -6.58
C SER B 92 -33.05 -6.38 -5.82
N ARG B 93 -32.85 -6.58 -4.51
CA ARG B 93 -31.98 -5.71 -3.72
C ARG B 93 -30.52 -5.77 -4.20
N LEU B 94 -29.98 -6.92 -4.59
CA LEU B 94 -28.65 -7.00 -5.21
C LEU B 94 -28.59 -6.37 -6.58
N MET B 95 -29.53 -6.66 -7.48
CA MET B 95 -29.54 -6.10 -8.85
C MET B 95 -29.67 -4.58 -8.88
N TYR B 96 -30.46 -4.00 -7.98
CA TYR B 96 -30.48 -2.57 -7.76
C TYR B 96 -29.25 -2.07 -6.99
N GLY B 97 -28.75 -2.79 -5.98
CA GLY B 97 -27.56 -2.38 -5.21
C GLY B 97 -26.29 -2.24 -6.04
N ALA B 98 -26.15 -2.95 -7.15
CA ALA B 98 -25.05 -2.73 -8.08
C ALA B 98 -24.97 -1.27 -8.55
N ARG B 99 -26.12 -0.58 -8.66
CA ARG B 99 -26.21 0.75 -9.29
C ARG B 99 -25.41 1.80 -8.54
N LEU B 100 -25.51 1.84 -7.22
CA LEU B 100 -24.75 2.81 -6.42
C LEU B 100 -23.35 2.30 -6.03
N SER B 101 -23.17 1.00 -5.83
CA SER B 101 -21.96 0.37 -5.49
C SER B 101 -20.91 0.56 -6.55
N LEU B 102 -21.27 0.27 -7.81
CA LEU B 102 -20.36 0.44 -8.95
C LEU B 102 -19.97 1.89 -9.11
N LEU B 103 -20.92 2.83 -8.95
CA LEU B 103 -20.71 4.22 -9.02
C LEU B 103 -19.67 4.67 -8.03
N VAL B 104 -19.82 4.31 -6.80
CA VAL B 104 -18.94 4.59 -5.73
C VAL B 104 -17.55 4.08 -6.01
N GLY B 105 -17.42 2.85 -6.36
CA GLY B 105 -16.21 2.26 -6.67
C GLY B 105 -15.44 2.89 -7.75
N CYS B 106 -16.08 3.06 -8.90
CA CYS B 106 -15.50 3.72 -10.08
C CYS B 106 -15.00 5.13 -9.75
N LEU B 107 -15.85 5.96 -9.14
CA LEU B 107 -15.58 7.30 -8.78
C LEU B 107 -14.39 7.41 -7.86
N VAL B 108 -14.39 6.71 -6.77
CA VAL B 108 -13.37 6.65 -5.80
C VAL B 108 -12.06 6.29 -6.42
N VAL B 109 -11.98 5.18 -7.08
CA VAL B 109 -10.84 4.62 -7.67
C VAL B 109 -10.23 5.58 -8.66
N VAL B 110 -10.99 6.08 -9.57
CA VAL B 110 -10.57 6.94 -10.62
C VAL B 110 -9.98 8.22 -10.09
N LEU B 111 -10.68 8.93 -9.26
CA LEU B 111 -10.29 10.15 -8.68
C LEU B 111 -9.03 10.03 -7.88
N SER B 112 -8.98 9.12 -6.96
CA SER B 112 -7.89 8.82 -6.12
C SER B 112 -6.66 8.47 -6.91
N LEU B 113 -6.75 7.62 -7.88
CA LEU B 113 -5.73 7.20 -8.74
C LEU B 113 -5.11 8.36 -9.50
N ILE B 114 -5.90 9.19 -10.09
CA ILE B 114 -5.52 10.34 -10.81
C ILE B 114 -4.67 11.24 -9.96
N MET B 115 -5.24 11.65 -8.82
CA MET B 115 -4.55 12.59 -7.96
C MET B 115 -3.27 11.98 -7.42
N GLY B 116 -3.25 10.69 -7.10
CA GLY B 116 -2.08 9.99 -6.60
C GLY B 116 -0.95 9.88 -7.61
N VAL B 117 -1.25 9.53 -8.86
CA VAL B 117 -0.28 9.51 -9.96
C VAL B 117 0.35 10.89 -10.14
N ILE B 118 -0.44 11.97 -10.21
CA ILE B 118 0.11 13.31 -10.43
C ILE B 118 1.04 13.71 -9.29
N LEU B 119 0.56 13.69 -8.04
CA LEU B 119 1.35 14.20 -6.91
C LEU B 119 2.56 13.31 -6.63
N GLY B 120 2.44 12.01 -6.83
CA GLY B 120 3.52 11.06 -6.62
C GLY B 120 4.58 11.07 -7.73
N LEU B 121 4.21 11.40 -8.97
CA LEU B 121 5.18 11.73 -10.02
C LEU B 121 5.89 13.04 -9.70
N ILE B 122 5.18 14.07 -9.25
CA ILE B 122 5.83 15.34 -8.95
C ILE B 122 6.82 15.16 -7.81
N ALA B 123 6.41 14.52 -6.73
CA ALA B 123 7.24 14.26 -5.56
C ALA B 123 8.44 13.36 -5.88
N GLY B 124 8.30 12.38 -6.76
CA GLY B 124 9.42 11.50 -7.14
C GLY B 124 10.42 12.14 -8.09
N TYR B 125 9.97 12.93 -9.05
CA TYR B 125 10.81 13.53 -10.07
C TYR B 125 11.41 14.89 -9.69
N PHE B 126 10.64 15.84 -9.14
CA PHE B 126 11.11 17.22 -9.17
C PHE B 126 12.29 17.46 -8.25
N GLY B 127 12.26 16.92 -7.03
CA GLY B 127 13.37 17.13 -6.13
C GLY B 127 13.08 16.64 -4.73
N GLY B 128 13.69 17.33 -3.76
CA GLY B 128 13.63 16.92 -2.37
C GLY B 128 12.75 17.80 -1.50
N LEU B 129 12.76 19.12 -1.72
CA LEU B 129 11.88 20.05 -0.99
C LEU B 129 10.42 19.72 -1.27
N VAL B 130 10.06 19.60 -2.55
CA VAL B 130 8.70 19.23 -2.91
C VAL B 130 8.41 17.83 -2.41
N ASP B 131 9.37 16.90 -2.38
CA ASP B 131 9.16 15.54 -1.84
C ASP B 131 8.83 15.58 -0.34
N ASN B 132 9.58 16.34 0.46
CA ASN B 132 9.29 16.52 1.88
C ASN B 132 7.93 17.21 2.14
N ILE B 133 7.53 18.21 1.35
CA ILE B 133 6.19 18.80 1.45
C ILE B 133 5.13 17.73 1.17
N ILE B 134 5.21 17.00 0.06
CA ILE B 134 4.17 16.02 -0.31
C ILE B 134 4.14 14.85 0.67
N MET B 135 5.29 14.38 1.16
CA MET B 135 5.30 13.37 2.21
C MET B 135 4.74 13.89 3.54
N ARG B 136 4.93 15.16 3.91
CA ARG B 136 4.24 15.78 5.06
C ARG B 136 2.72 15.70 4.88
N VAL B 137 2.22 16.08 3.70
CA VAL B 137 0.83 16.04 3.37
C VAL B 137 0.29 14.63 3.47
N VAL B 138 1.01 13.65 2.92
CA VAL B 138 0.62 12.24 2.91
C VAL B 138 0.58 11.62 4.30
N ASP B 139 1.55 11.86 5.16
CA ASP B 139 1.52 11.39 6.54
C ASP B 139 0.43 12.09 7.35
N ILE B 140 0.08 13.36 7.08
CA ILE B 140 -1.10 14.01 7.69
C ILE B 140 -2.38 13.28 7.27
N MET B 141 -2.53 12.96 5.97
CA MET B 141 -3.65 12.30 5.42
C MET B 141 -3.85 10.93 6.00
N LEU B 142 -2.79 10.14 6.20
CA LEU B 142 -2.93 8.83 6.84
C LEU B 142 -3.37 8.93 8.31
N ALA B 143 -3.13 10.06 8.99
CA ALA B 143 -3.45 10.22 10.40
C ALA B 143 -4.94 10.49 10.66
N LEU B 144 -5.61 11.32 9.85
CA LEU B 144 -7.05 11.57 9.97
C LEU B 144 -7.85 10.30 9.64
N PRO B 145 -8.64 9.73 10.57
CA PRO B 145 -9.54 8.61 10.27
C PRO B 145 -10.55 8.94 9.17
N SER B 146 -10.97 7.93 8.40
CA SER B 146 -11.96 8.00 7.39
C SER B 146 -13.26 8.53 7.94
N LEU B 147 -13.70 7.96 9.07
CA LEU B 147 -14.94 8.36 9.73
C LEU B 147 -14.90 9.84 10.10
N LEU B 148 -13.76 10.33 10.59
CA LEU B 148 -13.51 11.67 10.92
C LEU B 148 -13.79 12.57 9.75
N LEU B 149 -13.25 12.26 8.62
CA LEU B 149 -13.41 12.93 7.39
C LEU B 149 -14.85 13.00 6.97
N ALA B 150 -15.56 11.92 7.07
CA ALA B 150 -16.94 11.80 6.81
C ALA B 150 -17.75 12.77 7.65
N LEU B 151 -17.51 12.75 8.97
CA LEU B 151 -18.18 13.60 9.95
C LEU B 151 -17.96 15.07 9.61
N VAL B 152 -16.77 15.46 9.16
CA VAL B 152 -16.39 16.75 8.72
C VAL B 152 -17.22 17.15 7.52
N LEU B 153 -17.25 16.34 6.52
CA LEU B 153 -17.92 16.54 5.29
C LEU B 153 -19.41 16.72 5.46
N VAL B 154 -20.01 16.09 6.42
CA VAL B 154 -21.37 16.26 6.79
C VAL B 154 -21.67 17.71 7.06
N ALA B 155 -20.79 18.43 7.67
CA ALA B 155 -20.82 19.82 7.92
C ALA B 155 -20.67 20.65 6.67
N ILE B 156 -19.79 20.30 5.80
CA ILE B 156 -19.50 20.93 4.58
C ILE B 156 -20.70 20.95 3.67
N PHE B 157 -21.30 19.84 3.44
CA PHE B 157 -22.38 19.54 2.57
C PHE B 157 -23.54 18.90 3.28
N GLY B 158 -24.72 18.97 2.76
CA GLY B 158 -25.81 18.27 3.18
C GLY B 158 -25.74 16.81 3.03
N PRO B 159 -26.76 16.04 3.44
CA PRO B 159 -26.75 14.59 3.33
C PRO B 159 -26.71 14.16 1.86
N SER B 160 -25.57 13.59 1.44
CA SER B 160 -25.27 13.23 0.06
C SER B 160 -24.29 12.05 0.00
N ILE B 161 -24.33 11.27 -1.07
CA ILE B 161 -23.32 10.22 -1.33
C ILE B 161 -21.91 10.82 -1.48
N GLY B 162 -21.77 12.12 -1.80
CA GLY B 162 -20.56 12.78 -1.86
C GLY B 162 -19.79 12.86 -0.60
N ASN B 163 -20.49 12.96 0.53
CA ASN B 163 -19.84 12.99 1.86
C ASN B 163 -19.11 11.69 2.16
N ALA B 164 -19.58 10.57 1.61
CA ALA B 164 -18.83 9.33 1.62
C ALA B 164 -17.71 9.40 0.59
N ALA B 165 -18.01 9.58 -0.70
CA ALA B 165 -17.15 9.45 -1.82
C ALA B 165 -15.86 10.20 -1.61
N LEU B 166 -15.94 11.44 -1.23
CA LEU B 166 -14.88 12.33 -0.96
C LEU B 166 -14.04 11.93 0.21
N ALA B 167 -14.58 11.31 1.21
CA ALA B 167 -13.91 10.73 2.32
C ALA B 167 -13.07 9.56 1.93
N LEU B 168 -13.63 8.61 1.24
CA LEU B 168 -13.01 7.46 0.69
C LEU B 168 -11.85 7.82 -0.19
N THR B 169 -12.01 8.75 -1.08
CA THR B 169 -11.02 9.25 -1.95
C THR B 169 -9.79 9.66 -1.19
N PHE B 170 -9.93 10.50 -0.22
CA PHE B 170 -8.91 11.02 0.60
C PHE B 170 -8.18 9.95 1.38
N VAL B 171 -8.87 9.05 1.99
CA VAL B 171 -8.32 7.99 2.74
C VAL B 171 -7.46 7.11 1.87
N ALA B 172 -7.84 6.87 0.66
CA ALA B 172 -7.18 6.08 -0.31
C ALA B 172 -6.03 6.75 -0.98
N LEU B 173 -6.01 8.08 -1.06
CA LEU B 173 -5.02 8.87 -1.80
C LEU B 173 -3.55 8.70 -1.37
N PRO B 174 -3.17 8.55 -0.09
CA PRO B 174 -1.78 8.36 0.29
C PRO B 174 -1.13 7.12 -0.34
N HIS B 175 -1.90 6.07 -0.61
CA HIS B 175 -1.40 4.87 -1.27
C HIS B 175 -0.97 5.14 -2.72
N TYR B 176 -1.81 5.77 -3.53
CA TYR B 176 -1.48 6.11 -4.92
C TYR B 176 -0.39 7.19 -5.04
N VAL B 177 -0.32 8.16 -4.10
CA VAL B 177 0.82 9.11 -4.05
C VAL B 177 2.13 8.39 -3.75
N ARG B 178 2.20 7.64 -2.65
CA ARG B 178 3.46 7.05 -2.20
C ARG B 178 3.97 5.90 -3.06
N LEU B 179 3.10 5.04 -3.61
CA LEU B 179 3.53 3.98 -4.55
C LEU B 179 4.08 4.54 -5.86
N THR B 180 3.51 5.61 -6.40
CA THR B 180 4.04 6.25 -7.61
C THR B 180 5.46 6.76 -7.37
N ARG B 181 5.70 7.44 -6.25
CA ARG B 181 7.03 7.92 -5.87
C ARG B 181 8.06 6.79 -5.74
N ALA B 182 7.68 5.67 -5.14
CA ALA B 182 8.54 4.50 -4.97
C ALA B 182 9.04 3.88 -6.28
N ALA B 183 8.28 4.01 -7.38
CA ALA B 183 8.74 3.66 -8.71
C ALA B 183 9.62 4.77 -9.30
N VAL B 184 9.13 6.03 -9.31
CA VAL B 184 9.82 7.16 -9.95
C VAL B 184 11.22 7.39 -9.40
N LEU B 185 11.47 7.14 -8.12
CA LEU B 185 12.82 7.17 -7.53
C LEU B 185 13.79 6.16 -8.16
N VAL B 186 13.33 5.00 -8.60
CA VAL B 186 14.17 4.03 -9.30
C VAL B 186 14.34 4.40 -10.77
N GLU B 187 13.30 4.95 -11.41
CA GLU B 187 13.35 5.24 -12.84
C GLU B 187 14.14 6.52 -13.18
N VAL B 188 14.06 7.58 -12.37
CA VAL B 188 14.54 8.93 -12.76
C VAL B 188 16.05 9.01 -12.99
N ASN B 189 16.82 8.15 -12.33
CA ASN B 189 18.27 8.04 -12.47
C ASN B 189 18.70 6.88 -13.38
N ARG B 190 17.79 6.19 -14.07
CA ARG B 190 18.18 5.32 -15.19
C ARG B 190 18.38 6.12 -16.47
N ASP B 191 19.21 5.56 -17.34
CA ASP B 191 19.82 6.26 -18.46
C ASP B 191 18.86 6.68 -19.56
N TYR B 192 17.67 6.08 -19.70
CA TYR B 192 16.76 6.51 -20.76
C TYR B 192 16.19 7.89 -20.45
N VAL B 193 15.92 8.22 -19.22
CA VAL B 193 15.57 9.52 -18.78
C VAL B 193 16.64 10.51 -19.14
N THR B 194 17.92 10.15 -18.96
CA THR B 194 19.05 10.98 -19.34
C THR B 194 19.03 11.25 -20.84
N ALA B 195 18.90 10.21 -21.67
CA ALA B 195 18.85 10.37 -23.12
C ALA B 195 17.70 11.27 -23.56
N SER B 196 16.53 11.15 -22.92
CA SER B 196 15.41 11.98 -23.16
C SER B 196 15.67 13.42 -22.81
N ARG B 197 16.30 13.67 -21.70
CA ARG B 197 16.73 14.96 -21.28
C ARG B 197 17.65 15.60 -22.29
N VAL B 198 18.67 14.85 -22.73
CA VAL B 198 19.66 15.33 -23.71
C VAL B 198 19.02 15.61 -25.08
N ALA B 199 17.92 14.93 -25.38
CA ALA B 199 17.10 15.21 -26.52
C ALA B 199 16.42 16.56 -26.45
N GLY B 200 16.10 16.99 -25.23
CA GLY B 200 15.46 18.27 -25.03
C GLY B 200 14.09 18.14 -24.36
N ALA B 201 13.83 16.97 -23.79
CA ALA B 201 12.52 16.71 -23.19
C ALA B 201 12.33 17.55 -21.94
N GLY B 202 11.17 18.21 -21.84
CA GLY B 202 10.84 18.94 -20.64
C GLY B 202 10.44 18.01 -19.51
N ALA B 203 10.35 18.58 -18.31
CA ALA B 203 10.03 17.76 -17.14
C ALA B 203 8.71 17.01 -17.32
N MET B 204 7.61 17.75 -17.49
CA MET B 204 6.30 17.14 -17.52
C MET B 204 6.26 15.97 -18.50
N ARG B 205 6.87 16.13 -19.67
CA ARG B 205 6.97 15.01 -20.60
C ARG B 205 7.74 13.86 -19.99
N GLN B 206 8.91 14.15 -19.40
CA GLN B 206 9.71 13.10 -18.78
C GLN B 206 8.88 12.29 -17.78
N MET B 207 8.02 12.97 -17.02
CA MET B 207 7.17 12.33 -16.03
C MET B 207 6.10 11.49 -16.71
N PHE B 208 5.27 12.09 -17.56
CA PHE B 208 4.02 11.48 -17.98
C PHE B 208 4.13 10.63 -19.23
N ILE B 209 5.27 10.63 -19.93
CA ILE B 209 5.44 9.85 -21.15
C ILE B 209 6.63 8.92 -21.05
N ASN B 210 7.78 9.44 -20.64
CA ASN B 210 9.01 8.64 -20.60
C ASN B 210 9.12 7.82 -19.32
N ILE B 211 8.80 8.35 -18.15
CA ILE B 211 8.92 7.62 -16.88
C ILE B 211 7.63 6.88 -16.54
N PHE B 212 6.48 7.54 -16.62
CA PHE B 212 5.20 6.99 -16.16
C PHE B 212 4.86 5.61 -16.70
N PRO B 213 5.09 5.26 -17.98
CA PRO B 213 4.76 3.91 -18.43
C PRO B 213 5.50 2.83 -17.67
N ASN B 214 6.69 3.09 -17.13
CA ASN B 214 7.45 2.15 -16.32
C ASN B 214 6.93 2.03 -14.88
N CYS B 215 6.06 2.95 -14.42
CA CYS B 215 5.56 3.07 -13.05
C CYS B 215 4.25 2.29 -12.78
N LEU B 216 3.71 1.57 -13.76
CA LEU B 216 2.41 1.01 -13.75
C LEU B 216 2.29 -0.32 -13.03
N ALA B 217 3.34 -0.98 -12.71
CA ALA B 217 3.40 -2.26 -12.12
C ALA B 217 2.64 -2.34 -10.82
N PRO B 218 2.89 -1.42 -9.86
CA PRO B 218 2.25 -1.41 -8.53
C PRO B 218 0.88 -0.75 -8.53
N LEU B 219 0.70 0.30 -9.34
CA LEU B 219 -0.54 1.07 -9.41
C LEU B 219 -1.72 0.23 -9.89
N ILE B 220 -1.51 -0.76 -10.77
CA ILE B 220 -2.50 -1.69 -11.18
C ILE B 220 -3.02 -2.48 -10.00
N VAL B 221 -2.17 -3.02 -9.20
CA VAL B 221 -2.45 -3.72 -8.00
C VAL B 221 -3.29 -2.87 -7.09
N GLN B 222 -2.84 -1.66 -6.79
CA GLN B 222 -3.55 -0.80 -5.81
C GLN B 222 -4.89 -0.30 -6.34
N ALA B 223 -5.02 -0.09 -7.65
CA ALA B 223 -6.23 0.23 -8.30
C ALA B 223 -7.23 -0.90 -8.20
N SER B 224 -6.81 -2.13 -8.49
CA SER B 224 -7.71 -3.29 -8.49
C SER B 224 -8.19 -3.68 -7.09
N LEU B 225 -7.42 -3.41 -6.04
CA LEU B 225 -7.87 -3.50 -4.65
C LEU B 225 -8.68 -2.28 -4.17
N GLY B 226 -8.52 -1.10 -4.78
CA GLY B 226 -9.27 0.02 -4.53
C GLY B 226 -10.73 -0.10 -4.67
N PHE B 227 -11.19 -0.86 -5.67
CA PHE B 227 -12.62 -1.07 -5.92
C PHE B 227 -13.28 -1.87 -4.79
N SER B 228 -12.58 -2.88 -4.27
CA SER B 228 -12.99 -3.59 -3.07
C SER B 228 -13.03 -2.70 -1.84
N ASN B 229 -11.98 -1.89 -1.57
CA ASN B 229 -11.94 -0.98 -0.51
C ASN B 229 -13.07 0.01 -0.54
N ALA B 230 -13.42 0.53 -1.66
CA ALA B 230 -14.46 1.45 -1.89
C ALA B 230 -15.79 0.97 -1.38
N ILE B 231 -16.01 -0.30 -1.33
CA ILE B 231 -17.15 -0.99 -0.86
C ILE B 231 -17.06 -1.39 0.59
N LEU B 232 -15.94 -1.96 1.00
CA LEU B 232 -15.76 -2.41 2.39
C LEU B 232 -15.74 -1.21 3.36
N ASP B 233 -15.19 -0.06 2.98
CA ASP B 233 -15.19 1.14 3.71
C ASP B 233 -16.58 1.72 3.85
N MET B 234 -17.38 1.65 2.79
CA MET B 234 -18.76 2.12 2.84
C MET B 234 -19.61 1.20 3.71
N ALA B 235 -19.24 -0.08 3.83
CA ALA B 235 -19.87 -0.96 4.81
C ALA B 235 -19.50 -0.60 6.26
N ALA B 236 -18.24 -0.23 6.52
CA ALA B 236 -17.83 0.32 7.80
C ALA B 236 -18.56 1.64 8.11
N LEU B 237 -18.67 2.57 7.17
CA LEU B 237 -19.44 3.80 7.32
C LEU B 237 -20.90 3.48 7.63
N GLY B 238 -21.47 2.46 7.00
CA GLY B 238 -22.85 2.00 7.16
C GLY B 238 -23.17 1.19 8.44
N PHE B 239 -22.15 0.70 9.15
CA PHE B 239 -22.29 0.26 10.54
C PHE B 239 -22.66 1.43 11.47
N LEU B 240 -22.06 2.61 11.24
CA LEU B 240 -22.56 3.89 11.74
C LEU B 240 -23.62 4.46 10.79
N GLY B 241 -24.15 5.65 11.06
CA GLY B 241 -25.26 6.23 10.28
C GLY B 241 -24.87 6.82 8.92
N MET B 242 -23.70 6.50 8.37
CA MET B 242 -23.04 7.33 7.36
C MET B 242 -23.21 6.85 5.91
N GLY B 243 -23.37 7.80 4.98
CA GLY B 243 -23.13 7.63 3.54
C GLY B 243 -24.28 7.10 2.66
N ALA B 244 -25.33 6.50 3.23
CA ALA B 244 -26.46 5.94 2.48
C ALA B 244 -27.81 6.14 3.20
N GLN B 245 -28.93 5.93 2.50
CA GLN B 245 -30.28 5.93 3.08
C GLN B 245 -31.03 4.61 2.80
N PRO B 246 -31.87 4.09 3.72
CA PRO B 246 -32.35 2.71 3.70
C PRO B 246 -33.06 2.16 2.44
N PRO B 247 -34.02 2.85 1.79
CA PRO B 247 -34.79 2.24 0.70
C PRO B 247 -33.98 2.03 -0.58
N THR B 248 -32.92 2.81 -0.83
CA THR B 248 -31.99 2.61 -1.95
C THR B 248 -30.88 1.63 -1.56
N PRO B 249 -30.79 0.43 -2.15
CA PRO B 249 -29.81 -0.57 -1.75
C PRO B 249 -28.39 -0.20 -2.18
N GLU B 250 -27.43 -0.78 -1.49
CA GLU B 250 -25.98 -0.59 -1.67
C GLU B 250 -25.34 -1.79 -0.99
N TRP B 251 -24.48 -2.57 -1.65
CA TRP B 251 -24.05 -3.87 -1.08
C TRP B 251 -23.33 -3.73 0.26
N GLY B 252 -22.59 -2.65 0.49
CA GLY B 252 -21.95 -2.33 1.76
C GLY B 252 -22.96 -2.06 2.86
N THR B 253 -23.91 -1.16 2.62
CA THR B 253 -25.01 -0.84 3.52
C THR B 253 -25.88 -2.05 3.79
N MET B 254 -26.25 -2.78 2.74
CA MET B 254 -27.08 -3.97 2.80
C MET B 254 -26.43 -5.05 3.64
N LEU B 255 -25.15 -5.30 3.45
CA LEU B 255 -24.44 -6.29 4.25
C LEU B 255 -24.26 -5.83 5.70
N SER B 256 -23.94 -4.56 5.92
CA SER B 256 -23.80 -4.01 7.29
C SER B 256 -25.14 -3.85 8.03
N ASP B 257 -26.28 -3.74 7.35
CA ASP B 257 -27.60 -3.64 7.98
C ASP B 257 -28.18 -4.99 8.41
N VAL B 258 -27.56 -6.11 8.02
CA VAL B 258 -28.08 -7.46 8.26
C VAL B 258 -27.13 -8.34 9.09
N LEU B 259 -26.09 -7.78 9.70
CA LEU B 259 -25.02 -8.56 10.33
C LEU B 259 -25.55 -9.44 11.47
N GLN B 260 -26.56 -8.96 12.19
CA GLN B 260 -27.19 -9.64 13.32
C GLN B 260 -27.84 -10.98 12.95
N PHE B 261 -28.17 -11.20 11.67
CA PHE B 261 -28.80 -12.42 11.18
C PHE B 261 -27.82 -13.47 10.68
N ALA B 262 -26.52 -13.21 10.59
CA ALA B 262 -25.56 -14.02 9.87
C ALA B 262 -25.50 -15.49 10.32
N GLN B 263 -25.80 -15.76 11.60
CA GLN B 263 -25.84 -17.11 12.15
C GLN B 263 -27.21 -17.80 12.01
N SER B 264 -28.30 -17.05 11.84
CA SER B 264 -29.63 -17.50 11.68
C SER B 264 -30.18 -17.54 10.29
N ALA B 265 -29.76 -16.70 9.40
CA ALA B 265 -30.16 -16.53 8.05
C ALA B 265 -28.96 -16.32 7.16
N TRP B 266 -28.38 -17.32 6.58
CA TRP B 266 -27.19 -17.31 5.82
C TRP B 266 -27.32 -16.54 4.53
N TRP B 267 -28.40 -16.66 3.83
CA TRP B 267 -28.64 -16.12 2.54
C TRP B 267 -28.44 -14.63 2.50
N VAL B 268 -29.11 -13.91 3.33
CA VAL B 268 -29.17 -12.51 3.39
C VAL B 268 -27.81 -11.89 3.51
N VAL B 269 -26.92 -12.50 4.32
CA VAL B 269 -25.54 -12.05 4.52
C VAL B 269 -24.63 -12.55 3.40
N THR B 270 -24.79 -13.80 2.95
CA THR B 270 -23.84 -14.41 2.02
C THR B 270 -23.92 -13.86 0.62
N PHE B 271 -25.11 -13.52 0.14
CA PHE B 271 -25.31 -13.18 -1.22
C PHE B 271 -24.65 -11.87 -1.59
N PRO B 272 -24.89 -10.80 -0.82
CA PRO B 272 -24.09 -9.61 -0.99
C PRO B 272 -22.61 -9.81 -0.88
N GLY B 273 -22.18 -10.72 -0.01
CA GLY B 273 -20.78 -11.13 0.09
C GLY B 273 -20.23 -11.68 -1.21
N LEU B 274 -21.02 -12.49 -1.95
CA LEU B 274 -20.67 -12.91 -3.30
C LEU B 274 -20.67 -11.74 -4.28
N ALA B 275 -21.57 -10.77 -4.17
CA ALA B 275 -21.57 -9.66 -5.10
C ALA B 275 -20.29 -8.83 -5.00
N ILE B 276 -19.81 -8.57 -3.76
CA ILE B 276 -18.49 -8.00 -3.53
C ILE B 276 -17.40 -8.95 -4.06
N LEU B 277 -17.31 -10.19 -3.56
CA LEU B 277 -16.23 -11.12 -3.89
C LEU B 277 -16.07 -11.38 -5.39
N LEU B 278 -17.14 -11.69 -6.11
CA LEU B 278 -17.04 -11.91 -7.56
C LEU B 278 -16.63 -10.64 -8.30
N THR B 279 -16.90 -9.46 -7.76
CA THR B 279 -16.36 -8.22 -8.31
C THR B 279 -14.87 -8.03 -7.97
N VAL B 280 -14.41 -8.41 -6.77
CA VAL B 280 -12.97 -8.39 -6.43
C VAL B 280 -12.17 -9.36 -7.28
N LEU B 281 -12.61 -10.62 -7.41
CA LEU B 281 -11.94 -11.61 -8.24
C LEU B 281 -11.91 -11.19 -9.72
N ALA B 282 -12.96 -10.54 -10.22
CA ALA B 282 -12.96 -10.02 -11.57
C ALA B 282 -11.91 -8.94 -11.80
N PHE B 283 -11.79 -7.95 -10.91
CA PHE B 283 -10.75 -6.92 -11.04
C PHE B 283 -9.33 -7.46 -10.81
N ASN B 284 -9.13 -8.47 -9.97
CA ASN B 284 -7.85 -9.18 -9.90
C ASN B 284 -7.46 -9.80 -11.25
N LEU B 285 -8.33 -10.63 -11.84
CA LEU B 285 -8.03 -11.28 -13.12
C LEU B 285 -7.91 -10.26 -14.25
N MET B 286 -8.70 -9.19 -14.22
CA MET B 286 -8.60 -8.12 -15.21
C MET B 286 -7.28 -7.36 -15.11
N GLY B 287 -6.80 -7.09 -13.89
CA GLY B 287 -5.50 -6.44 -13.65
C GLY B 287 -4.29 -7.28 -14.05
N ASP B 288 -4.35 -8.60 -13.89
CA ASP B 288 -3.32 -9.53 -14.38
C ASP B 288 -3.18 -9.50 -15.92
N GLY B 289 -4.30 -9.42 -16.63
CA GLY B 289 -4.30 -9.24 -18.08
C GLY B 289 -3.83 -7.87 -18.50
N LEU B 290 -4.25 -6.79 -17.83
CA LEU B 290 -3.79 -5.44 -18.15
C LEU B 290 -2.29 -5.28 -17.90
N ARG B 291 -1.74 -5.94 -16.87
CA ARG B 291 -0.36 -6.08 -16.63
C ARG B 291 0.36 -6.69 -17.80
N ASP B 292 -0.05 -7.85 -18.19
CA ASP B 292 0.47 -8.58 -19.30
C ASP B 292 0.28 -7.91 -20.62
N ALA B 293 -0.63 -7.00 -20.77
CA ALA B 293 -0.93 -6.22 -21.90
C ALA B 293 0.03 -5.07 -22.13
N LEU B 294 0.83 -4.71 -21.18
CA LEU B 294 1.81 -3.71 -21.15
C LEU B 294 3.24 -4.15 -21.05
N ASP B 295 3.51 -5.31 -20.56
CA ASP B 295 4.77 -5.93 -20.43
C ASP B 295 5.39 -6.13 -21.78
N PRO B 296 6.54 -5.55 -22.12
CA PRO B 296 7.10 -5.71 -23.45
C PRO B 296 7.74 -7.03 -23.75
N LYS B 297 8.26 -7.72 -22.70
CA LYS B 297 9.01 -8.97 -22.86
C LYS B 297 8.14 -10.16 -23.30
N LEU B 298 6.82 -9.97 -23.35
CA LEU B 298 5.83 -10.87 -23.81
C LEU B 298 5.32 -10.61 -25.19
N LYS B 299 5.76 -9.61 -25.88
CA LYS B 299 5.38 -9.15 -27.15
C LYS B 299 6.25 -9.66 -28.26
N ALA C 2 32.73 -35.42 -28.80
CA ALA C 2 33.10 -34.00 -28.63
C ALA C 2 32.45 -33.41 -27.38
N LEU C 3 33.04 -32.39 -26.78
CA LEU C 3 32.50 -31.70 -25.60
C LEU C 3 31.19 -30.96 -25.93
N LEU C 4 31.09 -30.34 -27.11
CA LEU C 4 29.87 -29.79 -27.67
C LEU C 4 29.69 -30.25 -29.11
N ASN C 5 28.48 -30.66 -29.45
CA ASN C 5 28.03 -31.04 -30.74
C ASN C 5 26.68 -30.48 -31.06
N VAL C 6 26.42 -29.97 -32.22
CA VAL C 6 25.25 -29.36 -32.72
C VAL C 6 24.93 -29.91 -34.09
N ASP C 7 24.11 -30.92 -34.24
CA ASP C 7 23.70 -31.46 -35.49
C ASP C 7 22.95 -30.44 -36.32
N LYS C 8 21.92 -29.87 -35.77
CA LYS C 8 21.14 -28.82 -36.31
C LYS C 8 20.50 -28.00 -35.21
N LEU C 9 20.32 -26.73 -35.38
CA LEU C 9 19.75 -25.80 -34.51
C LEU C 9 19.03 -24.69 -35.23
N SER C 10 17.84 -24.33 -34.85
CA SER C 10 17.04 -23.30 -35.40
C SER C 10 16.22 -22.61 -34.34
N VAL C 11 16.28 -21.28 -34.28
CA VAL C 11 15.48 -20.46 -33.37
C VAL C 11 14.64 -19.52 -34.20
N HIS C 12 13.33 -19.54 -33.98
CA HIS C 12 12.37 -18.66 -34.64
C HIS C 12 11.85 -17.64 -33.63
N PHE C 13 11.59 -16.42 -34.09
CA PHE C 13 10.89 -15.39 -33.31
C PHE C 13 9.67 -14.88 -34.07
N GLY C 14 8.61 -14.49 -33.36
CA GLY C 14 7.29 -14.22 -33.94
C GLY C 14 6.39 -15.46 -33.99
N ASP C 15 5.16 -15.30 -34.45
CA ASP C 15 4.20 -16.41 -34.58
C ASP C 15 4.54 -17.37 -35.74
N GLU C 16 3.90 -18.54 -35.76
CA GLU C 16 4.18 -19.58 -36.77
C GLU C 16 3.80 -19.23 -38.22
N SER C 17 3.00 -18.19 -38.49
CA SER C 17 2.57 -17.88 -39.87
C SER C 17 3.63 -17.19 -40.72
N ALA C 18 4.57 -16.46 -40.09
CA ALA C 18 5.65 -15.73 -40.76
C ALA C 18 6.86 -15.55 -39.84
N PRO C 19 7.54 -16.64 -39.45
CA PRO C 19 8.57 -16.58 -38.43
C PRO C 19 9.82 -15.85 -38.91
N PHE C 20 10.44 -15.05 -38.03
CA PHE C 20 11.81 -14.59 -38.24
C PHE C 20 12.77 -15.72 -37.93
N ARG C 21 13.47 -16.22 -38.95
CA ARG C 21 14.40 -17.33 -38.83
C ARG C 21 15.78 -16.84 -38.37
N ALA C 22 15.89 -16.44 -37.10
CA ALA C 22 17.07 -15.79 -36.52
C ALA C 22 18.30 -16.70 -36.44
N VAL C 23 18.08 -18.01 -36.28
CA VAL C 23 19.08 -19.04 -36.48
C VAL C 23 18.45 -20.13 -37.33
N ASP C 24 19.16 -20.61 -38.35
CA ASP C 24 18.59 -21.47 -39.38
C ASP C 24 19.51 -22.64 -39.75
N ARG C 25 19.34 -23.79 -39.08
CA ARG C 25 20.01 -25.07 -39.38
C ARG C 25 21.53 -25.01 -39.28
N ILE C 26 22.05 -24.29 -38.29
CA ILE C 26 23.50 -24.24 -38.01
C ILE C 26 23.97 -25.56 -37.45
N SER C 27 25.24 -25.88 -37.70
CA SER C 27 25.88 -27.07 -37.17
C SER C 27 27.37 -26.84 -36.94
N TYR C 28 27.87 -27.20 -35.77
CA TYR C 28 29.29 -27.15 -35.45
C TYR C 28 29.57 -28.03 -34.25
N SER C 29 30.84 -28.29 -34.02
CA SER C 29 31.39 -29.02 -32.95
C SER C 29 32.58 -28.34 -32.33
N VAL C 30 32.82 -28.47 -31.07
CA VAL C 30 33.88 -27.96 -30.27
C VAL C 30 34.55 -29.05 -29.49
N LYS C 31 35.78 -29.35 -29.67
CA LYS C 31 36.57 -30.27 -28.95
C LYS C 31 37.08 -29.68 -27.66
N GLN C 32 37.35 -30.46 -26.66
CA GLN C 32 37.99 -30.12 -25.46
C GLN C 32 39.34 -29.52 -25.74
N GLY C 33 39.70 -28.41 -25.21
CA GLY C 33 40.86 -27.72 -25.49
C GLY C 33 41.01 -27.04 -26.79
N GLU C 34 39.94 -26.87 -27.51
CA GLU C 34 39.79 -26.27 -28.78
C GLU C 34 39.23 -24.88 -28.71
N VAL C 35 39.79 -23.93 -29.44
CA VAL C 35 39.28 -22.56 -29.50
C VAL C 35 38.61 -22.35 -30.83
N VAL C 36 37.32 -21.99 -30.79
CA VAL C 36 36.52 -21.77 -31.99
C VAL C 36 36.06 -20.33 -32.07
N GLY C 37 36.46 -19.60 -33.11
CA GLY C 37 36.00 -18.25 -33.36
C GLY C 37 34.66 -18.24 -34.07
N ILE C 38 33.74 -17.34 -33.73
CA ILE C 38 32.54 -17.09 -34.52
C ILE C 38 32.55 -15.63 -35.00
N VAL C 39 32.42 -15.37 -36.29
CA VAL C 39 32.50 -14.04 -36.91
C VAL C 39 31.41 -13.83 -37.95
N GLY C 40 31.13 -12.58 -38.33
CA GLY C 40 30.17 -12.21 -39.38
C GLY C 40 29.07 -11.25 -38.93
N GLU C 41 28.22 -10.80 -39.86
CA GLU C 41 27.43 -9.58 -39.72
C GLU C 41 26.57 -9.51 -38.45
N SER C 42 26.54 -8.36 -37.78
CA SER C 42 25.70 -8.08 -36.61
C SER C 42 24.21 -8.27 -36.95
N GLY C 43 23.55 -9.23 -36.31
CA GLY C 43 22.25 -9.72 -36.72
C GLY C 43 22.24 -11.16 -37.24
N SER C 44 23.39 -11.79 -37.47
CA SER C 44 23.51 -13.13 -38.05
C SER C 44 23.25 -14.30 -37.11
N GLY C 45 22.98 -14.07 -35.82
CA GLY C 45 22.50 -15.07 -34.89
C GLY C 45 23.54 -15.61 -33.92
N LYS C 46 24.66 -14.91 -33.71
CA LYS C 46 25.78 -15.40 -32.90
C LYS C 46 25.44 -15.47 -31.41
N SER C 47 24.86 -14.42 -30.83
CA SER C 47 24.38 -14.45 -29.46
C SER C 47 23.22 -15.44 -29.31
N VAL C 48 22.20 -15.46 -30.18
CA VAL C 48 21.07 -16.40 -30.09
C VAL C 48 21.53 -17.84 -30.21
N SER C 49 22.41 -18.17 -31.15
CA SER C 49 23.07 -19.47 -31.23
C SER C 49 23.75 -19.84 -29.91
N SER C 50 24.47 -18.95 -29.24
CA SER C 50 25.05 -19.25 -27.93
C SER C 50 24.00 -19.40 -26.81
N LEU C 51 23.02 -18.50 -26.73
CA LEU C 51 21.94 -18.53 -25.74
C LEU C 51 21.13 -19.81 -25.87
N ALA C 52 20.89 -20.30 -27.10
CA ALA C 52 20.09 -21.49 -27.26
C ALA C 52 20.77 -22.75 -26.72
N ILE C 53 22.11 -22.86 -26.81
CA ILE C 53 22.88 -23.92 -26.17
C ILE C 53 22.75 -23.82 -24.64
N MET C 54 22.88 -22.61 -24.09
CA MET C 54 22.73 -22.35 -22.65
C MET C 54 21.32 -22.67 -22.13
N GLY C 55 20.32 -22.73 -23.02
CA GLY C 55 18.99 -22.82 -22.69
C GLY C 55 18.30 -21.65 -22.15
N LEU C 56 18.64 -20.47 -22.66
CA LEU C 56 18.27 -19.15 -22.15
C LEU C 56 17.35 -18.36 -23.11
N ILE C 57 16.49 -19.05 -23.85
CA ILE C 57 15.52 -18.56 -24.76
C ILE C 57 14.13 -18.69 -24.18
N ASP C 58 13.35 -17.68 -24.08
CA ASP C 58 12.10 -17.54 -23.43
C ASP C 58 10.93 -17.50 -24.38
N TYR C 59 9.73 -17.44 -23.88
CA TYR C 59 8.46 -17.58 -24.49
C TYR C 59 8.42 -17.10 -25.92
N PRO C 60 8.69 -15.80 -26.23
CA PRO C 60 8.47 -15.26 -27.58
C PRO C 60 9.28 -15.95 -28.68
N GLY C 61 10.30 -16.73 -28.33
CA GLY C 61 11.09 -17.56 -29.21
C GLY C 61 11.03 -19.03 -28.87
N ARG C 62 11.43 -19.88 -29.81
CA ARG C 62 11.39 -21.33 -29.68
C ARG C 62 12.58 -21.97 -30.34
N VAL C 63 13.07 -23.04 -29.73
CA VAL C 63 14.30 -23.74 -30.07
C VAL C 63 13.94 -25.04 -30.79
N MET C 64 14.44 -25.21 -32.00
CA MET C 64 14.41 -26.45 -32.76
C MET C 64 15.85 -26.96 -32.89
N ALA C 65 16.04 -28.25 -32.69
CA ALA C 65 17.30 -28.93 -32.92
C ALA C 65 17.07 -30.40 -33.30
N GLU C 66 17.90 -30.97 -34.17
CA GLU C 66 17.85 -32.40 -34.44
C GLU C 66 18.63 -33.21 -33.40
N LYS C 67 19.81 -32.76 -33.02
CA LYS C 67 20.55 -33.23 -31.83
C LYS C 67 21.46 -32.14 -31.28
N LEU C 68 21.57 -32.07 -29.96
CA LEU C 68 22.32 -31.06 -29.22
C LEU C 68 22.90 -31.72 -27.97
N GLU C 69 24.21 -31.94 -27.95
CA GLU C 69 24.89 -32.74 -26.94
C GLU C 69 25.95 -31.94 -26.21
N PHE C 70 26.11 -32.19 -24.91
CA PHE C 70 27.21 -31.68 -24.13
C PHE C 70 27.77 -32.78 -23.23
N ASN C 71 29.09 -32.95 -23.19
CA ASN C 71 29.82 -33.89 -22.32
C ASN C 71 29.31 -35.35 -22.29
N GLY C 72 28.63 -35.83 -23.34
CA GLY C 72 28.03 -37.17 -23.39
C GLY C 72 26.56 -37.29 -22.95
N GLN C 73 25.87 -36.17 -22.70
CA GLN C 73 24.44 -36.10 -22.41
C GLN C 73 23.70 -35.27 -23.46
N ASP C 74 22.42 -35.58 -23.69
CA ASP C 74 21.58 -34.96 -24.72
C ASP C 74 20.61 -33.94 -24.11
N LEU C 75 20.70 -32.69 -24.52
CA LEU C 75 19.98 -31.56 -23.94
C LEU C 75 18.49 -31.55 -24.29
N GLN C 76 18.02 -32.40 -25.21
CA GLN C 76 16.60 -32.56 -25.52
C GLN C 76 15.97 -33.82 -24.90
N ARG C 77 16.73 -34.90 -24.72
CA ARG C 77 16.25 -36.14 -24.07
C ARG C 77 16.33 -36.07 -22.55
N ILE C 78 17.34 -35.43 -21.99
CA ILE C 78 17.45 -35.18 -20.55
C ILE C 78 16.44 -34.08 -20.15
N SER C 79 15.83 -34.22 -18.97
CA SER C 79 14.80 -33.32 -18.42
C SER C 79 15.36 -31.94 -18.06
N GLU C 80 14.51 -30.92 -17.93
CA GLU C 80 14.90 -29.55 -17.60
C GLU C 80 15.65 -29.51 -16.28
N LYS C 81 15.12 -30.16 -15.25
CA LYS C 81 15.73 -30.18 -13.93
C LYS C 81 17.19 -30.62 -13.99
N GLU C 82 17.53 -31.58 -14.85
CA GLU C 82 18.88 -32.11 -15.02
C GLU C 82 19.72 -31.42 -16.12
N ARG C 83 19.13 -31.07 -17.27
CA ARG C 83 19.82 -30.35 -18.35
C ARG C 83 20.20 -28.93 -17.95
N ARG C 84 19.46 -28.28 -17.04
CA ARG C 84 19.89 -26.99 -16.54
C ARG C 84 21.07 -27.13 -15.59
N ASN C 85 21.02 -28.11 -14.69
CA ASN C 85 22.16 -28.36 -13.82
C ASN C 85 23.41 -28.62 -14.64
N LEU C 86 23.32 -29.49 -15.66
CA LEU C 86 24.44 -29.85 -16.55
C LEU C 86 25.05 -28.63 -17.25
N VAL C 87 24.25 -27.87 -18.00
CA VAL C 87 24.79 -26.75 -18.76
C VAL C 87 25.30 -25.64 -17.84
N GLY C 88 24.61 -25.31 -16.75
CA GLY C 88 25.06 -24.36 -15.87
C GLY C 88 26.28 -24.65 -15.09
N ALA C 89 26.50 -25.94 -14.82
CA ALA C 89 27.66 -26.37 -14.06
C ALA C 89 28.93 -26.36 -14.90
N GLU C 90 28.86 -26.75 -16.17
CA GLU C 90 30.03 -26.98 -17.03
C GLU C 90 30.24 -25.90 -18.12
N VAL C 91 29.27 -25.03 -18.34
CA VAL C 91 29.32 -23.96 -19.33
C VAL C 91 29.14 -22.61 -18.68
N ALA C 92 29.89 -21.61 -19.12
CA ALA C 92 29.78 -20.23 -18.65
C ALA C 92 29.75 -19.27 -19.81
N MET C 93 29.07 -18.14 -19.68
CA MET C 93 28.93 -17.18 -20.75
C MET C 93 29.23 -15.76 -20.30
N ILE C 94 30.05 -15.06 -21.08
CA ILE C 94 30.15 -13.61 -21.08
C ILE C 94 28.99 -13.07 -21.91
N PHE C 95 28.20 -12.15 -21.39
CA PHE C 95 27.10 -11.55 -22.15
C PHE C 95 27.56 -10.27 -22.84
N GLN C 96 26.81 -9.78 -23.81
CA GLN C 96 27.26 -8.69 -24.66
C GLN C 96 27.28 -7.32 -23.96
N ASP C 97 26.19 -6.95 -23.26
CA ASP C 97 26.14 -5.74 -22.44
C ASP C 97 26.44 -6.12 -20.98
N PRO C 98 27.58 -5.69 -20.41
CA PRO C 98 27.93 -6.03 -19.04
C PRO C 98 27.13 -5.24 -18.00
N MET C 99 26.65 -4.03 -18.31
CA MET C 99 25.99 -3.16 -17.34
C MET C 99 24.63 -3.71 -16.93
N THR C 100 23.84 -4.19 -17.88
CA THR C 100 22.54 -4.83 -17.61
C THR C 100 22.67 -6.30 -17.25
N SER C 101 23.77 -6.97 -17.59
CA SER C 101 23.99 -8.36 -17.16
C SER C 101 24.26 -8.50 -15.66
N LEU C 102 24.84 -7.49 -15.01
CA LEU C 102 25.09 -7.48 -13.57
C LEU C 102 23.88 -7.01 -12.76
N ASN C 103 23.72 -7.54 -11.55
CA ASN C 103 22.59 -7.24 -10.66
C ASN C 103 22.76 -5.86 -10.02
N PRO C 104 21.84 -4.90 -10.19
CA PRO C 104 22.06 -3.53 -9.77
C PRO C 104 22.07 -3.31 -8.25
N CYS C 105 21.76 -4.32 -7.45
CA CYS C 105 21.58 -4.21 -6.00
C CYS C 105 22.53 -5.06 -5.16
N TYR C 106 23.70 -5.41 -5.65
CA TYR C 106 24.76 -6.04 -4.85
C TYR C 106 26.13 -5.47 -5.20
N THR C 107 27.08 -5.56 -4.26
CA THR C 107 28.47 -5.15 -4.48
C THR C 107 29.22 -6.18 -5.32
N VAL C 108 30.19 -5.75 -6.11
CA VAL C 108 30.98 -6.61 -6.99
C VAL C 108 31.63 -7.78 -6.25
N GLY C 109 32.04 -7.57 -5.01
CA GLY C 109 32.58 -8.64 -4.19
C GLY C 109 31.57 -9.74 -3.96
N PHE C 110 30.33 -9.43 -3.64
CA PHE C 110 29.30 -10.47 -3.48
C PHE C 110 29.00 -11.16 -4.81
N GLN C 111 28.90 -10.36 -5.86
CA GLN C 111 28.62 -10.80 -7.22
C GLN C 111 29.60 -11.88 -7.69
N ILE C 112 30.91 -11.70 -7.46
CA ILE C 112 31.97 -12.65 -7.79
C ILE C 112 32.07 -13.77 -6.73
N MET C 113 31.95 -13.44 -5.44
CA MET C 113 32.11 -14.43 -4.36
C MET C 113 30.96 -15.44 -4.26
N GLU C 114 29.79 -15.16 -4.83
CA GLU C 114 28.78 -16.18 -5.14
C GLU C 114 29.35 -17.26 -6.06
N ALA C 115 29.87 -16.89 -7.23
CA ALA C 115 30.37 -17.88 -8.17
C ALA C 115 31.52 -18.68 -7.55
N ILE C 116 32.44 -18.04 -6.83
CA ILE C 116 33.58 -18.74 -6.21
C ILE C 116 33.07 -19.75 -5.18
N LYS C 117 32.12 -19.37 -4.32
CA LYS C 117 31.45 -20.28 -3.37
C LYS C 117 30.80 -21.45 -4.09
N VAL C 118 30.07 -21.18 -5.16
CA VAL C 118 29.28 -22.22 -5.82
C VAL C 118 30.20 -23.22 -6.52
N HIS C 119 31.23 -22.75 -7.20
CA HIS C 119 32.02 -23.59 -8.08
C HIS C 119 33.31 -24.10 -7.47
N GLN C 120 33.74 -23.59 -6.32
CA GLN C 120 35.00 -24.01 -5.68
C GLN C 120 34.95 -24.11 -4.14
N GLY C 121 33.85 -23.71 -3.48
CA GLY C 121 33.52 -24.13 -2.12
C GLY C 121 34.35 -23.53 -0.98
N GLY C 122 35.11 -22.46 -1.22
CA GLY C 122 36.00 -21.86 -0.22
C GLY C 122 35.29 -21.20 0.97
N ASN C 123 36.01 -21.02 2.07
CA ASN C 123 35.55 -20.26 3.23
C ASN C 123 35.54 -18.73 2.97
N LYS C 124 34.96 -17.96 3.88
CA LYS C 124 34.74 -16.51 3.72
C LYS C 124 36.02 -15.70 3.46
N SER C 125 37.11 -16.03 4.14
CA SER C 125 38.42 -15.37 3.94
C SER C 125 39.09 -15.77 2.62
N THR C 126 38.96 -17.01 2.18
CA THR C 126 39.42 -17.46 0.85
C THR C 126 38.65 -16.79 -0.27
N ARG C 127 37.32 -16.70 -0.16
CA ARG C 127 36.48 -16.05 -1.18
C ARG C 127 36.86 -14.58 -1.37
N ARG C 128 37.15 -13.85 -0.29
CA ARG C 128 37.68 -12.48 -0.35
C ARG C 128 39.00 -12.43 -1.12
N GLN C 129 40.00 -13.17 -0.66
CA GLN C 129 41.34 -13.18 -1.27
C GLN C 129 41.30 -13.58 -2.75
N ARG C 130 40.45 -14.53 -3.12
CA ARG C 130 40.35 -15.05 -4.49
C ARG C 130 39.64 -14.10 -5.43
N ALA C 131 38.70 -13.29 -4.96
CA ALA C 131 38.15 -12.20 -5.75
C ALA C 131 39.17 -11.06 -5.93
N ILE C 132 39.97 -10.73 -4.92
CA ILE C 132 41.11 -9.80 -5.03
C ILE C 132 42.10 -10.27 -6.10
N ASP C 133 42.52 -11.54 -6.03
CA ASP C 133 43.43 -12.16 -6.98
C ASP C 133 42.90 -12.13 -8.42
N LEU C 134 41.64 -12.50 -8.62
CA LEU C 134 41.00 -12.52 -9.90
C LEU C 134 40.86 -11.14 -10.46
N LEU C 135 40.35 -10.18 -9.71
CA LEU C 135 40.23 -8.80 -10.20
C LEU C 135 41.60 -8.20 -10.49
N ASN C 136 42.62 -8.59 -9.73
CA ASN C 136 43.97 -8.21 -9.94
C ASN C 136 44.48 -8.66 -11.28
N GLN C 137 44.41 -9.93 -11.55
CA GLN C 137 44.88 -10.58 -12.71
C GLN C 137 44.12 -10.17 -13.94
N VAL C 138 42.90 -9.78 -13.82
CA VAL C 138 42.07 -9.21 -14.81
C VAL C 138 42.43 -7.80 -15.14
N GLY C 139 43.10 -7.10 -14.28
CA GLY C 139 43.51 -5.79 -14.41
C GLY C 139 42.68 -4.70 -13.88
N ILE C 140 42.28 -4.78 -12.66
CA ILE C 140 41.49 -3.88 -11.90
C ILE C 140 42.37 -2.86 -11.21
N PRO C 141 42.09 -1.53 -11.27
CA PRO C 141 42.97 -0.52 -10.67
C PRO C 141 43.29 -0.67 -9.17
N ASP C 142 42.35 -1.17 -8.37
CA ASP C 142 42.39 -1.27 -6.96
C ASP C 142 41.55 -2.38 -6.38
N PRO C 143 41.97 -3.64 -6.43
CA PRO C 143 41.10 -4.72 -5.99
C PRO C 143 40.50 -4.57 -4.62
N ALA C 144 41.28 -4.14 -3.63
CA ALA C 144 40.83 -4.10 -2.24
C ALA C 144 39.60 -3.20 -2.05
N SER C 145 39.54 -2.08 -2.76
CA SER C 145 38.50 -1.10 -2.67
C SER C 145 37.36 -1.30 -3.63
N ARG C 146 37.63 -1.85 -4.83
CA ARG C 146 36.62 -2.04 -5.89
C ARG C 146 35.65 -3.21 -5.64
N LEU C 147 35.93 -4.13 -4.73
CA LEU C 147 34.93 -5.13 -4.33
C LEU C 147 33.65 -4.49 -3.77
N ASP C 148 33.78 -3.38 -3.03
CA ASP C 148 32.68 -2.73 -2.34
C ASP C 148 31.87 -1.78 -3.25
N VAL C 149 32.12 -1.82 -4.56
CA VAL C 149 31.58 -0.89 -5.55
C VAL C 149 30.38 -1.51 -6.25
N TYR C 150 29.32 -0.75 -6.44
CA TYR C 150 28.12 -1.24 -7.11
C TYR C 150 28.30 -1.21 -8.62
N PRO C 151 27.67 -2.11 -9.40
CA PRO C 151 27.78 -2.12 -10.85
C PRO C 151 27.46 -0.82 -11.59
N HIS C 152 26.72 0.13 -11.01
CA HIS C 152 26.53 1.46 -11.63
C HIS C 152 27.66 2.44 -11.40
N GLN C 153 28.58 2.16 -10.47
CA GLN C 153 29.77 2.96 -10.14
C GLN C 153 31.04 2.50 -10.87
N LEU C 154 31.07 1.23 -11.31
CA LEU C 154 31.94 0.80 -12.41
C LEU C 154 31.56 1.57 -13.67
N SER C 155 32.52 1.85 -14.54
CA SER C 155 32.23 2.21 -15.93
C SER C 155 32.30 0.97 -16.83
N GLY C 156 31.86 1.10 -18.08
CA GLY C 156 31.59 -0.06 -18.93
C GLY C 156 32.74 -1.06 -19.00
N GLY C 157 33.94 -0.63 -19.37
CA GLY C 157 35.09 -1.51 -19.47
C GLY C 157 35.62 -2.07 -18.16
N MET C 158 35.22 -1.54 -17.01
CA MET C 158 35.46 -2.21 -15.71
C MET C 158 34.44 -3.31 -15.46
N SER C 159 33.14 -3.04 -15.69
CA SER C 159 32.07 -4.04 -15.53
C SER C 159 32.28 -5.25 -16.42
N GLN C 160 32.82 -5.06 -17.63
CA GLN C 160 33.18 -6.13 -18.54
C GLN C 160 34.30 -7.01 -17.98
N ARG C 161 35.38 -6.43 -17.45
CA ARG C 161 36.44 -7.19 -16.80
C ARG C 161 35.92 -7.93 -15.58
N VAL C 162 35.02 -7.33 -14.81
CA VAL C 162 34.40 -7.95 -13.62
C VAL C 162 33.61 -9.20 -13.98
N MET C 163 32.84 -9.17 -15.05
CA MET C 163 32.12 -10.38 -15.46
C MET C 163 33.00 -11.41 -16.16
N ILE C 164 34.06 -11.01 -16.87
CA ILE C 164 35.09 -11.97 -17.32
C ILE C 164 35.73 -12.64 -16.10
N ALA C 165 35.94 -11.88 -15.02
CA ALA C 165 36.52 -12.35 -13.83
C ALA C 165 35.70 -13.44 -13.19
N MET C 166 34.40 -13.19 -12.94
CA MET C 166 33.50 -14.19 -12.31
C MET C 166 33.21 -15.37 -13.23
N ALA C 167 33.22 -15.20 -14.55
CA ALA C 167 33.08 -16.30 -15.50
C ALA C 167 34.28 -17.24 -15.46
N ILE C 168 35.49 -16.70 -15.37
CA ILE C 168 36.70 -17.49 -15.13
C ILE C 168 36.63 -18.18 -13.77
N ALA C 169 36.00 -17.57 -12.75
CA ALA C 169 35.86 -18.22 -11.46
C ALA C 169 35.01 -19.49 -11.55
N CYS C 170 34.11 -19.61 -12.46
CA CYS C 170 33.25 -20.71 -12.68
C CYS C 170 33.98 -22.00 -12.92
N ARG C 171 35.21 -21.92 -13.42
CA ARG C 171 35.99 -23.08 -13.80
C ARG C 171 35.27 -23.90 -14.88
N PRO C 172 34.83 -23.27 -15.97
CA PRO C 172 34.02 -23.95 -16.95
C PRO C 172 34.74 -25.02 -17.72
N LYS C 173 34.04 -26.02 -18.28
CA LYS C 173 34.59 -26.90 -19.34
C LYS C 173 34.60 -26.19 -20.68
N LEU C 174 33.62 -25.30 -20.88
CA LEU C 174 33.41 -24.55 -22.05
C LEU C 174 32.99 -23.14 -21.77
N LEU C 175 33.75 -22.13 -22.15
CA LEU C 175 33.37 -20.74 -21.97
C LEU C 175 32.97 -20.15 -23.31
N ILE C 176 31.83 -19.49 -23.36
CA ILE C 176 31.42 -18.74 -24.52
C ILE C 176 31.67 -17.28 -24.23
N ALA C 177 32.61 -16.70 -24.97
CA ALA C 177 33.01 -15.33 -24.85
C ALA C 177 32.29 -14.50 -25.91
N ASP C 178 31.08 -14.03 -25.59
CA ASP C 178 30.37 -13.10 -26.45
C ASP C 178 30.98 -11.70 -26.39
N GLN C 179 31.97 -11.45 -27.26
CA GLN C 179 32.76 -10.22 -27.34
C GLN C 179 33.48 -9.82 -26.04
N PRO C 180 34.50 -10.56 -25.57
CA PRO C 180 35.17 -10.29 -24.29
C PRO C 180 36.09 -9.07 -24.30
N THR C 181 36.31 -8.44 -25.47
CA THR C 181 37.25 -7.32 -25.64
C THR C 181 36.62 -5.99 -26.03
N THR C 182 35.30 -5.90 -26.26
CA THR C 182 34.67 -4.75 -26.94
C THR C 182 34.95 -3.37 -26.32
N ALA C 183 34.75 -3.17 -25.01
CA ALA C 183 35.00 -1.89 -24.33
C ALA C 183 36.37 -1.80 -23.61
N LEU C 184 37.40 -2.52 -24.08
CA LEU C 184 38.69 -2.55 -23.52
C LEU C 184 39.73 -2.01 -24.46
N ASP C 185 40.64 -1.19 -23.92
CA ASP C 185 41.82 -0.68 -24.59
C ASP C 185 42.77 -1.82 -24.98
N VAL C 186 43.55 -1.69 -26.05
CA VAL C 186 44.41 -2.67 -26.58
C VAL C 186 45.39 -3.18 -25.56
N THR C 187 46.01 -2.27 -24.81
CA THR C 187 47.08 -2.62 -23.86
C THR C 187 46.58 -3.61 -22.81
N ILE C 188 45.26 -3.64 -22.57
CA ILE C 188 44.55 -4.52 -21.72
C ILE C 188 43.84 -5.66 -22.44
N GLN C 189 43.41 -5.47 -23.63
CA GLN C 189 42.93 -6.47 -24.52
C GLN C 189 43.90 -7.60 -24.60
N ALA C 190 45.18 -7.28 -24.77
CA ALA C 190 46.24 -8.27 -24.82
C ALA C 190 46.33 -9.07 -23.51
N GLN C 191 46.12 -8.44 -22.35
CA GLN C 191 46.10 -9.13 -21.06
C GLN C 191 44.92 -10.11 -20.93
N ILE C 192 43.71 -9.73 -21.38
CA ILE C 192 42.55 -10.54 -21.36
C ILE C 192 42.74 -11.75 -22.24
N ILE C 193 43.11 -11.52 -23.50
CA ILE C 193 43.25 -12.62 -24.46
C ILE C 193 44.36 -13.57 -23.99
N GLU C 194 45.48 -13.07 -23.47
CA GLU C 194 46.56 -13.94 -23.02
C GLU C 194 46.14 -14.76 -21.80
N LEU C 195 45.33 -14.20 -20.88
CA LEU C 195 44.76 -14.85 -19.77
C LEU C 195 43.88 -16.00 -20.19
N LEU C 196 42.95 -15.74 -21.12
CA LEU C 196 42.01 -16.75 -21.61
C LEU C 196 42.76 -17.89 -22.29
N LEU C 197 43.73 -17.58 -23.16
CA LEU C 197 44.55 -18.58 -23.85
C LEU C 197 45.49 -19.33 -22.89
N GLU C 198 45.84 -18.77 -21.74
CA GLU C 198 46.54 -19.40 -20.68
C GLU C 198 45.69 -20.43 -19.99
N LEU C 199 44.48 -20.11 -19.68
CA LEU C 199 43.48 -20.98 -19.19
C LEU C 199 43.26 -22.14 -20.11
N GLN C 200 43.04 -21.87 -21.36
CA GLN C 200 42.79 -22.77 -22.42
C GLN C 200 43.86 -23.81 -22.57
N GLN C 201 45.06 -23.55 -22.16
CA GLN C 201 46.22 -24.36 -22.15
C GLN C 201 46.46 -25.11 -20.87
N LYS C 202 46.32 -24.49 -19.75
CA LYS C 202 46.53 -25.00 -18.45
C LYS C 202 45.51 -26.02 -18.04
N GLU C 203 44.25 -25.73 -18.20
CA GLU C 203 43.11 -26.46 -17.76
C GLU C 203 42.36 -27.17 -18.85
N ASN C 204 42.87 -27.28 -20.04
CA ASN C 204 42.29 -27.94 -21.15
C ASN C 204 40.94 -27.36 -21.51
N MET C 205 40.60 -26.22 -21.01
CA MET C 205 39.42 -25.49 -21.23
C MET C 205 39.17 -25.23 -22.69
N ALA C 206 38.01 -25.43 -23.21
CA ALA C 206 37.52 -25.04 -24.47
C ALA C 206 37.03 -23.61 -24.45
N LEU C 207 36.92 -22.98 -25.62
CA LEU C 207 36.58 -21.56 -25.69
C LEU C 207 35.89 -21.24 -27.02
N VAL C 208 34.65 -20.79 -26.99
CA VAL C 208 33.96 -20.24 -28.16
C VAL C 208 34.07 -18.74 -28.07
N LEU C 209 34.82 -18.12 -28.97
CA LEU C 209 35.13 -16.69 -28.92
C LEU C 209 34.42 -15.95 -30.06
N ILE C 210 33.51 -15.05 -29.74
CA ILE C 210 32.72 -14.32 -30.72
C ILE C 210 33.31 -12.93 -30.86
N THR C 211 33.71 -12.50 -32.07
CA THR C 211 34.28 -11.16 -32.29
C THR C 211 33.78 -10.53 -33.58
N HIS C 212 33.68 -9.22 -33.60
CA HIS C 212 33.49 -8.44 -34.82
C HIS C 212 34.82 -8.02 -35.46
N ASP C 213 35.93 -8.07 -34.71
CA ASP C 213 37.29 -7.72 -35.14
C ASP C 213 38.14 -8.97 -35.37
N LEU C 214 38.73 -9.10 -36.57
CA LEU C 214 39.27 -10.34 -37.10
C LEU C 214 40.68 -10.67 -36.59
N ALA C 215 41.54 -9.68 -36.38
CA ALA C 215 42.94 -9.94 -36.05
C ALA C 215 43.11 -10.74 -34.74
N LEU C 216 42.25 -10.49 -33.75
CA LEU C 216 42.26 -11.21 -32.48
C LEU C 216 42.03 -12.71 -32.70
N VAL C 217 41.00 -13.08 -33.45
CA VAL C 217 40.69 -14.49 -33.73
C VAL C 217 41.63 -15.09 -34.77
N ALA C 218 42.22 -14.30 -35.67
CA ALA C 218 43.27 -14.78 -36.56
C ALA C 218 44.48 -15.28 -35.77
N GLU C 219 44.91 -14.53 -34.75
CA GLU C 219 45.98 -14.95 -33.86
C GLU C 219 45.53 -16.05 -32.90
N ALA C 220 44.39 -15.87 -32.24
CA ALA C 220 43.99 -16.72 -31.11
C ALA C 220 43.31 -18.04 -31.48
N ALA C 221 42.41 -18.04 -32.47
CA ALA C 221 41.56 -19.19 -32.76
C ALA C 221 42.29 -20.29 -33.53
N HIS C 222 41.86 -21.52 -33.33
CA HIS C 222 42.18 -22.71 -34.02
C HIS C 222 41.30 -22.96 -35.21
N LYS C 223 40.04 -22.90 -35.04
CA LYS C 223 38.95 -23.10 -35.92
C LYS C 223 38.02 -21.92 -35.96
N ILE C 224 37.52 -21.54 -37.13
CA ILE C 224 36.65 -20.38 -37.29
C ILE C 224 35.38 -20.78 -38.01
N ILE C 225 34.24 -20.34 -37.48
CA ILE C 225 32.91 -20.48 -38.04
C ILE C 225 32.45 -19.10 -38.50
N VAL C 226 32.04 -18.95 -39.74
CA VAL C 226 31.50 -17.68 -40.23
C VAL C 226 29.99 -17.81 -40.34
N MET C 227 29.24 -16.94 -39.68
CA MET C 227 27.79 -16.91 -39.71
C MET C 227 27.29 -15.71 -40.48
N TYR C 228 26.38 -15.92 -41.41
CA TYR C 228 25.68 -14.86 -42.10
C TYR C 228 24.18 -15.17 -42.23
N ALA C 229 23.33 -14.18 -41.97
CA ALA C 229 21.87 -14.26 -42.08
C ALA C 229 21.18 -15.42 -41.35
N GLY C 230 21.86 -16.06 -40.39
CA GLY C 230 21.33 -17.14 -39.57
C GLY C 230 22.01 -18.48 -39.77
N GLN C 231 22.89 -18.62 -40.77
CA GLN C 231 23.47 -19.90 -41.18
C GLN C 231 24.98 -19.83 -41.34
N VAL C 232 25.66 -20.96 -41.14
CA VAL C 232 27.12 -21.06 -41.30
C VAL C 232 27.46 -21.01 -42.78
N VAL C 233 28.15 -19.96 -43.21
CA VAL C 233 28.57 -19.77 -44.61
C VAL C 233 29.96 -20.31 -44.90
N GLU C 234 30.86 -20.37 -43.91
CA GLU C 234 32.21 -20.89 -44.08
C GLU C 234 32.74 -21.52 -42.79
N THR C 235 33.65 -22.47 -42.89
CA THR C 235 34.33 -23.11 -41.77
C THR C 235 35.70 -23.66 -42.19
N GLY C 236 36.68 -23.67 -41.28
CA GLY C 236 37.95 -24.16 -41.44
C GLY C 236 38.99 -23.77 -40.47
N ASP C 237 40.24 -23.98 -40.73
CA ASP C 237 41.36 -23.59 -39.98
C ASP C 237 41.48 -22.08 -39.91
N ALA C 238 41.89 -21.51 -38.83
CA ALA C 238 41.97 -20.12 -38.57
C ALA C 238 42.86 -19.41 -39.56
N HIS C 239 44.09 -19.79 -39.63
CA HIS C 239 45.10 -19.21 -40.44
C HIS C 239 44.75 -19.22 -41.91
N ALA C 240 44.29 -20.33 -42.42
CA ALA C 240 43.93 -20.56 -43.76
C ALA C 240 42.87 -19.61 -44.23
N ILE C 241 41.85 -19.43 -43.47
CA ILE C 241 40.64 -18.77 -43.80
C ILE C 241 40.89 -17.37 -44.31
N PHE C 242 41.63 -16.57 -43.55
CA PHE C 242 41.84 -15.17 -43.88
C PHE C 242 42.87 -14.95 -45.00
N HIS C 243 43.76 -15.92 -45.23
CA HIS C 243 44.65 -15.95 -46.33
C HIS C 243 43.96 -16.30 -47.63
N ALA C 244 43.03 -17.24 -47.60
CA ALA C 244 42.37 -17.77 -48.80
C ALA C 244 40.87 -17.99 -48.52
N PRO C 245 40.00 -16.99 -48.73
CA PRO C 245 38.58 -17.10 -48.43
C PRO C 245 37.86 -17.96 -49.48
N ARG C 246 37.02 -18.93 -49.08
CA ARG C 246 36.25 -19.77 -50.01
C ARG C 246 34.88 -19.22 -50.36
N HIS C 247 34.24 -18.53 -49.44
CA HIS C 247 32.89 -18.00 -49.61
C HIS C 247 32.92 -16.51 -49.97
N PRO C 248 32.11 -15.99 -50.91
CA PRO C 248 32.13 -14.59 -51.28
C PRO C 248 31.87 -13.63 -50.12
N TYR C 249 31.20 -14.09 -49.06
CA TYR C 249 30.96 -13.28 -47.88
C TYR C 249 32.24 -12.98 -47.09
N THR C 250 33.08 -13.98 -46.81
CA THR C 250 34.35 -13.71 -46.13
C THR C 250 35.26 -12.84 -46.98
N GLN C 251 35.26 -13.00 -48.29
CA GLN C 251 36.06 -12.13 -49.16
C GLN C 251 35.60 -10.68 -49.02
N ALA C 252 34.28 -10.45 -49.03
CA ALA C 252 33.69 -9.14 -48.87
C ALA C 252 33.72 -8.58 -47.45
N LEU C 253 33.97 -9.43 -46.45
CA LEU C 253 34.21 -9.05 -45.06
C LEU C 253 35.63 -8.56 -44.84
N LEU C 254 36.64 -9.26 -45.38
CA LEU C 254 38.05 -8.89 -45.22
C LEU C 254 38.47 -7.67 -46.03
N ARG C 255 37.89 -7.47 -47.21
CA ARG C 255 38.19 -6.34 -48.10
C ARG C 255 37.71 -4.99 -47.58
N ALA C 256 36.92 -4.95 -46.51
CA ALA C 256 36.39 -3.70 -45.95
C ALA C 256 37.27 -3.08 -44.85
N LEU C 257 38.27 -3.80 -44.33
CA LEU C 257 39.09 -3.38 -43.17
C LEU C 257 39.90 -2.08 -43.43
N PRO C 258 40.18 -1.29 -42.37
CA PRO C 258 40.96 -0.04 -42.47
C PRO C 258 42.35 -0.20 -43.10
N GLU C 259 43.00 -1.37 -42.96
CA GLU C 259 44.29 -1.67 -43.60
C GLU C 259 44.31 -1.51 -45.14
N PHE C 260 43.15 -1.45 -45.80
CA PHE C 260 43.00 -1.40 -47.25
C PHE C 260 42.51 -0.06 -47.80
N ALA C 261 42.67 1.04 -47.04
CA ALA C 261 42.41 2.39 -47.53
C ALA C 261 43.35 3.43 -46.90
N GLN C 262 43.59 4.55 -47.57
CA GLN C 262 44.34 5.67 -47.00
C GLN C 262 43.48 6.48 -46.01
N ASP C 263 44.11 7.20 -45.09
CA ASP C 263 43.46 8.03 -44.10
C ASP C 263 42.41 8.97 -44.72
N LYS C 264 41.20 8.99 -44.17
CA LYS C 264 40.05 9.81 -44.61
C LYS C 264 39.48 9.51 -46.01
N GLU C 265 39.89 8.42 -46.67
CA GLU C 265 39.12 7.85 -47.79
C GLU C 265 37.81 7.21 -47.30
N ARG C 266 36.77 7.20 -48.12
CA ARG C 266 35.55 6.42 -47.83
C ARG C 266 35.79 4.93 -48.01
N LEU C 267 35.57 4.16 -46.96
CA LEU C 267 35.87 2.74 -46.90
C LEU C 267 34.95 1.93 -47.82
N ALA C 268 35.45 0.81 -48.34
CA ALA C 268 34.66 -0.18 -49.07
C ALA C 268 33.74 -1.00 -48.15
N SER C 269 32.65 -1.53 -48.71
CA SER C 269 31.67 -2.36 -48.01
C SER C 269 30.87 -3.20 -49.01
N LEU C 270 30.12 -4.20 -48.52
CA LEU C 270 29.17 -4.95 -49.34
C LEU C 270 27.78 -4.30 -49.24
N PRO C 271 27.21 -3.73 -50.30
CA PRO C 271 25.97 -2.96 -50.21
C PRO C 271 24.74 -3.82 -49.88
N GLY C 272 23.61 -3.17 -49.59
CA GLY C 272 22.37 -3.85 -49.17
C GLY C 272 22.31 -4.17 -47.68
N VAL C 273 21.33 -5.01 -47.31
CA VAL C 273 20.96 -5.28 -45.91
C VAL C 273 20.63 -6.75 -45.73
N VAL C 274 20.78 -7.28 -44.50
CA VAL C 274 20.48 -8.68 -44.16
C VAL C 274 19.00 -8.98 -44.49
N PRO C 275 18.62 -10.20 -44.91
CA PRO C 275 17.23 -10.51 -45.20
C PRO C 275 16.35 -10.37 -43.94
N GLY C 276 15.12 -9.90 -44.11
CA GLY C 276 14.14 -9.80 -43.04
C GLY C 276 13.36 -11.11 -42.83
N LYS C 277 12.12 -10.99 -42.37
CA LYS C 277 11.10 -12.05 -42.53
C LYS C 277 10.17 -11.80 -43.71
N TYR C 278 10.07 -10.57 -44.20
CA TYR C 278 9.13 -10.21 -45.28
C TYR C 278 9.76 -10.03 -46.67
N ASP C 279 11.09 -9.97 -46.79
CA ASP C 279 11.82 -9.87 -48.01
C ASP C 279 12.88 -10.92 -48.19
N ARG C 280 12.84 -12.01 -47.42
CA ARG C 280 13.83 -13.09 -47.47
C ARG C 280 13.78 -13.81 -48.80
N PRO C 281 14.84 -13.77 -49.63
CA PRO C 281 14.85 -14.46 -50.90
C PRO C 281 15.11 -15.92 -50.82
N ASN C 282 14.52 -16.72 -51.64
CA ASN C 282 14.72 -18.11 -51.80
C ASN C 282 16.10 -18.41 -52.32
N GLY C 283 16.61 -19.60 -52.05
CA GLY C 283 17.94 -19.99 -52.49
C GLY C 283 19.03 -19.48 -51.56
N CYS C 284 20.14 -19.00 -52.10
CA CYS C 284 21.21 -18.40 -51.30
C CYS C 284 20.79 -17.02 -50.77
N LEU C 285 20.87 -16.80 -49.46
CA LEU C 285 20.42 -15.54 -48.84
C LEU C 285 21.26 -14.32 -49.25
N LEU C 286 22.53 -14.53 -49.55
CA LEU C 286 23.47 -13.59 -50.05
C LEU C 286 23.19 -13.17 -51.46
N ASN C 287 22.28 -13.78 -52.15
CA ASN C 287 21.90 -13.53 -53.48
C ASN C 287 21.79 -12.08 -53.82
N PRO C 288 21.01 -11.29 -53.08
CA PRO C 288 20.86 -9.88 -53.38
C PRO C 288 22.12 -9.07 -53.35
N ARG C 289 23.14 -9.53 -52.59
CA ARG C 289 24.36 -8.77 -52.30
C ARG C 289 25.62 -9.35 -52.96
N CYS C 290 25.69 -10.66 -53.15
CA CYS C 290 26.78 -11.35 -53.73
C CYS C 290 27.05 -10.84 -55.13
N PRO C 291 28.29 -10.56 -55.53
CA PRO C 291 28.59 -10.21 -56.90
C PRO C 291 28.73 -11.35 -57.86
N TYR C 292 28.77 -12.60 -57.41
CA TYR C 292 28.97 -13.77 -58.26
C TYR C 292 27.69 -14.59 -58.43
N ALA C 293 26.55 -14.05 -58.02
CA ALA C 293 25.26 -14.72 -58.01
C ALA C 293 24.82 -15.16 -59.42
N THR C 294 24.85 -16.48 -59.64
CA THR C 294 24.23 -17.12 -60.80
C THR C 294 22.78 -17.47 -60.49
N ASP C 295 22.08 -17.99 -61.49
CA ASP C 295 20.75 -18.44 -61.44
C ASP C 295 20.57 -19.61 -60.51
N ARG C 296 21.58 -20.49 -60.35
CA ARG C 296 21.54 -21.56 -59.34
C ARG C 296 21.49 -20.99 -57.94
N CYS C 297 22.15 -19.87 -57.70
CA CYS C 297 22.14 -19.17 -56.43
C CYS C 297 20.75 -18.66 -56.07
N ARG C 298 20.01 -18.18 -57.07
CA ARG C 298 18.67 -17.73 -56.96
C ARG C 298 17.69 -18.85 -56.77
N ALA C 299 17.88 -19.97 -57.48
CA ALA C 299 16.95 -21.09 -57.50
C ALA C 299 17.11 -22.08 -56.37
N GLU C 300 18.33 -22.42 -55.96
CA GLU C 300 18.63 -23.49 -55.00
C GLU C 300 19.52 -23.00 -53.85
N GLU C 301 19.18 -23.34 -52.61
CA GLU C 301 20.04 -23.05 -51.47
C GLU C 301 21.25 -23.98 -51.49
N PRO C 302 22.49 -23.49 -51.51
CA PRO C 302 23.65 -24.34 -51.57
C PRO C 302 23.78 -25.21 -50.33
N ALA C 303 24.24 -26.44 -50.51
CA ALA C 303 24.64 -27.29 -49.40
C ALA C 303 25.89 -26.74 -48.71
N LEU C 304 26.15 -27.16 -47.47
CA LEU C 304 27.41 -26.90 -46.80
C LEU C 304 28.50 -27.81 -47.38
N ASN C 305 28.98 -27.44 -48.57
CA ASN C 305 29.94 -28.20 -49.36
C ASN C 305 31.31 -28.28 -48.67
N MET C 306 31.91 -29.46 -48.64
CA MET C 306 33.25 -29.68 -48.07
C MET C 306 34.30 -29.79 -49.18
N LEU C 307 35.31 -28.93 -49.14
CA LEU C 307 36.43 -28.90 -50.08
C LEU C 307 37.48 -29.96 -49.71
N ALA C 308 38.42 -30.21 -50.61
CA ALA C 308 39.49 -31.19 -50.42
C ALA C 308 40.53 -30.74 -49.38
N ASP C 309 40.68 -29.43 -49.15
CA ASP C 309 41.59 -28.87 -48.13
C ASP C 309 41.05 -28.99 -46.69
N GLY C 310 39.95 -29.72 -46.50
CA GLY C 310 39.30 -29.98 -45.22
C GLY C 310 38.28 -28.93 -44.77
N ARG C 311 38.20 -27.78 -45.45
CA ARG C 311 37.29 -26.68 -45.14
C ARG C 311 35.88 -26.88 -45.70
N GLN C 312 34.94 -26.04 -45.29
CA GLN C 312 33.55 -26.09 -45.74
C GLN C 312 33.07 -24.71 -46.16
N SER C 313 32.32 -24.59 -47.25
CA SER C 313 31.67 -23.33 -47.62
C SER C 313 30.30 -23.55 -48.26
N LYS C 314 29.29 -22.80 -47.79
CA LYS C 314 27.89 -22.94 -48.19
C LYS C 314 27.67 -22.16 -49.47
N CYS C 315 28.30 -22.64 -50.54
CA CYS C 315 28.36 -21.95 -51.83
C CYS C 315 28.36 -22.95 -53.01
N HIS C 316 27.70 -22.58 -54.11
CA HIS C 316 27.66 -23.36 -55.37
C HIS C 316 28.98 -23.35 -56.14
N TYR C 317 29.80 -22.31 -55.97
CA TYR C 317 31.05 -22.12 -56.70
C TYR C 317 32.16 -21.54 -55.82
N PRO C 318 32.79 -22.34 -54.93
CA PRO C 318 33.83 -21.85 -54.04
C PRO C 318 34.96 -21.13 -54.76
N LEU C 319 35.42 -20.01 -54.20
CA LEU C 319 36.51 -19.19 -54.73
C LEU C 319 37.85 -19.94 -54.71
N ASP C 320 38.67 -19.71 -55.73
CA ASP C 320 40.02 -20.24 -55.84
C ASP C 320 40.99 -19.47 -54.93
N ASP C 321 42.28 -19.84 -54.97
CA ASP C 321 43.29 -19.21 -54.14
C ASP C 321 43.68 -17.79 -54.60
N ALA C 322 43.03 -17.23 -55.62
CA ALA C 322 43.41 -15.95 -56.24
C ALA C 322 42.27 -14.92 -56.34
N GLY C 323 41.02 -15.33 -56.13
CA GLY C 323 39.88 -14.42 -55.95
C GLY C 323 38.67 -14.68 -56.84
N ARG C 324 38.57 -15.83 -57.53
CA ARG C 324 37.46 -16.14 -58.46
C ARG C 324 36.88 -17.56 -58.30
N PRO C 325 35.59 -17.82 -58.54
CA PRO C 325 34.94 -19.11 -58.35
C PRO C 325 35.70 -20.34 -58.89
N GLN D 9 38.19 34.57 -33.05
CA GLN D 9 36.92 33.98 -32.72
C GLN D 9 37.10 32.80 -31.80
N GLN D 10 36.21 32.57 -30.88
CA GLN D 10 36.27 31.55 -29.90
C GLN D 10 35.98 30.19 -30.48
N PRO D 11 36.71 29.15 -30.09
CA PRO D 11 36.49 27.83 -30.65
C PRO D 11 35.10 27.31 -30.45
N LEU D 12 34.63 26.35 -31.26
CA LEU D 12 33.28 25.79 -31.14
C LEU D 12 33.02 25.25 -29.74
N LEU D 13 33.98 24.52 -29.18
CA LEU D 13 34.00 23.97 -27.88
C LEU D 13 35.34 24.10 -27.22
N GLN D 14 35.44 24.47 -25.98
CA GLN D 14 36.59 24.72 -25.20
C GLN D 14 36.47 24.22 -23.80
N ALA D 15 37.46 23.49 -23.32
CA ALA D 15 37.52 22.99 -21.96
C ALA D 15 38.82 23.46 -21.29
N ILE D 16 38.72 23.89 -20.04
CA ILE D 16 39.71 24.49 -19.23
C ILE D 16 39.79 23.81 -17.88
N ASP D 17 40.66 22.90 -17.65
CA ASP D 17 40.91 22.30 -16.39
C ASP D 17 39.66 21.70 -15.79
N LEU D 18 38.91 20.93 -16.58
CA LEU D 18 37.70 20.25 -16.12
C LEU D 18 38.04 19.18 -15.11
N LYS D 19 37.39 19.20 -13.96
CA LYS D 19 37.49 18.30 -12.88
C LYS D 19 36.17 17.72 -12.45
N LYS D 20 36.13 16.43 -12.15
CA LYS D 20 34.95 15.73 -11.64
C LYS D 20 35.41 14.70 -10.63
N HIS D 21 34.96 14.79 -9.40
CA HIS D 21 35.23 13.98 -8.29
C HIS D 21 34.00 13.29 -7.78
N TYR D 22 34.01 11.96 -7.63
CA TYR D 22 32.82 11.21 -7.23
C TYR D 22 32.92 10.72 -5.78
N PRO D 23 31.95 11.03 -4.90
CA PRO D 23 31.95 10.58 -3.52
C PRO D 23 31.58 9.10 -3.45
N VAL D 24 32.41 8.30 -2.80
CA VAL D 24 32.18 6.87 -2.59
C VAL D 24 32.14 6.57 -1.10
N LYS D 25 30.99 6.10 -0.63
CA LYS D 25 30.73 5.66 0.69
C LYS D 25 30.63 4.16 0.77
N LYS D 26 31.40 3.50 1.60
CA LYS D 26 31.39 2.09 1.76
C LYS D 26 30.03 1.55 2.10
N GLY D 27 29.19 2.33 2.69
CA GLY D 27 27.88 2.02 3.06
C GLY D 27 27.03 3.15 3.48
N MET D 28 25.80 2.89 3.94
CA MET D 28 24.91 3.94 4.42
C MET D 28 25.53 4.69 5.62
N PHE D 29 26.30 3.99 6.46
CA PHE D 29 27.15 4.61 7.47
C PHE D 29 28.58 4.13 7.21
N ALA D 30 29.47 5.00 6.84
CA ALA D 30 30.83 4.75 6.53
C ALA D 30 31.63 6.00 6.24
N PRO D 31 32.95 6.02 6.44
CA PRO D 31 33.75 7.15 5.98
C PRO D 31 33.67 7.34 4.49
N GLU D 32 33.67 8.55 4.01
CA GLU D 32 33.54 8.93 2.65
C GLU D 32 34.87 9.00 1.94
N ARG D 33 35.04 8.35 0.82
CA ARG D 33 36.12 8.45 -0.09
C ARG D 33 35.78 9.38 -1.25
N LEU D 34 36.74 9.73 -2.05
CA LEU D 34 36.65 10.58 -3.20
C LEU D 34 37.41 10.01 -4.36
N VAL D 35 36.74 9.46 -5.39
CA VAL D 35 37.39 8.90 -6.58
C VAL D 35 37.83 10.02 -7.51
N LYS D 36 39.10 10.02 -7.91
CA LYS D 36 39.68 11.01 -8.82
C LYS D 36 39.38 10.64 -10.28
N ALA D 37 38.24 11.09 -10.80
CA ALA D 37 37.70 10.66 -12.10
C ALA D 37 38.10 11.54 -13.29
N LEU D 38 38.38 12.81 -13.09
CA LEU D 38 38.91 13.72 -14.10
C LEU D 38 39.62 14.87 -13.35
N ASP D 39 40.90 15.13 -13.68
CA ASP D 39 41.89 15.91 -13.04
C ASP D 39 42.39 17.08 -13.84
N GLY D 40 41.56 17.78 -14.53
CA GLY D 40 41.86 18.94 -15.22
C GLY D 40 42.24 18.90 -16.64
N VAL D 41 41.46 18.18 -17.43
CA VAL D 41 41.67 18.10 -18.88
C VAL D 41 41.34 19.45 -19.53
N SER D 42 42.09 19.80 -20.56
CA SER D 42 42.04 20.96 -21.36
C SER D 42 42.22 20.69 -22.83
N PHE D 43 41.32 21.22 -23.66
CA PHE D 43 41.38 21.15 -25.12
C PHE D 43 40.49 22.18 -25.79
N ASN D 44 40.74 22.43 -27.07
CA ASN D 44 39.90 23.21 -27.96
C ASN D 44 39.44 22.35 -29.14
N LEU D 45 38.22 22.57 -29.63
CA LEU D 45 37.59 21.84 -30.73
C LEU D 45 36.93 22.84 -31.68
N GLU D 46 36.98 22.62 -32.99
CA GLU D 46 36.51 23.56 -34.01
C GLU D 46 35.57 22.90 -35.02
N ARG D 47 34.75 23.68 -35.75
CA ARG D 47 33.76 23.15 -36.70
C ARG D 47 34.44 22.28 -37.75
N GLY D 48 33.94 21.05 -37.92
CA GLY D 48 34.46 20.07 -38.88
C GLY D 48 35.56 19.15 -38.35
N LYS D 49 36.07 19.35 -37.13
CA LYS D 49 37.17 18.54 -36.57
C LYS D 49 36.70 17.31 -35.79
N THR D 50 37.52 16.28 -35.77
CA THR D 50 37.44 15.19 -34.80
C THR D 50 38.55 15.31 -33.77
N LEU D 51 38.21 15.36 -32.48
CA LEU D 51 39.13 15.06 -31.39
C LEU D 51 38.91 13.62 -30.94
N ALA D 52 39.77 12.71 -31.33
CA ALA D 52 39.75 11.36 -30.80
C ALA D 52 40.26 11.34 -29.36
N VAL D 53 39.59 10.62 -28.47
CA VAL D 53 40.01 10.46 -27.08
C VAL D 53 40.27 8.98 -26.83
N VAL D 54 41.49 8.66 -26.47
CA VAL D 54 41.99 7.30 -26.30
C VAL D 54 42.78 7.19 -25.01
N GLY D 55 43.02 5.96 -24.56
CA GLY D 55 43.76 5.70 -23.35
C GLY D 55 43.11 4.61 -22.52
N GLU D 56 43.54 4.43 -21.28
CA GLU D 56 43.20 3.27 -20.48
C GLU D 56 41.69 3.06 -20.34
N SER D 57 41.27 1.81 -20.17
CA SER D 57 39.87 1.54 -19.85
C SER D 57 39.66 1.77 -18.35
N GLY D 58 39.07 2.90 -18.00
CA GLY D 58 38.97 3.41 -16.63
C GLY D 58 39.90 4.59 -16.35
N CYS D 59 39.83 5.65 -17.16
CA CYS D 59 40.71 6.82 -17.08
C CYS D 59 40.03 8.20 -17.30
N GLY D 60 38.71 8.28 -17.34
CA GLY D 60 37.95 9.54 -17.32
C GLY D 60 37.15 9.84 -18.59
N LYS D 61 37.09 8.93 -19.56
CA LYS D 61 36.65 9.28 -20.93
C LYS D 61 35.14 9.52 -21.01
N SER D 62 34.31 8.58 -20.55
CA SER D 62 32.87 8.80 -20.45
C SER D 62 32.55 9.91 -19.47
N THR D 63 33.29 10.06 -18.36
CA THR D 63 33.10 11.17 -17.42
C THR D 63 33.28 12.50 -18.13
N LEU D 64 34.34 12.65 -18.91
CA LEU D 64 34.55 13.83 -19.74
C LEU D 64 33.40 14.00 -20.73
N GLY D 65 32.91 12.92 -21.31
CA GLY D 65 31.75 12.97 -22.21
C GLY D 65 30.49 13.51 -21.54
N ARG D 66 30.24 13.12 -20.28
CA ARG D 66 29.05 13.56 -19.53
C ARG D 66 29.14 15.02 -19.10
N LEU D 67 30.33 15.56 -18.86
CA LEU D 67 30.53 17.00 -18.67
C LEU D 67 30.25 17.76 -19.96
N LEU D 68 30.85 17.35 -21.08
CA LEU D 68 30.78 18.05 -22.36
C LEU D 68 29.36 18.14 -22.92
N THR D 69 28.57 17.08 -22.75
CA THR D 69 27.15 17.01 -23.16
C THR D 69 26.17 17.61 -22.15
N MET D 70 26.65 18.16 -21.03
CA MET D 70 25.84 18.72 -19.95
C MET D 70 24.95 17.69 -19.22
N ILE D 71 25.33 16.41 -19.23
CA ILE D 71 24.68 15.38 -18.40
C ILE D 71 24.99 15.63 -16.92
N GLU D 72 26.16 16.16 -16.59
CA GLU D 72 26.62 16.57 -15.25
C GLU D 72 27.42 17.87 -15.30
N MET D 73 27.41 18.69 -14.23
CA MET D 73 28.24 19.81 -14.02
C MET D 73 29.50 19.45 -13.26
N PRO D 74 30.65 20.00 -13.61
CA PRO D 74 31.91 19.57 -13.03
C PRO D 74 32.16 20.07 -11.64
N THR D 75 33.06 19.45 -10.92
CA THR D 75 33.62 19.87 -9.68
C THR D 75 34.80 20.80 -9.91
N GLY D 76 34.56 21.97 -10.42
CA GLY D 76 35.52 22.89 -10.86
C GLY D 76 35.84 22.86 -12.31
N GLY D 77 36.59 23.80 -12.79
CA GLY D 77 36.87 24.00 -14.14
C GLY D 77 35.82 24.71 -14.90
N GLU D 78 36.03 25.05 -16.13
CA GLU D 78 35.23 25.79 -17.02
C GLU D 78 35.03 25.11 -18.35
N LEU D 79 33.99 25.37 -19.04
CA LEU D 79 33.55 24.79 -20.26
C LEU D 79 32.76 25.76 -21.09
N TYR D 80 33.11 26.04 -22.31
CA TYR D 80 32.61 27.03 -23.19
C TYR D 80 32.22 26.50 -24.54
N TYR D 81 31.11 26.88 -25.08
CA TYR D 81 30.57 26.61 -26.36
C TYR D 81 30.35 27.87 -27.14
N GLN D 82 31.02 28.10 -28.23
CA GLN D 82 30.91 29.28 -29.01
C GLN D 82 31.09 30.53 -28.19
N GLY D 83 31.86 30.48 -27.15
CA GLY D 83 32.06 31.52 -26.24
C GLY D 83 31.03 31.76 -25.20
N GLN D 84 30.11 30.89 -25.01
CA GLN D 84 29.05 30.87 -24.07
C GLN D 84 29.26 29.85 -22.99
N ASP D 85 29.29 30.19 -21.74
CA ASP D 85 29.47 29.32 -20.64
C ASP D 85 28.39 28.26 -20.62
N LEU D 86 28.69 27.02 -20.45
CA LEU D 86 27.82 25.92 -20.31
C LEU D 86 27.38 25.63 -18.91
N LEU D 87 28.22 25.85 -17.94
CA LEU D 87 28.03 25.56 -16.56
C LEU D 87 27.18 26.57 -15.83
N LYS D 88 27.20 27.82 -16.30
CA LYS D 88 26.37 28.87 -15.72
C LYS D 88 24.97 28.72 -16.28
N HIS D 89 24.09 28.09 -15.56
CA HIS D 89 22.76 27.76 -15.96
C HIS D 89 22.02 28.98 -16.44
N ASP D 90 21.66 29.07 -17.68
CA ASP D 90 20.80 30.03 -18.29
C ASP D 90 19.53 29.36 -18.77
N PRO D 91 18.46 29.30 -17.98
CA PRO D 91 17.26 28.57 -18.43
C PRO D 91 16.72 29.06 -19.77
N GLN D 92 16.77 30.37 -20.02
CA GLN D 92 16.23 30.89 -21.27
C GLN D 92 17.02 30.39 -22.47
N ALA D 93 18.33 30.37 -22.41
CA ALA D 93 19.20 29.97 -23.46
C ALA D 93 19.30 28.47 -23.63
N GLN D 94 19.14 27.71 -22.60
CA GLN D 94 19.27 26.29 -22.58
C GLN D 94 18.39 25.64 -23.63
N LYS D 95 17.29 26.24 -23.97
CA LYS D 95 16.37 25.76 -24.95
C LYS D 95 17.03 25.59 -26.30
N LEU D 96 17.80 26.56 -26.72
CA LEU D 96 18.48 26.61 -27.97
C LEU D 96 19.73 25.76 -27.99
N ARG D 97 20.52 25.80 -26.97
CA ARG D 97 21.78 25.14 -26.87
C ARG D 97 21.65 23.65 -26.71
N ARG D 98 20.54 23.17 -26.21
CA ARG D 98 20.34 21.82 -25.81
C ARG D 98 20.55 20.84 -26.95
N GLN D 99 20.00 21.12 -28.10
CA GLN D 99 20.04 20.30 -29.25
C GLN D 99 21.39 20.27 -29.94
N LYS D 100 22.08 21.36 -30.01
CA LYS D 100 23.31 21.54 -30.68
C LYS D 100 24.40 20.63 -30.22
N ILE D 101 24.34 20.09 -29.01
CA ILE D 101 25.31 19.13 -28.47
C ILE D 101 24.60 17.82 -28.19
N GLN D 102 25.08 16.69 -28.70
CA GLN D 102 24.45 15.37 -28.54
C GLN D 102 25.42 14.28 -28.08
N ILE D 103 24.87 13.17 -27.61
CA ILE D 103 25.56 12.03 -27.02
C ILE D 103 25.27 10.77 -27.83
N VAL D 104 26.23 9.87 -27.92
CA VAL D 104 25.98 8.45 -28.24
C VAL D 104 26.51 7.65 -27.06
N PHE D 105 25.65 6.88 -26.38
CA PHE D 105 25.98 6.24 -25.12
C PHE D 105 26.83 4.98 -25.30
N GLN D 106 27.72 4.71 -24.34
CA GLN D 106 28.39 3.42 -24.23
C GLN D 106 27.44 2.39 -23.60
N ASN D 107 27.46 1.15 -24.09
CA ASN D 107 26.48 0.11 -23.75
C ASN D 107 25.02 0.62 -23.87
N PRO D 108 24.56 1.00 -25.08
CA PRO D 108 23.39 1.85 -25.24
C PRO D 108 22.04 1.22 -24.95
N TYR D 109 21.93 -0.08 -24.61
CA TYR D 109 20.66 -0.69 -24.25
C TYR D 109 19.96 0.05 -23.10
N GLY D 110 20.69 0.38 -22.05
CA GLY D 110 20.13 1.14 -20.92
C GLY D 110 19.65 2.54 -21.32
N SER D 111 20.19 3.11 -22.40
CA SER D 111 19.76 4.41 -22.92
C SER D 111 18.47 4.35 -23.74
N LEU D 112 17.91 3.17 -24.00
CA LEU D 112 16.67 2.94 -24.75
C LEU D 112 15.56 2.59 -23.77
N ASN D 113 14.44 3.30 -23.83
CA ASN D 113 13.33 3.11 -22.89
C ASN D 113 12.61 1.81 -23.21
N PRO D 114 12.56 0.83 -22.28
CA PRO D 114 12.07 -0.51 -22.58
C PRO D 114 10.66 -0.59 -23.13
N ARG D 115 9.79 0.36 -22.79
CA ARG D 115 8.37 0.30 -23.14
C ARG D 115 7.99 1.30 -24.21
N LYS D 116 8.85 1.50 -25.19
CA LYS D 116 8.55 2.32 -26.35
C LYS D 116 9.21 1.74 -27.59
N LYS D 117 8.44 1.58 -28.65
CA LYS D 117 8.98 1.07 -29.91
C LYS D 117 10.03 2.04 -30.44
N VAL D 118 11.08 1.51 -31.00
CA VAL D 118 12.20 2.24 -31.48
C VAL D 118 11.79 3.36 -32.40
N GLY D 119 10.68 3.19 -33.11
CA GLY D 119 10.16 4.28 -33.90
C GLY D 119 9.88 5.51 -33.07
N GLN D 120 9.23 5.32 -31.91
CA GLN D 120 8.99 6.43 -31.01
C GLN D 120 10.29 7.01 -30.48
N ILE D 121 11.25 6.15 -30.14
CA ILE D 121 12.54 6.64 -29.65
C ILE D 121 13.16 7.58 -30.67
N LEU D 122 13.24 7.22 -31.92
CA LEU D 122 13.77 7.98 -32.97
C LEU D 122 13.00 9.23 -33.27
N GLU D 123 11.67 9.14 -33.13
CA GLU D 123 10.83 10.29 -33.44
C GLU D 123 10.89 11.35 -32.34
N GLU D 124 11.17 10.94 -31.10
CA GLU D 124 11.11 11.87 -29.97
C GLU D 124 11.95 13.12 -30.18
N PRO D 125 13.22 13.04 -30.60
CA PRO D 125 13.97 14.28 -30.82
C PRO D 125 13.31 15.21 -31.83
N LEU D 126 12.87 14.68 -32.97
CA LEU D 126 12.18 15.50 -33.95
C LEU D 126 10.87 16.03 -33.40
N LEU D 127 10.15 15.21 -32.63
CA LEU D 127 8.90 15.67 -32.03
C LEU D 127 9.14 16.87 -31.13
N ILE D 128 10.19 16.81 -30.30
CA ILE D 128 10.46 17.89 -29.36
C ILE D 128 10.97 19.13 -30.08
N ASN D 129 11.85 18.95 -31.07
CA ASN D 129 12.66 20.05 -31.58
C ASN D 129 12.18 20.59 -32.92
N THR D 130 11.33 19.88 -33.65
CA THR D 130 11.01 20.25 -35.02
C THR D 130 9.50 20.30 -35.22
N SER D 131 9.11 20.83 -36.37
CA SER D 131 7.71 20.97 -36.76
C SER D 131 7.24 19.85 -37.67
N LEU D 132 8.03 18.79 -37.83
CA LEU D 132 7.66 17.70 -38.73
C LEU D 132 6.41 16.98 -38.20
N SER D 133 5.50 16.65 -39.10
CA SER D 133 4.23 16.04 -38.74
C SER D 133 4.43 14.56 -38.39
N LYS D 134 3.31 13.89 -38.09
CA LYS D 134 3.39 12.52 -37.60
C LYS D 134 3.99 11.58 -38.63
N GLU D 135 3.58 11.67 -39.89
CA GLU D 135 4.10 10.79 -40.93
C GLU D 135 5.46 11.26 -41.44
N GLN D 136 5.69 12.56 -41.47
CA GLN D 136 6.98 13.08 -41.91
C GLN D 136 8.10 12.62 -40.98
N ARG D 137 7.84 12.62 -39.68
CA ARG D 137 8.83 12.12 -38.74
C ARG D 137 9.07 10.62 -38.90
N ARG D 138 8.09 9.84 -39.21
CA ARG D 138 8.21 8.48 -39.56
C ARG D 138 9.13 8.29 -40.74
N GLU D 139 8.94 9.05 -41.76
CA GLU D 139 9.73 9.12 -42.93
C GLU D 139 11.18 9.40 -42.62
N LYS D 140 11.43 10.38 -41.81
CA LYS D 140 12.70 10.78 -41.34
C LYS D 140 13.42 9.67 -40.62
N ALA D 141 12.77 9.04 -39.71
CA ALA D 141 13.22 7.95 -38.92
C ALA D 141 13.62 6.77 -39.78
N LEU D 142 12.83 6.42 -40.74
CA LEU D 142 13.07 5.42 -41.69
C LEU D 142 14.28 5.72 -42.54
N SER D 143 14.40 6.91 -43.03
CA SER D 143 15.49 7.42 -43.76
C SER D 143 16.79 7.21 -43.02
N MET D 144 16.89 7.68 -41.83
CA MET D 144 17.99 7.54 -40.95
C MET D 144 18.32 6.10 -40.68
N MET D 145 17.36 5.30 -40.38
CA MET D 145 17.46 3.91 -40.16
C MET D 145 18.06 3.21 -41.35
N ALA D 146 17.65 3.60 -42.55
CA ALA D 146 18.17 3.05 -43.79
C ALA D 146 19.63 3.46 -44.03
N LYS D 147 20.04 4.67 -43.65
CA LYS D 147 21.43 5.13 -43.75
C LYS D 147 22.38 4.23 -42.95
N VAL D 148 21.97 3.77 -41.78
CA VAL D 148 22.75 2.83 -40.95
C VAL D 148 22.44 1.36 -41.22
N GLY D 149 21.59 1.01 -42.18
CA GLY D 149 21.31 -0.38 -42.52
C GLY D 149 20.35 -1.11 -41.56
N LEU D 150 19.39 -0.40 -40.97
CA LEU D 150 18.26 -0.82 -40.22
C LEU D 150 17.04 -0.96 -41.10
N LYS D 151 16.39 -2.14 -41.08
CA LYS D 151 15.23 -2.42 -41.92
C LYS D 151 13.99 -1.69 -41.43
N THR D 152 13.03 -1.53 -42.33
CA THR D 152 11.75 -0.98 -42.10
C THR D 152 10.97 -1.70 -41.05
N GLU D 153 11.14 -3.01 -40.91
CA GLU D 153 10.41 -3.82 -39.93
C GLU D 153 10.63 -3.32 -38.50
N HIS D 154 11.84 -2.82 -38.25
CA HIS D 154 12.34 -2.49 -36.93
C HIS D 154 11.60 -1.32 -36.29
N TYR D 155 10.91 -0.52 -37.07
CA TYR D 155 10.12 0.58 -36.67
C TYR D 155 9.07 0.20 -35.66
N ASP D 156 8.64 -1.07 -35.71
CA ASP D 156 7.63 -1.58 -34.80
C ASP D 156 8.21 -2.43 -33.68
N ARG D 157 9.53 -2.58 -33.62
CA ARG D 157 10.21 -3.38 -32.60
C ARG D 157 10.47 -2.62 -31.31
N TYR D 158 10.64 -3.38 -30.24
CA TYR D 158 11.04 -2.99 -28.94
C TYR D 158 12.52 -3.19 -28.71
N PRO D 159 13.20 -2.42 -27.84
CA PRO D 159 14.65 -2.53 -27.64
C PRO D 159 15.19 -3.89 -27.21
N HIS D 160 14.41 -4.72 -26.54
CA HIS D 160 14.83 -6.08 -26.16
C HIS D 160 14.85 -7.07 -27.33
N MET D 161 14.30 -6.69 -28.49
CA MET D 161 14.18 -7.44 -29.69
C MET D 161 15.26 -7.17 -30.72
N PHE D 162 16.44 -6.79 -30.35
CA PHE D 162 17.56 -6.43 -31.11
C PHE D 162 18.82 -7.14 -30.71
N SER D 163 19.89 -7.07 -31.49
CA SER D 163 21.23 -7.43 -31.03
C SER D 163 22.07 -6.18 -30.76
N GLY D 164 23.22 -6.31 -30.11
CA GLY D 164 24.07 -5.16 -29.76
C GLY D 164 24.41 -4.26 -30.94
N GLY D 165 24.80 -4.82 -32.08
CA GLY D 165 25.11 -4.03 -33.25
C GLY D 165 23.92 -3.31 -33.89
N GLN D 166 22.69 -3.73 -33.61
CA GLN D 166 21.50 -2.96 -33.98
C GLN D 166 21.22 -1.87 -32.95
N ARG D 167 21.33 -2.15 -31.64
CA ARG D 167 21.19 -1.15 -30.57
C ARG D 167 22.17 0.00 -30.72
N GLN D 168 23.44 -0.26 -31.00
CA GLN D 168 24.41 0.80 -31.27
C GLN D 168 23.96 1.66 -32.44
N ARG D 169 23.49 1.06 -33.53
CA ARG D 169 23.04 1.84 -34.70
C ARG D 169 21.78 2.64 -34.45
N ILE D 170 20.91 2.13 -33.58
CA ILE D 170 19.79 2.84 -33.08
C ILE D 170 20.22 4.08 -32.36
N ALA D 171 21.19 3.94 -31.44
CA ALA D 171 21.72 5.05 -30.66
C ALA D 171 22.43 6.08 -31.54
N ILE D 172 23.20 5.67 -32.54
CA ILE D 172 23.83 6.56 -33.53
C ILE D 172 22.77 7.36 -34.29
N ALA D 173 21.71 6.69 -34.75
CA ALA D 173 20.62 7.28 -35.42
C ALA D 173 19.98 8.36 -34.58
N ARG D 174 19.74 8.09 -33.29
CA ARG D 174 19.14 9.09 -32.38
C ARG D 174 20.04 10.30 -32.16
N GLY D 175 21.35 10.10 -32.00
CA GLY D 175 22.30 11.19 -31.82
C GLY D 175 22.46 12.10 -33.03
N LEU D 176 22.54 11.52 -34.23
CA LEU D 176 22.80 12.23 -35.48
C LEU D 176 21.54 12.80 -36.15
N MET D 177 20.37 12.73 -35.52
CA MET D 177 19.12 13.11 -36.07
C MET D 177 18.92 14.59 -36.22
N LEU D 178 19.27 15.37 -35.24
CA LEU D 178 19.00 16.75 -35.07
C LEU D 178 19.92 17.68 -35.81
N ASP D 179 20.91 17.21 -36.50
CA ASP D 179 21.92 17.97 -37.10
C ASP D 179 22.72 18.74 -36.06
N PRO D 180 23.29 18.07 -35.07
CA PRO D 180 24.05 18.75 -34.04
C PRO D 180 25.34 19.34 -34.53
N ASP D 181 25.95 20.22 -33.81
CA ASP D 181 27.24 20.77 -34.02
C ASP D 181 28.34 19.89 -33.49
N VAL D 182 28.18 19.36 -32.33
CA VAL D 182 29.04 18.51 -31.58
C VAL D 182 28.37 17.20 -31.27
N VAL D 183 29.00 16.09 -31.61
CA VAL D 183 28.57 14.75 -31.19
C VAL D 183 29.66 14.15 -30.32
N ILE D 184 29.31 13.81 -29.09
CA ILE D 184 30.22 13.21 -28.14
C ILE D 184 29.97 11.71 -28.18
N ALA D 185 30.76 11.00 -28.97
CA ALA D 185 30.49 9.62 -29.31
C ALA D 185 31.28 8.69 -28.39
N ASP D 186 30.63 8.13 -27.38
CA ASP D 186 31.28 7.16 -26.51
C ASP D 186 31.25 5.76 -27.13
N GLN D 187 32.32 5.40 -27.82
CA GLN D 187 32.52 4.10 -28.48
C GLN D 187 31.39 3.75 -29.46
N PRO D 188 31.21 4.52 -30.55
CA PRO D 188 30.02 4.44 -31.39
C PRO D 188 29.95 3.19 -32.26
N VAL D 189 31.08 2.51 -32.50
CA VAL D 189 31.20 1.39 -33.44
C VAL D 189 31.78 0.11 -32.81
N SER D 190 31.74 -0.03 -31.49
CA SER D 190 32.42 -1.12 -30.78
C SER D 190 31.76 -2.50 -30.87
N ALA D 191 30.51 -2.60 -31.34
CA ALA D 191 29.78 -3.86 -31.50
C ALA D 191 29.24 -4.08 -32.93
N LEU D 192 29.84 -3.41 -33.91
CA LEU D 192 29.50 -3.56 -35.32
C LEU D 192 30.48 -4.49 -36.05
N ASP D 193 29.95 -5.38 -36.90
CA ASP D 193 30.73 -6.09 -37.92
C ASP D 193 31.34 -5.13 -38.95
N VAL D 194 32.56 -5.43 -39.43
CA VAL D 194 33.33 -4.56 -40.33
C VAL D 194 32.55 -4.08 -41.54
N SER D 195 31.74 -4.95 -42.15
CA SER D 195 31.00 -4.62 -43.37
C SER D 195 29.98 -3.49 -43.18
N VAL D 196 29.41 -3.33 -41.98
CA VAL D 196 28.52 -2.22 -41.60
C VAL D 196 29.24 -1.14 -40.79
N ARG D 197 30.32 -1.46 -40.06
CA ARG D 197 31.21 -0.46 -39.44
C ARG D 197 31.68 0.55 -40.47
N ALA D 198 32.06 0.07 -41.65
CA ALA D 198 32.40 0.90 -42.80
C ALA D 198 31.24 1.79 -43.26
N GLN D 199 29.99 1.32 -43.21
CA GLN D 199 28.82 2.11 -43.60
C GLN D 199 28.52 3.22 -42.59
N VAL D 200 28.61 2.93 -41.28
CA VAL D 200 28.45 3.91 -40.21
C VAL D 200 29.57 4.95 -40.23
N LEU D 201 30.84 4.55 -40.31
CA LEU D 201 31.95 5.51 -40.41
C LEU D 201 31.83 6.36 -41.67
N ASN D 202 31.43 5.79 -42.80
CA ASN D 202 31.17 6.59 -44.01
C ASN D 202 30.03 7.58 -43.80
N LEU D 203 29.00 7.25 -43.01
CA LEU D 203 27.95 8.21 -42.67
C LEU D 203 28.49 9.34 -41.79
N MET D 204 29.30 9.01 -40.79
CA MET D 204 29.89 10.01 -39.89
C MET D 204 30.81 10.98 -40.64
N MET D 205 31.65 10.47 -41.56
CA MET D 205 32.47 11.27 -42.46
C MET D 205 31.64 12.09 -43.47
N ASP D 206 30.56 11.54 -44.03
CA ASP D 206 29.69 12.28 -44.94
C ASP D 206 29.05 13.47 -44.23
N LEU D 207 28.56 13.29 -43.01
CA LEU D 207 28.02 14.29 -42.17
C LEU D 207 29.03 15.36 -41.85
N GLN D 208 30.22 14.93 -41.41
CA GLN D 208 31.33 15.83 -41.04
C GLN D 208 31.71 16.77 -42.18
N GLN D 209 31.68 16.29 -43.42
CA GLN D 209 32.02 17.05 -44.62
C GLN D 209 30.85 17.85 -45.19
N GLU D 210 29.60 17.44 -44.95
CA GLU D 210 28.42 18.04 -45.44
C GLU D 210 27.93 19.19 -44.59
N LEU D 211 27.70 18.97 -43.35
CA LEU D 211 27.16 19.83 -42.37
C LEU D 211 28.15 20.60 -41.54
N GLY D 212 29.35 20.08 -41.35
CA GLY D 212 30.36 20.66 -40.46
C GLY D 212 30.25 20.21 -39.00
N LEU D 213 29.69 19.02 -38.75
CA LEU D 213 29.74 18.37 -37.44
C LEU D 213 31.18 18.27 -36.93
N SER D 214 31.32 18.31 -35.61
CA SER D 214 32.54 17.96 -34.90
C SER D 214 32.28 16.80 -33.96
N TYR D 215 33.27 15.97 -33.75
CA TYR D 215 33.15 14.75 -32.97
C TYR D 215 34.20 14.73 -31.86
N VAL D 216 33.81 14.35 -30.66
CA VAL D 216 34.75 13.88 -29.63
C VAL D 216 34.63 12.37 -29.59
N PHE D 217 35.41 11.70 -30.41
CA PHE D 217 35.26 10.29 -30.70
C PHE D 217 36.05 9.50 -29.67
N ILE D 218 35.38 9.02 -28.62
CA ILE D 218 36.05 8.15 -27.65
C ILE D 218 36.18 6.76 -28.27
N SER D 219 37.36 6.14 -28.20
CA SER D 219 37.60 4.82 -28.77
C SER D 219 38.58 3.97 -27.99
N HIS D 220 38.50 2.67 -28.15
CA HIS D 220 39.57 1.73 -27.79
C HIS D 220 40.26 1.11 -29.00
N ASP D 221 39.63 1.15 -30.18
CA ASP D 221 40.22 0.59 -31.40
C ASP D 221 41.02 1.69 -32.15
N LEU D 222 42.34 1.55 -32.17
CA LEU D 222 43.21 2.59 -32.70
C LEU D 222 43.19 2.67 -34.23
N SER D 223 42.88 1.57 -34.92
CA SER D 223 42.71 1.48 -36.32
C SER D 223 41.69 2.45 -36.82
N VAL D 224 40.62 2.69 -36.05
CA VAL D 224 39.52 3.58 -36.44
C VAL D 224 39.94 5.04 -36.27
N VAL D 225 40.51 5.41 -35.12
CA VAL D 225 40.95 6.81 -34.90
C VAL D 225 42.17 7.20 -35.74
N GLU D 226 42.98 6.24 -36.18
CA GLU D 226 43.97 6.43 -37.24
C GLU D 226 43.36 6.91 -38.56
N HIS D 227 42.06 6.72 -38.76
CA HIS D 227 41.32 7.09 -39.96
C HIS D 227 40.42 8.30 -39.73
N ILE D 228 39.64 8.31 -38.65
CA ILE D 228 38.58 9.31 -38.42
C ILE D 228 39.08 10.61 -37.73
N ALA D 229 40.28 10.62 -37.13
CA ALA D 229 40.79 11.75 -36.36
C ALA D 229 41.47 12.84 -37.21
N ASP D 230 41.28 14.11 -36.83
CA ASP D 230 42.24 15.18 -37.14
C ASP D 230 43.26 15.31 -36.02
N GLU D 231 42.78 15.30 -34.78
CA GLU D 231 43.56 15.46 -33.56
C GLU D 231 43.26 14.33 -32.58
N VAL D 232 44.26 13.88 -31.83
CA VAL D 232 44.12 12.79 -30.87
C VAL D 232 44.70 13.20 -29.53
N MET D 233 44.01 12.83 -28.47
CA MET D 233 44.29 13.13 -27.08
C MET D 233 44.38 11.83 -26.31
N VAL D 234 45.46 11.65 -25.58
CA VAL D 234 45.73 10.45 -24.81
C VAL D 234 45.53 10.74 -23.32
N MET D 235 44.71 9.93 -22.65
CA MET D 235 44.39 10.05 -21.24
C MET D 235 44.92 8.88 -20.41
N TYR D 236 45.41 9.17 -19.20
CA TYR D 236 45.77 8.16 -18.21
C TYR D 236 45.40 8.64 -16.81
N LEU D 237 44.70 7.80 -16.03
CA LEU D 237 44.24 8.10 -14.65
C LEU D 237 43.63 9.50 -14.48
N GLY D 238 42.78 9.93 -15.42
CA GLY D 238 42.05 11.19 -15.35
C GLY D 238 42.83 12.41 -15.84
N ARG D 239 44.06 12.24 -16.31
CA ARG D 239 44.95 13.31 -16.78
C ARG D 239 45.39 13.05 -18.21
N CYS D 240 45.50 14.11 -19.00
CA CYS D 240 46.07 14.16 -20.28
C CYS D 240 47.54 13.82 -20.20
N VAL D 241 48.09 13.07 -21.10
CA VAL D 241 49.45 12.72 -21.24
C VAL D 241 50.07 13.05 -22.58
N GLU D 242 49.28 13.36 -23.60
CA GLU D 242 49.77 13.68 -24.95
C GLU D 242 48.63 14.21 -25.82
N LYS D 243 48.90 15.17 -26.71
CA LYS D 243 47.91 15.75 -27.61
C LYS D 243 48.57 16.33 -28.87
N GLY D 244 47.94 16.15 -30.03
CA GLY D 244 48.46 16.62 -31.32
C GLY D 244 47.76 15.94 -32.49
N THR D 245 48.14 16.26 -33.73
CA THR D 245 47.53 15.64 -34.91
C THR D 245 47.81 14.14 -34.96
N LYS D 246 46.89 13.31 -35.48
CA LYS D 246 47.08 11.85 -35.46
C LYS D 246 48.26 11.41 -36.32
N ASP D 247 48.58 12.18 -37.35
CA ASP D 247 49.85 12.07 -38.09
C ASP D 247 51.06 12.10 -37.13
N GLN D 248 51.18 13.13 -36.29
CA GLN D 248 52.27 13.22 -35.33
C GLN D 248 52.25 12.06 -34.34
N ILE D 249 51.10 11.78 -33.73
CA ILE D 249 51.04 10.84 -32.62
C ILE D 249 51.17 9.37 -33.06
N PHE D 250 50.77 9.00 -34.29
CA PHE D 250 51.08 7.69 -34.86
C PHE D 250 52.55 7.56 -35.31
N ASN D 251 53.11 8.58 -35.97
CA ASN D 251 54.46 8.54 -36.52
C ASN D 251 55.56 8.65 -35.45
N ASN D 252 55.35 9.44 -34.41
CA ASN D 252 56.30 9.66 -33.32
C ASN D 252 55.62 9.79 -31.94
N PRO D 253 55.21 8.69 -31.32
CA PRO D 253 54.70 8.68 -29.96
C PRO D 253 55.85 8.94 -28.96
N ARG D 254 55.85 10.09 -28.26
CA ARG D 254 56.97 10.45 -27.37
C ARG D 254 56.71 10.11 -25.92
N HIS D 255 55.49 10.34 -25.45
CA HIS D 255 55.13 10.03 -24.08
C HIS D 255 55.28 8.52 -23.86
N PRO D 256 55.97 8.05 -22.81
CA PRO D 256 56.18 6.62 -22.63
C PRO D 256 54.95 5.76 -22.62
N TYR D 257 53.81 6.28 -22.18
CA TYR D 257 52.55 5.52 -22.19
C TYR D 257 52.03 5.32 -23.62
N THR D 258 52.05 6.34 -24.46
CA THR D 258 51.56 6.23 -25.84
C THR D 258 52.39 5.26 -26.66
N GLN D 259 53.69 5.12 -26.41
CA GLN D 259 54.50 4.11 -27.08
C GLN D 259 54.02 2.70 -26.73
N ALA D 260 53.78 2.43 -25.45
CA ALA D 260 53.26 1.15 -25.00
C ALA D 260 51.81 0.92 -25.42
N LEU D 261 51.09 2.01 -25.71
CA LEU D 261 49.70 1.92 -26.19
C LEU D 261 49.64 1.53 -27.67
N LEU D 262 50.27 2.32 -28.55
CA LEU D 262 50.28 2.06 -29.98
C LEU D 262 51.05 0.79 -30.35
N SER D 263 51.93 0.30 -29.48
CA SER D 263 52.74 -0.91 -29.70
C SER D 263 52.13 -2.18 -29.09
N ALA D 264 50.80 -2.20 -28.97
CA ALA D 264 50.01 -3.37 -28.61
C ALA D 264 48.75 -3.56 -29.49
N THR D 265 48.54 -2.66 -30.47
CA THR D 265 47.41 -2.74 -31.40
C THR D 265 47.50 -4.02 -32.25
N PRO D 266 46.43 -4.82 -32.29
CA PRO D 266 46.32 -5.92 -33.23
C PRO D 266 46.38 -5.43 -34.68
N ARG D 267 46.93 -6.27 -35.58
CA ARG D 267 46.92 -6.09 -37.03
C ARG D 267 46.70 -7.43 -37.73
N LEU D 268 45.91 -7.47 -38.81
CA LEU D 268 45.62 -8.73 -39.50
C LEU D 268 46.83 -9.26 -40.28
N ASN D 269 47.64 -8.37 -40.86
CA ASN D 269 48.78 -8.61 -41.67
C ASN D 269 49.85 -9.31 -40.88
N PRO D 270 50.23 -10.56 -41.17
CA PRO D 270 51.27 -11.20 -40.39
C PRO D 270 52.56 -10.43 -40.26
N ASP D 271 53.00 -9.80 -41.35
CA ASP D 271 54.27 -9.09 -41.44
C ASP D 271 54.25 -7.69 -40.81
N ASP D 272 53.08 -7.13 -40.51
CA ASP D 272 52.95 -5.90 -39.72
C ASP D 272 52.88 -6.13 -38.20
N ARG D 273 52.78 -7.38 -37.74
CA ARG D 273 52.75 -7.75 -36.30
C ARG D 273 54.12 -7.58 -35.62
N ARG D 274 54.10 -7.17 -34.36
CA ARG D 274 55.26 -7.01 -33.47
C ARG D 274 54.97 -7.62 -32.10
N GLU D 275 55.96 -8.22 -31.46
CA GLU D 275 55.86 -8.66 -30.07
C GLU D 275 55.65 -7.43 -29.17
N ARG D 276 54.62 -7.44 -28.32
CA ARG D 276 54.19 -6.22 -27.62
C ARG D 276 55.22 -5.77 -26.58
N ILE D 277 55.36 -4.46 -26.39
CA ILE D 277 56.14 -3.90 -25.27
C ILE D 277 55.30 -4.03 -24.00
N LYS D 278 55.61 -5.04 -23.18
CA LYS D 278 54.85 -5.40 -21.99
C LYS D 278 55.00 -4.35 -20.88
N LEU D 279 53.97 -4.27 -20.01
CA LEU D 279 53.95 -3.42 -18.82
C LEU D 279 53.76 -4.27 -17.56
N SER D 280 54.42 -3.90 -16.47
CA SER D 280 54.43 -4.63 -15.20
C SER D 280 54.54 -3.66 -14.01
N GLY D 281 54.10 -4.10 -12.82
CA GLY D 281 54.01 -3.26 -11.63
C GLY D 281 52.58 -2.75 -11.37
N GLU D 282 52.29 -2.43 -10.11
CA GLU D 282 50.93 -2.16 -9.62
C GLU D 282 50.27 -0.96 -10.31
N LEU D 283 49.05 -1.15 -10.80
CA LEU D 283 48.22 -0.22 -11.45
C LEU D 283 47.88 0.90 -10.50
N PRO D 284 48.04 2.18 -10.85
CA PRO D 284 47.66 3.24 -9.95
C PRO D 284 46.23 3.19 -9.52
N SER D 285 45.90 3.42 -8.29
CA SER D 285 44.63 3.44 -7.70
C SER D 285 43.98 4.79 -7.83
N PRO D 286 42.81 4.95 -8.47
CA PRO D 286 42.18 6.26 -8.65
C PRO D 286 41.59 6.86 -7.37
N LEU D 287 41.63 6.11 -6.27
CA LEU D 287 41.32 6.53 -4.94
C LEU D 287 42.47 7.19 -4.23
N ASN D 288 43.64 6.66 -4.28
CA ASN D 288 44.88 7.08 -3.75
C ASN D 288 45.93 7.23 -4.81
N PRO D 289 45.80 8.18 -5.72
CA PRO D 289 46.76 8.34 -6.78
C PRO D 289 48.16 8.52 -6.29
N PRO D 290 49.18 7.91 -6.90
CA PRO D 290 50.52 8.06 -6.43
C PRO D 290 51.01 9.48 -6.48
N PRO D 291 51.96 9.89 -5.64
CA PRO D 291 52.52 11.23 -5.65
C PRO D 291 53.14 11.56 -7.00
N GLY D 292 52.90 12.77 -7.51
CA GLY D 292 53.53 13.21 -8.76
C GLY D 292 52.94 12.52 -10.00
N CYS D 293 53.78 11.88 -10.81
CA CYS D 293 53.36 11.30 -12.09
C CYS D 293 52.64 9.96 -11.95
N ALA D 294 51.43 9.85 -12.51
CA ALA D 294 50.57 8.68 -12.39
C ALA D 294 51.24 7.40 -12.93
N PHE D 295 51.93 7.48 -14.06
CA PHE D 295 52.45 6.31 -14.75
C PHE D 295 53.76 5.77 -14.14
N ASN D 296 54.30 6.37 -13.08
CA ASN D 296 55.63 6.02 -12.59
C ASN D 296 55.77 4.55 -12.17
N ALA D 297 54.68 3.87 -11.83
CA ALA D 297 54.80 2.53 -11.24
C ALA D 297 55.12 1.47 -12.28
N ARG D 298 54.86 1.80 -13.54
CA ARG D 298 54.90 0.92 -14.72
C ARG D 298 55.88 1.42 -15.78
N CYS D 299 56.18 2.71 -15.75
CA CYS D 299 57.04 3.39 -16.70
C CYS D 299 58.48 2.85 -16.71
N ARG D 300 59.06 2.71 -17.90
CA ARG D 300 60.45 2.27 -18.11
C ARG D 300 61.49 3.40 -18.09
N ARG D 301 61.09 4.67 -18.21
CA ARG D 301 62.01 5.82 -18.25
C ARG D 301 62.11 6.60 -16.93
N ARG D 302 61.61 6.03 -15.83
CA ARG D 302 61.45 6.73 -14.53
C ARG D 302 62.76 7.26 -13.93
N PHE D 303 62.88 8.57 -13.81
CA PHE D 303 63.84 9.29 -12.97
C PHE D 303 63.36 9.40 -11.51
N GLY D 304 64.05 10.21 -10.69
CA GLY D 304 63.59 10.66 -9.37
C GLY D 304 62.36 11.58 -9.38
N PRO D 305 62.29 12.68 -10.17
CA PRO D 305 61.19 13.64 -10.17
C PRO D 305 59.78 13.02 -10.28
N CYS D 306 59.69 11.87 -10.95
CA CYS D 306 58.48 11.08 -11.15
C CYS D 306 57.65 10.85 -9.90
N THR D 307 58.30 10.58 -8.76
CA THR D 307 57.63 10.28 -7.48
C THR D 307 57.55 11.49 -6.55
N GLN D 308 57.74 12.71 -7.08
CA GLN D 308 57.83 13.94 -6.30
C GLN D 308 56.96 15.06 -6.87
N LEU D 309 56.92 15.24 -8.18
CA LEU D 309 56.17 16.29 -8.86
C LEU D 309 55.33 15.72 -10.01
N GLN D 310 54.27 16.42 -10.43
CA GLN D 310 53.42 16.02 -11.55
C GLN D 310 53.76 16.84 -12.82
N PRO D 311 53.94 16.22 -13.99
CA PRO D 311 54.27 16.94 -15.21
C PRO D 311 53.05 17.63 -15.84
N GLN D 312 53.18 18.91 -16.15
CA GLN D 312 52.18 19.68 -16.91
C GLN D 312 52.43 19.57 -18.42
N LEU D 313 51.47 19.99 -19.25
CA LEU D 313 51.57 19.90 -20.71
C LEU D 313 52.57 20.93 -21.25
N LYS D 314 53.79 20.47 -21.53
CA LYS D 314 54.82 21.18 -22.27
C LYS D 314 54.67 20.92 -23.77
N ASP D 315 55.03 21.90 -24.57
CA ASP D 315 55.00 22.01 -25.97
C ASP D 315 56.32 21.71 -26.62
N TYR D 316 56.39 20.99 -27.67
CA TYR D 316 57.49 20.62 -28.48
C TYR D 316 57.28 20.81 -29.95
N GLY D 317 56.64 21.87 -30.40
CA GLY D 317 56.31 22.09 -31.83
C GLY D 317 54.92 21.61 -32.22
N GLY D 318 53.97 21.65 -31.29
CA GLY D 318 52.55 21.34 -31.50
C GLY D 318 52.11 20.01 -30.87
N GLN D 319 53.03 19.06 -30.71
CA GLN D 319 52.80 17.86 -29.92
C GLN D 319 52.98 18.21 -28.45
N LEU D 320 51.88 18.42 -27.73
CA LEU D 320 51.88 18.66 -26.30
C LEU D 320 52.15 17.35 -25.57
N VAL D 321 53.08 17.33 -24.62
CA VAL D 321 53.50 16.16 -23.84
C VAL D 321 53.60 16.48 -22.35
N ALA D 322 53.16 15.57 -21.49
CA ALA D 322 53.24 15.68 -20.04
C ALA D 322 54.13 14.56 -19.46
N CYS D 323 55.44 14.74 -19.55
CA CYS D 323 56.46 13.82 -19.06
C CYS D 323 57.73 14.62 -18.70
N PHE D 324 58.65 14.11 -17.86
CA PHE D 324 59.91 14.77 -17.49
C PHE D 324 61.11 14.34 -18.35
N ALA D 325 61.22 13.08 -18.75
CA ALA D 325 62.17 12.54 -19.64
C ALA D 325 62.15 13.24 -20.96
N VAL D 326 61.01 13.58 -21.47
CA VAL D 326 60.79 14.33 -22.63
C VAL D 326 61.38 15.72 -22.50
N ASP D 327 61.20 16.35 -21.39
CA ASP D 327 61.80 17.56 -21.01
C ASP D 327 63.30 17.48 -20.98
N GLN D 328 63.83 16.47 -20.35
CA GLN D 328 65.20 16.15 -20.25
C GLN D 328 65.83 16.09 -21.62
N ASP D 329 65.20 15.47 -22.55
CA ASP D 329 65.56 15.25 -23.89
C ASP D 329 65.38 16.45 -24.79
N GLU D 330 64.77 17.50 -24.34
CA GLU D 330 64.45 18.71 -24.99
C GLU D 330 64.98 19.94 -24.30
N LYS E 29 -15.40 -17.74 44.87
CA LYS E 29 -16.66 -17.60 44.09
C LYS E 29 -16.62 -16.30 43.28
N THR E 30 -16.91 -16.32 41.98
CA THR E 30 -16.75 -15.17 41.07
C THR E 30 -17.82 -15.11 39.98
N LEU E 31 -18.14 -13.92 39.49
CA LEU E 31 -18.90 -13.69 38.25
C LEU E 31 -18.09 -12.83 37.28
N VAL E 32 -18.26 -13.08 36.00
CA VAL E 32 -17.95 -12.15 34.92
C VAL E 32 -19.24 -11.69 34.26
N TYR E 33 -19.47 -10.38 34.22
CA TYR E 33 -20.57 -9.75 33.50
C TYR E 33 -20.07 -9.07 32.24
N CYS E 34 -20.71 -9.33 31.10
CA CYS E 34 -20.26 -8.84 29.81
C CYS E 34 -20.92 -7.52 29.40
N SER E 35 -20.45 -6.41 29.95
CA SER E 35 -21.10 -5.10 29.86
C SER E 35 -21.16 -4.50 28.46
N GLU E 36 -22.22 -3.76 28.15
CA GLU E 36 -22.54 -3.16 26.84
C GLU E 36 -21.58 -2.03 26.42
N GLY E 37 -20.87 -1.41 27.37
CA GLY E 37 -19.96 -0.29 27.06
C GLY E 37 -19.30 0.30 28.30
N SER E 38 -18.15 0.95 28.11
CA SER E 38 -17.33 1.46 29.21
C SER E 38 -18.02 2.63 29.93
N PRO E 39 -17.96 2.69 31.27
CA PRO E 39 -18.63 3.72 32.04
C PRO E 39 -17.94 5.07 31.86
N GLU E 40 -18.72 6.14 31.85
CA GLU E 40 -18.18 7.50 31.65
C GLU E 40 -17.39 7.99 32.87
N GLY E 41 -17.65 7.42 34.06
CA GLY E 41 -16.89 7.65 35.28
C GLY E 41 -17.48 6.88 36.47
N PHE E 42 -17.06 7.24 37.69
CA PHE E 42 -17.31 6.47 38.91
C PHE E 42 -17.96 7.31 40.04
N ASN E 43 -18.72 8.35 39.68
CA ASN E 43 -19.76 8.93 40.53
C ASN E 43 -21.02 9.16 39.67
N PRO E 44 -22.20 8.61 40.03
CA PRO E 44 -23.34 8.66 39.15
C PRO E 44 -23.97 10.04 39.02
N GLN E 45 -23.66 11.00 39.89
CA GLN E 45 -24.28 12.32 39.85
C GLN E 45 -24.00 13.09 38.56
N LEU E 46 -22.80 12.85 38.01
CA LEU E 46 -22.20 13.56 36.89
C LEU E 46 -22.65 13.02 35.51
N PHE E 47 -23.42 11.93 35.46
CA PHE E 47 -23.64 11.11 34.26
C PHE E 47 -25.10 10.68 34.10
N THR E 48 -25.47 10.27 32.88
CA THR E 48 -26.86 9.91 32.51
C THR E 48 -26.99 8.50 31.91
N SER E 49 -25.91 7.93 31.39
CA SER E 49 -25.94 6.65 30.66
C SER E 49 -26.11 5.44 31.58
N GLY E 50 -26.99 4.52 31.22
CA GLY E 50 -27.35 3.37 32.06
C GLY E 50 -26.16 2.48 32.44
N THR E 51 -25.23 2.22 31.52
CA THR E 51 -24.02 1.44 31.82
C THR E 51 -23.15 2.13 32.89
N THR E 52 -23.12 3.46 32.91
CA THR E 52 -22.42 4.19 33.97
C THR E 52 -23.08 3.94 35.31
N TYR E 53 -24.41 3.93 35.42
CA TYR E 53 -25.08 3.59 36.68
C TYR E 53 -24.86 2.12 37.06
N ASP E 54 -24.84 1.19 36.12
CA ASP E 54 -24.54 -0.21 36.43
C ASP E 54 -23.12 -0.43 36.94
N ALA E 55 -22.15 0.36 36.50
CA ALA E 55 -20.77 0.32 37.01
C ALA E 55 -20.57 1.15 38.29
N SER E 56 -21.21 2.32 38.38
CA SER E 56 -20.88 3.36 39.35
C SER E 56 -21.84 3.48 40.53
N SER E 57 -23.00 2.83 40.52
CA SER E 57 -24.06 3.12 41.50
C SER E 57 -24.68 1.89 42.11
N VAL E 58 -24.97 0.87 41.28
CA VAL E 58 -25.55 -0.39 41.77
C VAL E 58 -24.56 -1.22 42.60
N PRO E 59 -23.29 -1.40 42.21
CA PRO E 59 -22.32 -2.10 43.06
C PRO E 59 -21.78 -1.23 44.21
N LEU E 60 -21.61 0.07 43.94
CA LEU E 60 -20.61 0.92 44.59
C LEU E 60 -21.14 1.80 45.74
N TYR E 61 -22.40 2.20 45.66
CA TYR E 61 -23.04 3.18 46.55
C TYR E 61 -24.41 2.67 47.04
N ASN E 62 -24.93 3.30 48.07
CA ASN E 62 -26.27 3.10 48.62
C ASN E 62 -26.94 4.45 48.76
N ARG E 63 -28.27 4.42 48.87
CA ARG E 63 -29.15 5.58 48.75
C ARG E 63 -30.12 5.63 49.92
N LEU E 64 -30.72 6.80 50.20
CA LEU E 64 -31.63 6.95 51.34
C LEU E 64 -32.79 5.95 51.28
N VAL E 65 -33.28 5.76 50.06
CA VAL E 65 -34.41 4.93 49.67
C VAL E 65 -33.90 4.07 48.49
N GLU E 66 -34.52 2.94 48.20
CA GLU E 66 -34.16 2.10 47.06
C GLU E 66 -35.40 1.36 46.55
N PHE E 67 -35.38 0.89 45.29
CA PHE E 67 -36.43 0.04 44.76
C PHE E 67 -36.12 -1.43 45.02
N LYS E 68 -37.08 -2.21 45.52
CA LYS E 68 -36.87 -3.64 45.81
C LYS E 68 -36.73 -4.42 44.51
N ILE E 69 -35.69 -5.26 44.41
CA ILE E 69 -35.33 -6.00 43.18
C ILE E 69 -36.51 -6.81 42.60
N GLY E 70 -36.79 -6.63 41.31
CA GLY E 70 -37.97 -7.21 40.65
C GLY E 70 -39.27 -6.41 40.76
N THR E 71 -39.23 -5.16 41.26
CA THR E 71 -40.40 -4.28 41.42
C THR E 71 -40.06 -2.82 41.13
N THR E 72 -41.03 -1.91 41.18
CA THR E 72 -40.78 -0.48 41.37
C THR E 72 -41.32 0.06 42.71
N GLU E 73 -41.40 -0.79 43.74
CA GLU E 73 -41.79 -0.41 45.10
C GLU E 73 -40.63 0.25 45.85
N VAL E 74 -40.86 1.41 46.48
CA VAL E 74 -39.85 2.13 47.29
C VAL E 74 -39.74 1.56 48.71
N ILE E 75 -38.53 1.23 49.15
CA ILE E 75 -38.25 0.55 50.43
C ILE E 75 -37.04 1.20 51.14
N PRO E 76 -36.82 0.97 52.46
CA PRO E 76 -35.74 1.61 53.21
C PRO E 76 -34.34 1.24 52.71
N GLY E 77 -33.60 2.26 52.25
CA GLY E 77 -32.18 2.18 51.93
C GLY E 77 -31.33 2.45 53.17
N LEU E 78 -30.53 3.51 53.14
CA LEU E 78 -29.71 3.97 54.28
C LEU E 78 -30.56 4.56 55.44
N ALA E 79 -31.81 4.93 55.19
CA ALA E 79 -32.74 5.37 56.22
C ALA E 79 -33.61 4.21 56.73
N GLU E 80 -33.50 3.83 58.01
CA GLU E 80 -34.29 2.85 58.66
C GLU E 80 -35.76 3.17 58.56
N LYS E 81 -36.14 4.36 58.87
CA LYS E 81 -37.44 4.91 58.90
C LYS E 81 -37.47 6.35 58.48
N TRP E 82 -38.47 6.72 57.70
CA TRP E 82 -38.68 8.07 57.25
C TRP E 82 -40.11 8.54 57.52
N GLU E 83 -40.31 9.85 57.58
CA GLU E 83 -41.50 10.53 57.87
C GLU E 83 -41.80 11.65 56.91
N VAL E 84 -43.02 12.00 56.70
CA VAL E 84 -43.56 12.98 55.84
C VAL E 84 -44.48 13.94 56.57
N SER E 85 -44.33 15.21 56.46
CA SER E 85 -45.16 16.23 56.97
C SER E 85 -46.55 16.12 56.38
N GLU E 86 -47.58 16.48 57.12
CA GLU E 86 -48.93 16.50 56.66
C GLU E 86 -49.11 17.36 55.44
N ASP E 87 -48.38 18.49 55.37
CA ASP E 87 -48.38 19.41 54.23
C ASP E 87 -47.54 18.92 53.05
N GLY E 88 -46.88 17.77 53.16
CA GLY E 88 -46.08 17.16 52.12
C GLY E 88 -44.80 17.92 51.74
N LYS E 89 -44.45 19.01 52.44
CA LYS E 89 -43.26 19.80 52.12
C LYS E 89 -41.99 19.35 52.82
N THR E 90 -42.07 18.59 53.92
CA THR E 90 -40.89 18.27 54.74
C THR E 90 -40.74 16.78 54.92
N TYR E 91 -39.56 16.26 54.60
CA TYR E 91 -39.22 14.84 54.71
C TYR E 91 -38.09 14.68 55.72
N THR E 92 -38.22 13.72 56.64
CA THR E 92 -37.32 13.36 57.66
C THR E 92 -36.84 11.94 57.52
N PHE E 93 -35.53 11.72 57.50
CA PHE E 93 -34.91 10.40 57.36
C PHE E 93 -34.00 10.11 58.54
N HIS E 94 -34.24 9.02 59.25
CA HIS E 94 -33.50 8.52 60.36
C HIS E 94 -32.46 7.55 59.87
N LEU E 95 -31.21 8.00 59.73
CA LEU E 95 -30.15 7.19 59.13
C LEU E 95 -29.80 5.98 59.99
N ARG E 96 -29.29 4.95 59.31
CA ARG E 96 -28.83 3.75 59.88
C ARG E 96 -27.66 3.99 60.81
N LYS E 97 -27.42 3.18 61.78
CA LYS E 97 -26.28 3.08 62.61
C LYS E 97 -25.30 2.06 62.11
N GLY E 98 -24.03 2.30 62.17
CA GLY E 98 -23.02 1.44 61.80
C GLY E 98 -22.63 1.31 60.39
N VAL E 99 -23.23 2.11 59.51
CA VAL E 99 -22.86 2.11 58.09
C VAL E 99 -21.41 2.60 57.97
N LYS E 100 -20.58 1.82 57.28
CA LYS E 100 -19.19 1.92 57.08
C LYS E 100 -18.80 2.12 55.64
N TRP E 101 -17.62 2.68 55.44
CA TRP E 101 -16.99 2.89 54.13
C TRP E 101 -15.83 1.92 53.93
N HIS E 102 -15.44 1.72 52.68
CA HIS E 102 -14.44 0.84 52.21
C HIS E 102 -13.05 1.37 52.39
N ASP E 103 -12.08 0.55 52.63
CA ASP E 103 -10.70 0.80 52.87
C ASP E 103 -9.99 1.12 51.58
N ASN E 104 -10.08 2.34 51.09
CA ASN E 104 -9.26 2.77 49.96
C ASN E 104 -7.79 2.85 50.39
N LYS E 105 -6.86 2.69 49.46
CA LYS E 105 -5.47 2.79 49.62
C LYS E 105 -5.00 4.21 49.82
N GLU E 106 -5.75 5.19 49.33
CA GLU E 106 -5.46 6.62 49.54
C GLU E 106 -5.83 7.11 50.95
N PHE E 107 -6.70 6.40 51.67
CA PHE E 107 -7.51 6.94 52.78
C PHE E 107 -8.15 5.87 53.66
N LYS E 108 -8.06 6.03 54.97
CA LYS E 108 -8.79 5.21 55.93
C LYS E 108 -10.03 5.98 56.40
N PRO E 109 -11.25 5.43 56.28
CA PRO E 109 -12.44 6.02 56.88
C PRO E 109 -12.40 5.92 58.40
N THR E 110 -12.40 7.08 59.06
CA THR E 110 -12.33 7.23 60.52
C THR E 110 -13.68 7.04 61.21
N ARG E 111 -14.79 7.17 60.46
CA ARG E 111 -16.13 7.46 60.96
C ARG E 111 -17.22 6.72 60.17
N GLU E 112 -18.37 6.51 60.79
CA GLU E 112 -19.55 5.93 60.30
C GLU E 112 -20.36 6.93 59.51
N LEU E 113 -21.50 6.52 58.97
CA LEU E 113 -22.41 7.42 58.27
C LEU E 113 -23.15 8.36 59.24
N ASN E 114 -23.12 9.64 58.91
CA ASN E 114 -23.72 10.73 59.60
C ASN E 114 -24.42 11.68 58.67
N ALA E 115 -25.37 12.43 59.12
CA ALA E 115 -26.09 13.42 58.41
C ALA E 115 -25.17 14.30 57.59
N ASP E 116 -23.95 14.54 58.10
CA ASP E 116 -22.94 15.40 57.50
C ASP E 116 -22.52 14.93 56.10
N ASP E 117 -22.64 13.64 55.80
CA ASP E 117 -22.40 13.05 54.48
C ASP E 117 -23.57 13.28 53.52
N VAL E 118 -24.81 13.14 54.00
CA VAL E 118 -26.00 13.35 53.19
C VAL E 118 -26.18 14.81 52.82
N VAL E 119 -26.01 15.74 53.77
CA VAL E 119 -26.15 17.17 53.47
C VAL E 119 -25.08 17.64 52.48
N PHE E 120 -23.87 17.06 52.53
CA PHE E 120 -22.86 17.26 51.48
C PHE E 120 -23.34 16.73 50.12
N SER E 121 -23.87 15.50 50.07
CA SER E 121 -24.27 14.83 48.84
C SER E 121 -25.35 15.58 48.04
N PHE E 122 -26.06 16.54 48.63
CA PHE E 122 -26.93 17.47 47.89
C PHE E 122 -26.42 18.91 47.85
N ASP E 123 -25.63 19.41 48.82
CA ASP E 123 -24.94 20.70 48.65
C ASP E 123 -23.93 20.69 47.50
N ARG E 124 -23.37 19.53 47.14
CA ARG E 124 -22.60 19.38 45.90
C ARG E 124 -23.45 19.63 44.64
N GLN E 125 -24.77 19.60 44.75
CA GLN E 125 -25.69 19.67 43.60
C GLN E 125 -26.59 20.91 43.62
N LYS E 126 -26.86 21.49 44.81
CA LYS E 126 -27.88 22.53 45.03
C LYS E 126 -27.37 23.98 44.84
N ASN E 127 -26.16 24.31 45.33
CA ASN E 127 -25.64 25.69 45.35
C ASN E 127 -24.12 25.79 45.11
N ALA E 128 -23.68 26.89 44.51
CA ALA E 128 -22.35 27.02 43.93
C ALA E 128 -21.20 27.20 44.94
N GLN E 129 -21.49 27.59 46.18
CA GLN E 129 -20.47 27.86 47.20
C GLN E 129 -19.73 26.61 47.70
N ASN E 130 -20.23 25.40 47.43
CA ASN E 130 -19.62 24.18 47.94
C ASN E 130 -18.25 23.93 47.28
N PRO E 131 -17.19 23.56 48.02
CA PRO E 131 -15.83 23.48 47.48
C PRO E 131 -15.58 22.31 46.51
N TYR E 132 -16.49 21.33 46.43
CA TYR E 132 -16.42 20.23 45.47
C TYR E 132 -17.37 20.39 44.27
N HIS E 133 -18.25 21.40 44.24
CA HIS E 133 -19.30 21.49 43.23
C HIS E 133 -18.76 21.48 41.80
N LYS E 134 -17.74 22.27 41.51
CA LYS E 134 -17.11 22.37 40.17
C LYS E 134 -15.87 21.47 40.01
N VAL E 135 -15.55 20.62 40.97
CA VAL E 135 -14.49 19.60 40.82
C VAL E 135 -14.95 18.55 39.82
N SER E 136 -14.04 18.03 38.99
CA SER E 136 -14.31 16.99 37.98
C SER E 136 -15.47 17.31 37.03
N GLY E 137 -15.62 18.58 36.65
CA GLY E 137 -16.58 19.00 35.63
C GLY E 137 -18.01 19.00 36.17
N GLY E 138 -18.33 19.95 37.02
CA GLY E 138 -19.65 20.09 37.64
C GLY E 138 -20.75 20.59 36.70
N SER E 139 -21.14 19.77 35.72
CA SER E 139 -22.26 20.03 34.80
C SER E 139 -23.63 19.59 35.36
N TYR E 140 -23.68 18.49 36.13
CA TYR E 140 -24.88 17.95 36.81
C TYR E 140 -26.13 17.86 35.91
N GLU E 141 -25.99 17.38 34.67
CA GLU E 141 -27.07 17.33 33.67
C GLU E 141 -28.31 16.56 34.16
N TYR E 142 -28.13 15.49 34.92
CA TYR E 142 -29.26 14.72 35.46
C TYR E 142 -29.99 15.46 36.59
N PHE E 143 -29.28 16.28 37.38
CA PHE E 143 -29.88 17.05 38.48
C PHE E 143 -30.53 18.34 37.98
N GLU E 144 -29.80 19.16 37.19
CA GLU E 144 -30.30 20.46 36.73
C GLU E 144 -31.58 20.34 35.89
N GLY E 145 -31.69 19.32 35.03
CA GLY E 145 -32.90 19.02 34.25
C GLY E 145 -34.04 18.41 35.07
N MET E 146 -33.76 17.72 36.17
CA MET E 146 -34.79 17.04 36.98
C MET E 146 -35.66 18.00 37.78
N GLY E 147 -35.22 19.25 37.98
CA GLY E 147 -35.93 20.25 38.77
C GLY E 147 -35.67 20.16 40.28
N LEU E 148 -34.87 19.21 40.77
CA LEU E 148 -34.45 19.17 42.17
C LEU E 148 -33.74 20.44 42.69
N PRO E 149 -32.97 21.25 41.92
CA PRO E 149 -32.49 22.54 42.42
C PRO E 149 -33.60 23.60 42.59
N GLU E 150 -34.74 23.48 41.91
CA GLU E 150 -35.92 24.31 42.16
C GLU E 150 -36.79 23.78 43.32
N LEU E 151 -37.00 22.47 43.41
CA LEU E 151 -37.87 21.86 44.42
C LEU E 151 -37.23 21.78 45.79
N ILE E 152 -35.95 21.40 45.92
CA ILE E 152 -35.28 21.38 47.23
C ILE E 152 -34.99 22.82 47.66
N SER E 153 -35.81 23.37 48.56
CA SER E 153 -35.61 24.72 49.09
C SER E 153 -34.46 24.76 50.11
N GLU E 154 -34.31 23.72 50.91
CA GLU E 154 -33.13 23.49 51.75
C GLU E 154 -33.00 22.02 52.17
N VAL E 155 -31.78 21.61 52.51
CA VAL E 155 -31.46 20.33 53.18
C VAL E 155 -30.78 20.66 54.50
N LYS E 156 -31.22 20.06 55.60
CA LYS E 156 -30.81 20.45 56.95
C LYS E 156 -30.43 19.26 57.81
N LYS E 157 -29.37 19.43 58.58
CA LYS E 157 -28.94 18.51 59.57
C LYS E 157 -29.76 18.65 60.82
N VAL E 158 -30.43 17.66 61.29
CA VAL E 158 -31.13 17.54 62.52
C VAL E 158 -30.25 17.15 63.67
N ASP E 159 -29.49 16.12 63.51
CA ASP E 159 -28.48 15.62 64.36
C ASP E 159 -27.48 14.79 63.59
N ASP E 160 -26.60 14.08 64.23
CA ASP E 160 -25.68 13.17 63.70
C ASP E 160 -26.31 12.00 62.99
N ASN E 161 -27.55 11.71 63.22
CA ASN E 161 -28.32 10.61 62.77
C ASN E 161 -29.60 10.90 62.05
N THR E 162 -29.94 12.11 61.74
CA THR E 162 -31.12 12.59 61.14
C THR E 162 -30.89 13.61 60.08
N VAL E 163 -31.60 13.52 58.95
CA VAL E 163 -31.56 14.45 57.83
C VAL E 163 -32.97 14.89 57.50
N GLN E 164 -33.10 16.12 57.02
CA GLN E 164 -34.33 16.71 56.53
C GLN E 164 -34.19 17.38 55.17
N PHE E 165 -35.23 17.25 54.36
CA PHE E 165 -35.41 17.96 53.11
C PHE E 165 -36.65 18.82 53.25
N VAL E 166 -36.56 20.11 52.91
CA VAL E 166 -37.72 20.99 52.84
C VAL E 166 -37.93 21.42 51.40
N LEU E 167 -39.11 21.13 50.84
CA LEU E 167 -39.44 21.32 49.44
C LEU E 167 -40.37 22.51 49.20
N THR E 168 -40.14 23.24 48.11
CA THR E 168 -40.89 24.45 47.77
C THR E 168 -42.39 24.19 47.57
N ARG E 169 -42.76 23.04 46.99
CA ARG E 169 -44.12 22.60 46.67
C ARG E 169 -44.22 21.09 46.86
N PRO E 170 -45.40 20.51 47.08
CA PRO E 170 -45.52 19.07 47.29
C PRO E 170 -45.34 18.28 45.97
N GLU E 171 -44.52 17.23 45.99
CA GLU E 171 -44.34 16.30 44.86
C GLU E 171 -44.33 14.84 45.33
N ALA E 172 -45.39 14.10 44.99
CA ALA E 172 -45.56 12.69 45.32
C ALA E 172 -44.40 11.76 44.92
N PRO E 173 -43.73 11.91 43.76
CA PRO E 173 -42.66 11.01 43.39
C PRO E 173 -41.34 11.25 44.14
N PHE E 174 -41.21 12.30 44.97
CA PHE E 174 -39.92 12.67 45.57
C PHE E 174 -39.25 11.52 46.34
N LEU E 175 -40.04 10.69 47.04
CA LEU E 175 -39.51 9.51 47.72
C LEU E 175 -38.86 8.51 46.73
N ALA E 176 -39.40 8.36 45.53
CA ALA E 176 -38.82 7.53 44.48
C ALA E 176 -37.69 8.25 43.74
N ASP E 177 -37.72 9.58 43.64
CA ASP E 177 -36.59 10.32 43.11
C ASP E 177 -35.34 10.17 43.98
N LEU E 178 -35.46 10.21 45.31
CA LEU E 178 -34.36 9.89 46.23
C LEU E 178 -33.92 8.42 46.16
N ALA E 179 -34.69 7.54 45.53
CA ALA E 179 -34.36 6.13 45.37
C ALA E 179 -33.55 5.85 44.10
N MET E 180 -33.70 6.63 43.04
CA MET E 180 -32.98 6.40 41.79
C MET E 180 -31.50 6.82 41.87
N ASP E 181 -30.70 6.30 40.94
CA ASP E 181 -29.25 6.13 41.09
C ASP E 181 -28.38 7.39 41.03
N PHE E 182 -28.93 8.56 40.63
CA PHE E 182 -28.17 9.82 40.59
C PHE E 182 -27.91 10.35 42.00
N ALA E 183 -28.91 10.32 42.89
CA ALA E 183 -28.68 10.48 44.31
C ALA E 183 -27.85 9.28 44.78
N SER E 184 -26.89 9.52 45.64
CA SER E 184 -26.05 8.51 46.29
C SER E 184 -25.35 9.20 47.45
N ILE E 185 -24.88 8.44 48.45
CA ILE E 185 -24.32 9.03 49.65
C ILE E 185 -22.80 8.92 49.62
N LEU E 186 -22.14 10.08 49.56
CA LEU E 186 -20.70 10.28 49.34
C LEU E 186 -20.03 10.78 50.63
N SER E 187 -18.84 10.26 50.97
CA SER E 187 -18.19 10.56 52.24
C SER E 187 -17.62 12.00 52.30
N LYS E 188 -18.09 12.82 53.23
CA LYS E 188 -17.50 14.14 53.52
C LYS E 188 -16.11 13.98 54.14
N GLU E 189 -15.85 12.91 54.88
CA GLU E 189 -14.53 12.64 55.49
C GLU E 189 -13.47 12.33 54.44
N TYR E 190 -13.75 11.45 53.47
CA TYR E 190 -12.86 11.21 52.33
C TYR E 190 -12.69 12.46 51.48
N ALA E 191 -13.78 13.15 51.17
CA ALA E 191 -13.75 14.36 50.40
C ALA E 191 -12.80 15.40 51.02
N ASP E 192 -12.95 15.69 52.32
CA ASP E 192 -12.09 16.61 53.05
C ASP E 192 -10.64 16.15 53.13
N ALA E 193 -10.39 14.85 53.27
CA ALA E 193 -9.03 14.32 53.22
C ALA E 193 -8.36 14.60 51.88
N MET E 194 -9.02 14.34 50.75
CA MET E 194 -8.45 14.57 49.42
C MET E 194 -8.35 16.06 49.06
N MET E 195 -9.26 16.89 49.55
CA MET E 195 -9.23 18.35 49.38
C MET E 195 -8.07 18.99 50.15
N LYS E 196 -7.83 18.60 51.41
CA LYS E 196 -6.68 19.05 52.20
C LYS E 196 -5.35 18.54 51.62
N ALA E 197 -5.34 17.34 51.05
CA ALA E 197 -4.23 16.81 50.24
C ALA E 197 -4.25 17.30 48.78
N GLY E 198 -4.95 18.39 48.47
CA GLY E 198 -4.82 19.18 47.24
C GLY E 198 -5.21 18.49 45.92
N THR E 199 -5.93 17.38 45.97
CA THR E 199 -6.22 16.50 44.82
C THR E 199 -7.68 16.03 44.83
N PRO E 200 -8.66 16.96 44.78
CA PRO E 200 -10.06 16.64 45.07
C PRO E 200 -10.73 15.80 43.97
N GLU E 201 -10.16 15.77 42.76
CA GLU E 201 -10.62 14.91 41.67
C GLU E 201 -10.66 13.43 42.09
N LYS E 202 -9.79 13.00 43.01
CA LYS E 202 -9.82 11.64 43.56
C LYS E 202 -11.12 11.29 44.28
N LEU E 203 -11.99 12.25 44.63
CA LEU E 203 -13.36 11.96 45.12
C LEU E 203 -14.19 11.16 44.09
N ASP E 204 -14.05 11.48 42.80
CA ASP E 204 -14.84 10.87 41.71
C ASP E 204 -14.06 9.83 40.90
N LEU E 205 -12.75 10.03 40.70
CA LEU E 205 -11.90 9.10 39.96
C LEU E 205 -11.53 7.87 40.79
N ASN E 206 -11.44 8.00 42.12
CA ASN E 206 -11.08 6.92 43.02
C ASN E 206 -12.20 6.76 44.06
N PRO E 207 -13.28 6.03 43.71
CA PRO E 207 -14.52 6.07 44.46
C PRO E 207 -14.38 5.36 45.81
N ILE E 208 -14.98 5.96 46.83
CA ILE E 208 -15.30 5.31 48.11
C ILE E 208 -16.78 5.52 48.36
N GLY E 209 -17.45 4.46 48.79
CA GLY E 209 -18.88 4.45 49.06
C GLY E 209 -19.20 3.50 50.21
N THR E 210 -20.50 3.18 50.33
CA THR E 210 -21.04 2.25 51.34
C THR E 210 -21.59 0.97 50.73
N GLY E 211 -21.58 0.82 49.40
CA GLY E 211 -22.22 -0.28 48.66
C GLY E 211 -21.52 -1.64 48.77
N PRO E 212 -22.15 -2.70 48.26
CA PRO E 212 -21.74 -4.08 48.49
C PRO E 212 -20.44 -4.46 47.80
N PHE E 213 -20.17 -3.92 46.62
CA PHE E 213 -18.97 -4.20 45.84
C PHE E 213 -18.16 -2.92 45.69
N GLN E 214 -16.93 -2.87 46.19
CA GLN E 214 -16.13 -1.65 46.10
C GLN E 214 -14.80 -1.88 45.40
N LEU E 215 -14.34 -0.83 44.72
CA LEU E 215 -13.47 -0.94 43.55
C LEU E 215 -12.04 -1.38 43.86
N GLN E 216 -11.43 -2.11 42.94
CA GLN E 216 -10.13 -2.65 43.00
C GLN E 216 -9.18 -2.25 41.91
N GLN E 217 -9.64 -2.29 40.65
CA GLN E 217 -8.93 -1.84 39.44
C GLN E 217 -9.91 -1.40 38.35
N TYR E 218 -9.49 -0.52 37.45
CA TYR E 218 -10.19 -0.21 36.20
C TYR E 218 -9.22 -0.03 35.03
N GLN E 219 -8.96 -1.11 34.30
CA GLN E 219 -8.30 -1.13 33.05
C GLN E 219 -9.15 -0.43 32.02
N LYS E 220 -8.66 0.63 31.39
CA LYS E 220 -9.44 1.50 30.50
C LYS E 220 -10.03 0.72 29.32
N ASP E 221 -11.35 0.78 29.16
CA ASP E 221 -12.10 0.10 28.09
C ASP E 221 -11.85 -1.43 27.97
N SER E 222 -11.35 -2.08 29.01
CA SER E 222 -11.02 -3.49 29.01
C SER E 222 -11.74 -4.28 30.10
N ARG E 223 -11.51 -3.96 31.39
CA ARG E 223 -11.99 -4.60 32.54
C ARG E 223 -12.30 -3.67 33.68
N ILE E 224 -13.26 -4.03 34.53
CA ILE E 224 -13.47 -3.41 35.85
C ILE E 224 -13.55 -4.52 36.88
N ARG E 225 -12.73 -4.44 37.92
CA ARG E 225 -12.55 -5.36 38.97
C ARG E 225 -13.11 -4.83 40.27
N TYR E 226 -14.05 -5.54 40.86
CA TYR E 226 -14.65 -5.22 42.15
C TYR E 226 -14.40 -6.34 43.13
N LYS E 227 -14.38 -5.98 44.40
CA LYS E 227 -14.19 -6.82 45.52
C LYS E 227 -15.32 -6.70 46.52
N ALA E 228 -15.82 -7.75 47.07
CA ALA E 228 -16.85 -7.80 48.03
C ALA E 228 -16.50 -6.97 49.24
N PHE E 229 -17.26 -6.01 49.64
CA PHE E 229 -17.08 -5.19 50.78
C PHE E 229 -17.25 -5.98 52.04
N ASP E 230 -16.25 -6.25 52.80
CA ASP E 230 -16.24 -7.06 53.95
C ASP E 230 -17.19 -6.57 55.00
N GLY E 231 -17.16 -5.31 55.29
CA GLY E 231 -17.91 -4.67 56.25
C GLY E 231 -19.30 -4.28 55.98
N TYR E 232 -19.87 -4.72 54.86
CA TYR E 232 -21.17 -4.27 54.40
C TYR E 232 -22.27 -4.54 55.44
N TRP E 233 -23.15 -3.56 55.65
CA TRP E 233 -24.19 -3.59 56.67
C TRP E 233 -25.30 -4.61 56.37
N GLY E 234 -25.67 -4.75 55.10
CA GLY E 234 -26.76 -5.61 54.63
C GLY E 234 -26.34 -7.06 54.42
N THR E 235 -26.99 -7.77 53.50
CA THR E 235 -26.59 -9.11 53.09
C THR E 235 -25.23 -9.07 52.39
N LYS E 236 -24.20 -9.68 52.98
CA LYS E 236 -22.90 -9.89 52.46
C LYS E 236 -23.00 -10.57 51.11
N PRO E 237 -22.54 -10.00 49.98
CA PRO E 237 -22.64 -10.68 48.70
C PRO E 237 -21.95 -12.04 48.69
N GLN E 238 -22.61 -13.08 48.17
CA GLN E 238 -22.08 -14.44 48.20
C GLN E 238 -20.87 -14.64 47.27
N ILE E 239 -20.77 -13.88 46.18
CA ILE E 239 -19.56 -13.82 45.34
C ILE E 239 -18.49 -12.92 45.98
N ASP E 240 -17.24 -13.37 46.02
CA ASP E 240 -16.11 -12.63 46.59
C ASP E 240 -15.64 -11.48 45.71
N THR E 241 -15.78 -11.63 44.39
CA THR E 241 -15.34 -10.66 43.39
C THR E 241 -16.23 -10.70 42.16
N LEU E 242 -16.35 -9.56 41.49
CA LEU E 242 -17.15 -9.34 40.30
C LEU E 242 -16.29 -8.61 39.28
N VAL E 243 -16.29 -9.10 38.04
CA VAL E 243 -15.51 -8.54 36.94
C VAL E 243 -16.43 -8.12 35.81
N PHE E 244 -16.31 -6.90 35.31
CA PHE E 244 -16.97 -6.49 34.08
C PHE E 244 -16.00 -6.68 32.92
N SER E 245 -16.44 -7.37 31.88
CA SER E 245 -15.67 -7.65 30.67
C SER E 245 -16.30 -6.90 29.52
N ILE E 246 -15.93 -5.64 29.34
CA ILE E 246 -16.62 -4.72 28.42
C ILE E 246 -16.56 -5.29 27.00
N THR E 247 -17.71 -5.56 26.38
CA THR E 247 -17.82 -6.23 25.08
C THR E 247 -18.95 -5.58 24.29
N PRO E 248 -18.69 -4.58 23.44
CA PRO E 248 -19.72 -3.74 22.86
C PRO E 248 -20.53 -4.39 21.73
N ASP E 249 -20.23 -5.63 21.33
CA ASP E 249 -20.99 -6.37 20.29
C ASP E 249 -21.77 -7.53 20.92
N ALA E 250 -23.10 -7.50 20.77
CA ALA E 250 -24.05 -8.42 21.26
C ALA E 250 -23.72 -9.84 20.86
N SER E 251 -23.40 -10.04 19.58
CA SER E 251 -23.12 -11.38 19.05
C SER E 251 -21.88 -11.97 19.69
N VAL E 252 -20.88 -11.15 20.00
CA VAL E 252 -19.67 -11.59 20.71
C VAL E 252 -19.99 -11.85 22.17
N ARG E 253 -20.90 -11.10 22.80
CA ARG E 253 -21.37 -11.39 24.16
C ARG E 253 -22.01 -12.76 24.25
N TYR E 254 -22.85 -13.11 23.27
CA TYR E 254 -23.41 -14.45 23.18
C TYR E 254 -22.33 -15.51 22.89
N ALA E 255 -21.39 -15.22 21.99
CA ALA E 255 -20.27 -16.12 21.73
C ALA E 255 -19.42 -16.38 22.99
N LYS E 256 -19.17 -15.35 23.81
CA LYS E 256 -18.56 -15.49 25.13
C LYS E 256 -19.40 -16.38 26.05
N LEU E 257 -20.72 -16.22 26.02
CA LEU E 257 -21.63 -16.87 26.96
C LEU E 257 -21.75 -18.39 26.73
N GLN E 258 -21.57 -18.87 25.50
CA GLN E 258 -21.64 -20.30 25.17
C GLN E 258 -20.57 -21.13 25.89
N LYS E 259 -19.33 -20.64 25.96
CA LYS E 259 -18.17 -21.35 26.53
C LYS E 259 -17.73 -20.84 27.90
N ASN E 260 -18.67 -20.27 28.67
CA ASN E 260 -18.52 -19.85 30.05
C ASN E 260 -17.57 -18.66 30.26
N GLU E 261 -17.42 -17.79 29.27
CA GLU E 261 -16.48 -16.67 29.36
C GLU E 261 -17.10 -15.47 30.10
N CYS E 262 -18.40 -15.25 29.93
CA CYS E 262 -19.26 -14.56 30.91
C CYS E 262 -20.05 -15.58 31.73
N GLN E 263 -20.75 -15.12 32.78
CA GLN E 263 -21.92 -15.80 33.31
C GLN E 263 -23.23 -15.01 33.17
N VAL E 264 -23.20 -13.73 32.84
CA VAL E 264 -24.40 -12.88 32.66
C VAL E 264 -24.16 -11.89 31.51
N MET E 265 -25.21 -11.50 30.78
CA MET E 265 -25.12 -10.68 29.57
C MET E 265 -26.34 -9.75 29.39
N PRO E 266 -26.17 -8.48 29.00
CA PRO E 266 -27.27 -7.58 28.71
C PRO E 266 -27.70 -7.61 27.25
N TYR E 267 -28.92 -7.12 27.00
CA TYR E 267 -29.43 -6.63 25.72
C TYR E 267 -29.12 -7.51 24.48
N PRO E 268 -29.72 -8.72 24.37
CA PRO E 268 -29.40 -9.68 23.31
C PRO E 268 -29.85 -9.23 21.92
N ASN E 269 -29.32 -9.86 20.87
CA ASN E 269 -29.87 -9.69 19.52
C ASN E 269 -31.32 -10.21 19.52
N PRO E 270 -32.30 -9.47 18.96
CA PRO E 270 -33.63 -10.04 18.74
C PRO E 270 -33.60 -11.34 17.93
N ALA E 271 -32.57 -11.50 17.08
CA ALA E 271 -32.33 -12.61 16.25
C ALA E 271 -32.05 -13.87 17.02
N ASP E 272 -31.21 -13.82 17.99
CA ASP E 272 -30.70 -14.89 18.79
C ASP E 272 -31.67 -15.41 19.81
N ILE E 273 -32.81 -14.76 20.03
CA ILE E 273 -33.76 -15.14 21.08
C ILE E 273 -34.24 -16.58 20.89
N ALA E 274 -34.45 -17.01 19.64
CA ALA E 274 -34.87 -18.37 19.36
C ALA E 274 -33.86 -19.38 19.86
N ARG E 275 -32.63 -19.27 19.48
CA ARG E 275 -31.54 -20.09 19.86
C ARG E 275 -31.35 -20.11 21.35
N MET E 276 -31.39 -18.93 21.97
CA MET E 276 -31.24 -18.75 23.42
C MET E 276 -32.32 -19.50 24.18
N LYS E 277 -33.58 -19.45 23.73
CA LYS E 277 -34.68 -20.24 24.31
C LYS E 277 -34.41 -21.74 24.20
N GLN E 278 -33.83 -22.18 23.08
CA GLN E 278 -33.49 -23.51 22.79
C GLN E 278 -32.25 -23.99 23.49
N ASP E 279 -31.41 -23.11 24.04
CA ASP E 279 -30.13 -23.51 24.62
C ASP E 279 -30.27 -24.27 25.96
N LYS E 280 -29.37 -25.22 26.20
CA LYS E 280 -29.47 -26.19 27.29
C LYS E 280 -28.91 -25.67 28.61
N SER E 281 -27.95 -24.74 28.57
CA SER E 281 -27.22 -24.20 29.74
C SER E 281 -27.37 -22.68 29.93
N ILE E 282 -28.30 -22.04 29.23
CA ILE E 282 -28.74 -20.66 29.48
C ILE E 282 -30.16 -20.69 30.05
N ASN E 283 -30.35 -20.11 31.23
CA ASN E 283 -31.68 -19.74 31.72
C ASN E 283 -31.98 -18.35 31.19
N LEU E 284 -32.79 -18.26 30.15
CA LEU E 284 -33.19 -16.99 29.59
C LEU E 284 -34.25 -16.35 30.51
N MET E 285 -33.82 -15.42 31.37
CA MET E 285 -34.73 -14.61 32.16
C MET E 285 -35.50 -13.65 31.24
N GLU E 286 -36.79 -13.49 31.46
CA GLU E 286 -37.67 -12.66 30.64
C GLU E 286 -38.66 -11.86 31.50
N MET E 287 -38.94 -10.60 31.17
CA MET E 287 -39.92 -9.78 31.89
C MET E 287 -40.53 -8.70 30.98
N PRO E 288 -41.83 -8.36 31.08
CA PRO E 288 -42.40 -7.20 30.41
C PRO E 288 -41.66 -5.94 30.85
N GLY E 289 -41.07 -5.22 29.91
CA GLY E 289 -40.20 -4.08 30.22
C GLY E 289 -41.01 -2.83 30.48
N LEU E 290 -40.39 -1.84 31.12
CA LEU E 290 -40.97 -0.52 31.30
C LEU E 290 -40.52 0.45 30.19
N ASN E 291 -40.21 -0.08 29.00
CA ASN E 291 -39.64 0.67 27.90
C ASN E 291 -40.69 0.85 26.79
N VAL E 292 -40.95 2.09 26.40
CA VAL E 292 -41.88 2.44 25.32
C VAL E 292 -41.14 3.05 24.13
N GLY E 293 -41.38 2.52 22.93
CA GLY E 293 -40.91 3.10 21.68
C GLY E 293 -42.03 3.87 20.98
N TYR E 294 -41.74 5.06 20.47
CA TYR E 294 -42.71 5.87 19.75
C TYR E 294 -42.06 6.76 18.69
N LEU E 295 -42.90 7.24 17.77
CA LEU E 295 -42.56 8.24 16.77
C LEU E 295 -43.39 9.49 17.10
N SER E 296 -42.75 10.62 17.42
CA SER E 296 -43.46 11.81 17.90
C SER E 296 -43.63 12.86 16.83
N TYR E 297 -44.82 13.43 16.74
CA TYR E 297 -45.15 14.45 15.75
C TYR E 297 -44.87 15.84 16.35
N ASN E 298 -44.22 16.72 15.61
CA ASN E 298 -44.21 18.14 15.95
C ASN E 298 -45.59 18.73 15.63
N VAL E 299 -46.41 18.97 16.64
CA VAL E 299 -47.74 19.59 16.43
C VAL E 299 -47.69 21.04 15.92
N GLN E 300 -46.51 21.65 15.86
CA GLN E 300 -46.32 23.02 15.38
C GLN E 300 -45.95 23.08 13.89
N LYS E 301 -45.85 21.95 13.18
CA LYS E 301 -45.47 21.86 11.76
C LYS E 301 -46.68 21.68 10.85
N LYS E 302 -46.69 22.37 9.70
CA LYS E 302 -47.89 22.59 8.87
C LYS E 302 -48.68 21.36 8.41
N PRO E 303 -48.10 20.17 8.12
CA PRO E 303 -48.92 19.00 7.83
C PRO E 303 -49.50 18.32 9.10
N LEU E 304 -48.93 18.59 10.28
CA LEU E 304 -49.23 17.90 11.55
C LEU E 304 -49.91 18.80 12.62
N ASP E 305 -50.21 20.06 12.30
CA ASP E 305 -50.95 20.97 13.19
C ASP E 305 -52.47 20.75 13.17
N ASP E 306 -52.95 19.86 12.32
CA ASP E 306 -54.31 19.31 12.34
C ASP E 306 -54.29 17.84 12.82
N VAL E 307 -55.03 17.58 13.89
CA VAL E 307 -55.12 16.29 14.60
C VAL E 307 -55.54 15.15 13.69
N LYS E 308 -56.37 15.42 12.67
CA LYS E 308 -56.82 14.48 11.73
C LYS E 308 -55.70 13.81 10.99
N VAL E 309 -54.75 14.54 10.52
CA VAL E 309 -53.60 14.10 9.84
C VAL E 309 -52.80 13.15 10.69
N ARG E 310 -52.63 13.49 11.97
CA ARG E 310 -51.89 12.69 12.95
C ARG E 310 -52.59 11.38 13.26
N GLN E 311 -53.93 11.38 13.27
CA GLN E 311 -54.71 10.15 13.38
C GLN E 311 -54.50 9.26 12.15
N ALA E 312 -54.57 9.81 10.94
CA ALA E 312 -54.41 9.04 9.70
C ALA E 312 -53.08 8.27 9.65
N LEU E 313 -51.96 8.93 9.87
CA LEU E 313 -50.64 8.30 9.88
C LEU E 313 -50.46 7.27 11.00
N THR E 314 -51.40 7.19 11.93
CA THR E 314 -51.43 6.17 12.97
C THR E 314 -52.27 4.96 12.52
N TYR E 315 -53.43 5.18 11.89
CA TYR E 315 -54.21 4.12 11.21
C TYR E 315 -53.43 3.45 10.06
N ALA E 316 -52.49 4.17 9.44
CA ALA E 316 -51.69 3.68 8.32
C ALA E 316 -50.62 2.63 8.66
N VAL E 317 -50.18 2.49 9.91
CA VAL E 317 -49.01 1.65 10.27
C VAL E 317 -49.43 0.35 10.88
N ASN E 318 -48.91 -0.78 10.40
CA ASN E 318 -49.26 -2.10 10.91
C ASN E 318 -48.42 -2.53 12.12
N LYS E 319 -48.76 -2.05 13.33
CA LYS E 319 -48.02 -2.37 14.57
C LYS E 319 -47.79 -3.87 14.74
N ASP E 320 -48.77 -4.68 14.33
CA ASP E 320 -48.69 -6.14 14.44
C ASP E 320 -47.61 -6.78 13.52
N ALA E 321 -47.26 -6.11 12.42
CA ALA E 321 -46.11 -6.51 11.61
C ALA E 321 -44.80 -6.11 12.28
N ILE E 322 -44.71 -4.87 12.80
CA ILE E 322 -43.48 -4.32 13.40
C ILE E 322 -42.99 -5.19 14.57
N ILE E 323 -43.88 -5.71 15.42
CA ILE E 323 -43.47 -6.63 16.50
C ILE E 323 -42.88 -7.96 16.00
N LYS E 324 -43.07 -8.33 14.73
CA LYS E 324 -42.36 -9.45 14.08
C LYS E 324 -41.11 -8.98 13.34
N ALA E 325 -41.25 -8.01 12.45
CA ALA E 325 -40.21 -7.53 11.54
C ALA E 325 -39.17 -6.56 12.16
N VAL E 326 -39.30 -6.19 13.44
CA VAL E 326 -38.27 -5.47 14.21
C VAL E 326 -37.93 -6.15 15.53
N TYR E 327 -38.91 -6.68 16.24
CA TYR E 327 -38.72 -7.24 17.58
C TYR E 327 -38.71 -8.77 17.63
N GLN E 328 -39.03 -9.48 16.55
CA GLN E 328 -39.07 -10.95 16.50
C GLN E 328 -39.83 -11.57 17.68
N GLY E 329 -41.01 -11.03 18.03
CA GLY E 329 -41.69 -11.50 19.13
C GLY E 329 -41.32 -11.06 20.48
N ALA E 330 -40.43 -10.13 20.60
CA ALA E 330 -39.95 -9.48 21.77
C ALA E 330 -40.66 -8.19 22.10
N GLY E 331 -41.86 -7.95 21.58
CA GLY E 331 -42.62 -6.72 21.81
C GLY E 331 -44.12 -6.95 21.92
N VAL E 332 -44.78 -6.16 22.75
CA VAL E 332 -46.24 -6.12 22.91
C VAL E 332 -46.77 -4.83 22.31
N SER E 333 -47.77 -4.91 21.44
CA SER E 333 -48.34 -3.75 20.74
C SER E 333 -48.98 -2.76 21.71
N ALA E 334 -48.66 -1.47 21.61
CA ALA E 334 -49.00 -0.47 22.62
C ALA E 334 -50.29 0.30 22.32
N LYS E 335 -51.24 0.32 23.26
CA LYS E 335 -52.45 1.18 23.23
C LYS E 335 -52.17 2.64 23.61
N ASN E 336 -51.31 2.80 24.62
CA ASN E 336 -51.12 3.98 25.46
C ASN E 336 -49.63 4.08 25.87
N LEU E 337 -49.20 5.22 26.43
CA LEU E 337 -47.79 5.49 26.72
C LEU E 337 -47.20 4.63 27.86
N ILE E 338 -47.97 4.29 28.88
CA ILE E 338 -47.49 3.57 30.05
C ILE E 338 -47.26 2.11 29.69
N PRO E 339 -46.17 1.48 30.16
CA PRO E 339 -46.04 0.03 30.18
C PRO E 339 -47.21 -0.71 30.88
N PRO E 340 -47.60 -1.91 30.42
CA PRO E 340 -48.87 -2.53 30.80
C PRO E 340 -48.88 -3.15 32.20
N THR E 341 -47.71 -3.48 32.77
CA THR E 341 -47.60 -4.02 34.15
C THR E 341 -47.61 -2.94 35.22
N MET E 342 -47.63 -1.66 34.85
CA MET E 342 -47.65 -0.50 35.74
C MET E 342 -49.04 -0.25 36.35
N TRP E 343 -49.10 0.34 37.54
CA TRP E 343 -50.35 0.86 38.09
C TRP E 343 -50.83 2.07 37.27
N GLY E 344 -52.14 2.34 37.26
CA GLY E 344 -52.70 3.49 36.53
C GLY E 344 -52.85 3.29 35.02
N TYR E 345 -52.71 2.07 34.51
CA TYR E 345 -52.88 1.71 33.11
C TYR E 345 -54.34 1.79 32.66
N ASN E 346 -54.66 2.59 31.63
CA ASN E 346 -56.03 2.67 31.10
C ASN E 346 -56.26 1.61 30.02
N ASP E 347 -56.84 0.48 30.39
CA ASP E 347 -57.11 -0.65 29.50
C ASP E 347 -58.32 -0.41 28.58
N ASP E 348 -59.14 0.60 28.84
CA ASP E 348 -60.43 0.83 28.18
C ASP E 348 -60.33 1.59 26.85
N VAL E 349 -59.20 2.22 26.54
CA VAL E 349 -59.03 2.92 25.26
C VAL E 349 -58.98 1.92 24.10
N GLN E 350 -59.60 2.26 22.98
CA GLN E 350 -59.40 1.56 21.71
C GLN E 350 -57.99 1.84 21.14
N ASP E 351 -57.58 1.08 20.14
CA ASP E 351 -56.35 1.35 19.37
C ASP E 351 -56.72 1.75 17.93
N TYR E 352 -55.96 2.68 17.34
CA TYR E 352 -56.16 3.10 15.95
C TYR E 352 -55.66 2.02 14.99
N THR E 353 -56.43 0.94 14.86
CA THR E 353 -55.95 -0.34 14.30
C THR E 353 -55.64 -0.28 12.80
N TYR E 354 -54.86 -1.23 12.28
CA TYR E 354 -54.32 -1.17 10.92
C TYR E 354 -55.42 -1.17 9.86
N ASP E 355 -55.63 -0.04 9.22
CA ASP E 355 -56.79 0.21 8.37
C ASP E 355 -56.46 1.30 7.34
N PRO E 356 -55.72 0.94 6.28
CA PRO E 356 -55.35 1.87 5.22
C PRO E 356 -56.54 2.64 4.64
N GLU E 357 -57.69 2.02 4.41
CA GLU E 357 -58.85 2.73 3.87
C GLU E 357 -59.45 3.74 4.86
N LYS E 358 -59.39 3.55 6.18
CA LYS E 358 -59.63 4.64 7.14
C LYS E 358 -58.56 5.72 7.02
N ALA E 359 -57.29 5.35 6.93
CA ALA E 359 -56.21 6.34 6.82
C ALA E 359 -56.43 7.25 5.60
N LYS E 360 -56.80 6.65 4.47
CA LYS E 360 -57.26 7.35 3.27
C LYS E 360 -58.53 8.15 3.52
N ALA E 361 -59.55 7.60 4.19
CA ALA E 361 -60.76 8.38 4.49
C ALA E 361 -60.45 9.66 5.28
N LEU E 362 -59.51 9.60 6.24
CA LEU E 362 -59.04 10.75 7.01
C LEU E 362 -58.27 11.75 6.15
N LEU E 363 -57.31 11.29 5.37
CA LEU E 363 -56.54 12.19 4.48
C LEU E 363 -57.42 12.81 3.38
N LYS E 364 -58.47 12.11 2.92
CA LYS E 364 -59.45 12.57 2.01
C LYS E 364 -60.23 13.73 2.58
N GLU E 365 -60.84 13.55 3.70
CA GLU E 365 -61.58 14.51 4.41
C GLU E 365 -60.75 15.71 4.80
N ALA E 366 -59.52 15.51 5.15
CA ALA E 366 -58.54 16.47 5.47
C ALA E 366 -58.06 17.24 4.27
N GLY E 367 -58.20 16.73 3.09
CA GLY E 367 -57.72 17.25 1.92
C GLY E 367 -56.33 17.04 1.52
N LEU E 368 -55.69 16.03 2.02
CA LEU E 368 -54.35 15.60 1.82
C LEU E 368 -54.18 14.32 1.05
N GLU E 369 -55.15 13.85 0.33
CA GLU E 369 -55.09 12.73 -0.53
C GLU E 369 -54.04 12.87 -1.61
N LYS E 370 -53.72 14.06 -2.00
CA LYS E 370 -52.67 14.41 -2.88
C LYS E 370 -51.31 13.99 -2.38
N GLY E 371 -51.15 13.73 -1.12
CA GLY E 371 -50.01 13.33 -0.49
C GLY E 371 -49.04 14.37 -0.09
N PHE E 372 -48.03 14.07 0.66
CA PHE E 372 -47.01 14.90 1.15
C PHE E 372 -45.78 14.14 1.56
N SER E 373 -44.67 14.78 1.73
CA SER E 373 -43.39 14.32 2.13
C SER E 373 -43.14 14.56 3.59
N ILE E 374 -42.63 13.58 4.34
CA ILE E 374 -42.32 13.70 5.78
C ILE E 374 -40.90 13.20 6.06
N ASP E 375 -40.12 13.93 6.86
CA ASP E 375 -38.89 13.40 7.43
C ASP E 375 -39.16 12.60 8.71
N LEU E 376 -38.40 11.53 8.88
CA LEU E 376 -38.48 10.60 9.99
C LEU E 376 -37.06 10.30 10.46
N TRP E 377 -36.66 10.87 11.58
CA TRP E 377 -35.27 10.73 12.03
C TRP E 377 -35.15 9.45 12.87
N ALA E 378 -34.35 8.49 12.41
CA ALA E 378 -33.95 7.35 13.21
C ALA E 378 -32.98 7.81 14.31
N MET E 379 -32.58 6.91 15.20
CA MET E 379 -31.82 7.30 16.39
C MET E 379 -30.82 6.22 16.83
N PRO E 380 -29.52 6.50 16.93
CA PRO E 380 -28.60 5.72 17.73
C PRO E 380 -28.82 6.00 19.22
N VAL E 381 -28.79 4.96 20.07
CA VAL E 381 -29.15 5.07 21.51
C VAL E 381 -28.10 4.42 22.41
N GLN E 382 -27.82 5.05 23.55
CA GLN E 382 -26.78 4.64 24.51
C GLN E 382 -27.25 3.65 25.59
N ASP E 383 -28.53 3.71 26.02
CA ASP E 383 -29.09 2.78 27.01
C ASP E 383 -29.54 1.44 26.34
N PRO E 384 -29.48 0.30 27.05
CA PRO E 384 -29.89 -1.00 26.52
C PRO E 384 -31.41 -1.11 26.27
N TYR E 385 -31.81 -2.16 25.54
CA TYR E 385 -33.20 -2.48 25.19
C TYR E 385 -33.92 -1.46 24.29
N ASN E 386 -33.17 -0.57 23.65
CA ASN E 386 -33.67 0.25 22.55
C ASN E 386 -33.97 -0.65 21.31
N PRO E 387 -35.03 -0.35 20.54
CA PRO E 387 -35.34 -1.10 19.33
C PRO E 387 -34.43 -0.69 18.16
N ASN E 388 -34.35 -1.52 17.12
CA ASN E 388 -33.58 -1.17 15.93
C ASN E 388 -34.34 -0.14 15.08
N ALA E 389 -34.15 1.14 15.42
CA ALA E 389 -34.90 2.25 14.85
C ALA E 389 -34.76 2.40 13.32
N ARG E 390 -33.65 1.94 12.70
CA ARG E 390 -33.51 1.89 11.23
C ARG E 390 -34.62 1.07 10.59
N ARG E 391 -34.86 -0.14 11.14
CA ARG E 391 -35.83 -1.10 10.64
C ARG E 391 -37.25 -0.58 10.82
N MET E 392 -37.55 0.04 11.96
CA MET E 392 -38.84 0.69 12.17
C MET E 392 -39.06 1.84 11.20
N ALA E 393 -38.05 2.69 10.98
CA ALA E 393 -38.20 3.85 10.13
C ALA E 393 -38.46 3.48 8.66
N GLU E 394 -37.74 2.49 8.11
CA GLU E 394 -38.02 2.04 6.75
C GLU E 394 -39.33 1.26 6.61
N MET E 395 -39.77 0.52 7.64
CA MET E 395 -41.11 -0.07 7.65
C MET E 395 -42.21 0.98 7.65
N ILE E 396 -42.12 1.98 8.52
CA ILE E 396 -43.09 3.05 8.59
C ILE E 396 -43.07 3.86 7.30
N GLN E 397 -41.90 4.01 6.66
CA GLN E 397 -41.79 4.66 5.36
C GLN E 397 -42.61 3.93 4.29
N ALA E 398 -42.60 2.60 4.27
CA ALA E 398 -43.42 1.84 3.34
C ALA E 398 -44.90 1.96 3.70
N ASP E 399 -45.24 1.87 4.97
CA ASP E 399 -46.62 1.92 5.43
C ASP E 399 -47.28 3.27 5.13
N TRP E 400 -46.61 4.39 5.36
CA TRP E 400 -47.15 5.68 4.94
C TRP E 400 -47.15 5.84 3.41
N ALA E 401 -46.14 5.32 2.67
CA ALA E 401 -46.14 5.38 1.21
C ALA E 401 -47.38 4.69 0.60
N LYS E 402 -47.77 3.53 1.14
CA LYS E 402 -48.97 2.79 0.74
C LYS E 402 -50.31 3.48 1.06
N VAL E 403 -50.31 4.63 1.74
CA VAL E 403 -51.49 5.50 1.91
C VAL E 403 -51.33 6.88 1.27
N GLY E 404 -50.36 7.06 0.38
CA GLY E 404 -50.15 8.25 -0.29
C GLY E 404 -49.29 9.31 0.28
N VAL E 405 -48.46 8.96 1.28
CA VAL E 405 -47.54 9.85 2.02
C VAL E 405 -46.15 9.24 2.14
N GLN E 406 -45.26 9.52 1.20
CA GLN E 406 -43.88 9.02 1.25
C GLN E 406 -43.05 9.65 2.37
N ALA E 407 -42.01 8.96 2.82
CA ALA E 407 -41.13 9.42 3.89
C ALA E 407 -39.65 9.31 3.52
N LYS E 408 -38.82 10.18 4.11
CA LYS E 408 -37.35 10.14 4.00
C LYS E 408 -36.71 9.89 5.36
N ILE E 409 -36.08 8.74 5.53
CA ILE E 409 -35.37 8.42 6.77
C ILE E 409 -34.07 9.23 6.83
N VAL E 410 -33.82 9.89 7.95
CA VAL E 410 -32.60 10.66 8.23
C VAL E 410 -31.88 10.04 9.43
N THR E 411 -30.57 9.91 9.35
CA THR E 411 -29.73 9.39 10.44
C THR E 411 -28.53 10.30 10.66
N TYR E 412 -28.77 11.56 11.03
CA TYR E 412 -27.70 12.45 11.49
C TYR E 412 -27.01 11.86 12.72
N GLU E 413 -25.70 12.05 12.85
CA GLU E 413 -24.95 11.59 14.02
C GLU E 413 -25.49 12.26 15.29
N TRP E 414 -25.44 11.57 16.43
CA TRP E 414 -26.22 11.90 17.62
C TRP E 414 -26.12 13.36 18.08
N GLY E 415 -24.92 13.94 18.00
CA GLY E 415 -24.69 15.35 18.35
C GLY E 415 -25.38 16.33 17.40
N GLU E 416 -25.35 16.05 16.10
CA GLU E 416 -26.02 16.87 15.09
C GLU E 416 -27.54 16.68 15.14
N TYR E 417 -27.99 15.44 15.35
CA TYR E 417 -29.40 15.10 15.58
C TYR E 417 -29.96 15.90 16.76
N LEU E 418 -29.27 15.90 17.91
CA LEU E 418 -29.67 16.65 19.10
C LEU E 418 -29.64 18.15 18.82
N LYS E 419 -28.61 18.67 18.13
CA LYS E 419 -28.50 20.09 17.76
C LYS E 419 -29.72 20.52 16.93
N ARG E 420 -30.04 19.78 15.87
CA ARG E 420 -31.14 20.12 14.96
C ARG E 420 -32.51 19.84 15.59
N ALA E 421 -32.61 18.91 16.55
CA ALA E 421 -33.85 18.64 17.26
C ALA E 421 -34.21 19.77 18.23
N LYS E 422 -33.25 20.30 19.01
CA LYS E 422 -33.47 21.50 19.82
C LYS E 422 -33.80 22.74 18.98
N ASP E 423 -33.40 22.75 17.70
CA ASP E 423 -33.76 23.72 16.75
C ASP E 423 -35.16 23.59 16.22
N GLY E 424 -35.84 22.46 16.47
CA GLY E 424 -37.18 22.18 15.94
C GLY E 424 -37.21 21.91 14.44
N GLU E 425 -36.10 21.52 13.81
CA GLU E 425 -35.99 21.37 12.36
C GLU E 425 -36.85 20.21 11.81
N HIS E 426 -36.98 19.13 12.58
CA HIS E 426 -37.71 17.90 12.22
C HIS E 426 -39.23 18.08 11.98
N GLN E 427 -39.84 17.06 11.37
CA GLN E 427 -41.29 16.84 11.42
C GLN E 427 -41.64 15.66 12.31
N THR E 428 -40.95 14.52 12.20
CA THR E 428 -41.15 13.35 13.07
C THR E 428 -39.84 12.68 13.46
N VAL E 429 -39.78 12.09 14.64
CA VAL E 429 -38.56 11.52 15.20
C VAL E 429 -38.82 10.26 16.00
N MET E 430 -38.01 9.25 15.77
CA MET E 430 -37.98 8.02 16.57
C MET E 430 -37.43 8.31 17.95
N MET E 431 -38.07 7.77 18.98
CA MET E 431 -37.53 7.78 20.33
C MET E 431 -37.93 6.52 21.10
N GLY E 432 -37.04 6.06 21.97
CA GLY E 432 -37.36 5.12 23.04
C GLY E 432 -37.16 5.78 24.40
N TRP E 433 -37.92 5.38 25.39
CA TRP E 433 -37.76 5.83 26.77
C TRP E 433 -38.01 4.70 27.76
N THR E 434 -37.45 4.77 28.96
CA THR E 434 -37.55 3.74 29.99
C THR E 434 -37.97 4.31 31.35
N GLY E 435 -38.53 3.47 32.22
CA GLY E 435 -39.26 3.84 33.43
C GLY E 435 -38.43 4.35 34.62
N ARG E 436 -37.48 5.27 34.41
CA ARG E 436 -36.30 5.52 35.27
C ARG E 436 -36.56 5.54 36.79
N ASN E 437 -37.61 6.23 37.26
CA ASN E 437 -37.98 6.34 38.68
C ASN E 437 -39.23 5.54 39.12
N GLY E 438 -39.78 4.67 38.26
CA GLY E 438 -40.84 3.74 38.65
C GLY E 438 -42.26 4.33 38.75
N ASP E 439 -42.50 5.58 38.34
CA ASP E 439 -43.78 6.28 38.47
C ASP E 439 -44.18 6.96 37.14
N PRO E 440 -45.45 6.98 36.72
CA PRO E 440 -45.92 7.56 35.49
C PRO E 440 -45.46 8.99 35.16
N ASP E 441 -45.03 9.81 36.10
CA ASP E 441 -44.48 11.14 35.79
C ASP E 441 -43.16 11.08 35.00
N ASN E 442 -42.42 9.98 35.09
CA ASN E 442 -41.31 9.70 34.19
C ASN E 442 -41.75 9.59 32.71
N PHE E 443 -43.05 9.46 32.44
CA PHE E 443 -43.60 9.43 31.10
C PHE E 443 -44.38 10.71 30.82
N PHE E 444 -45.48 10.98 31.51
CA PHE E 444 -46.35 12.09 31.12
C PHE E 444 -45.68 13.45 31.37
N ALA E 445 -45.11 13.68 32.55
CA ALA E 445 -44.40 14.91 32.83
C ALA E 445 -43.10 15.00 32.03
N THR E 446 -42.22 14.01 32.19
CA THR E 446 -40.85 14.01 31.63
C THR E 446 -40.80 13.92 30.10
N LEU E 447 -41.87 13.44 29.46
CA LEU E 447 -41.87 13.12 28.04
C LEU E 447 -42.97 13.81 27.22
N PHE E 448 -44.05 14.31 27.80
CA PHE E 448 -45.10 15.02 27.05
C PHE E 448 -45.57 16.36 27.64
N SER E 449 -45.09 16.80 28.81
CA SER E 449 -45.49 18.09 29.38
C SER E 449 -44.80 19.30 28.77
N CYS E 450 -45.30 20.48 29.10
CA CYS E 450 -44.73 21.78 28.75
C CYS E 450 -43.38 22.03 29.42
N ALA E 451 -43.18 21.56 30.66
CA ALA E 451 -41.93 21.70 31.40
C ALA E 451 -40.73 20.99 30.74
N ALA E 452 -40.98 19.85 30.09
CA ALA E 452 -40.01 19.14 29.27
C ALA E 452 -39.84 19.73 27.86
N SER E 453 -40.69 20.67 27.42
CA SER E 453 -40.69 21.17 26.02
C SER E 453 -39.60 22.22 25.74
N GLU E 454 -39.22 23.02 26.73
CA GLU E 454 -38.10 23.97 26.67
C GLU E 454 -36.75 23.31 26.98
N GLN E 455 -36.74 22.19 27.71
CA GLN E 455 -35.58 21.33 27.88
C GLN E 455 -35.26 20.49 26.63
N GLY E 456 -36.27 20.17 25.83
CA GLY E 456 -36.15 19.35 24.61
C GLY E 456 -36.35 17.84 24.81
N SER E 457 -36.70 17.36 26.01
CA SER E 457 -37.02 15.94 26.26
C SER E 457 -38.37 15.54 25.65
N ASN E 458 -39.37 16.43 25.69
CA ASN E 458 -40.63 16.26 24.97
C ASN E 458 -40.46 16.68 23.50
N TYR E 459 -40.16 15.74 22.60
CA TYR E 459 -39.94 16.07 21.18
C TYR E 459 -41.24 16.38 20.44
N SER E 460 -42.43 16.14 21.02
CA SER E 460 -43.70 16.40 20.34
C SER E 460 -44.05 17.89 20.24
N LYS E 461 -43.41 18.75 21.03
CA LYS E 461 -43.60 20.22 21.10
C LYS E 461 -45.05 20.67 21.38
N TRP E 462 -45.86 19.75 21.90
CA TRP E 462 -47.28 19.84 22.23
C TRP E 462 -47.51 20.21 23.69
N CYS E 463 -48.64 20.85 23.99
CA CYS E 463 -49.12 21.15 25.33
C CYS E 463 -50.64 21.38 25.33
N TYR E 464 -51.46 20.33 25.33
CA TYR E 464 -52.93 20.54 25.32
C TYR E 464 -53.34 20.88 26.75
N LYS E 465 -53.63 22.16 27.05
CA LYS E 465 -53.96 22.57 28.44
C LYS E 465 -54.63 21.40 29.18
N PRO E 466 -55.80 20.90 28.77
CA PRO E 466 -56.44 19.78 29.45
C PRO E 466 -55.51 18.63 29.87
N PHE E 467 -54.38 18.32 29.29
CA PHE E 467 -53.40 17.37 29.77
C PHE E 467 -52.62 17.89 30.99
N GLU E 468 -52.12 19.13 30.94
CA GLU E 468 -51.43 19.79 32.06
C GLU E 468 -52.26 19.85 33.33
N ASP E 469 -53.54 20.21 33.26
CA ASP E 469 -54.45 20.13 34.39
C ASP E 469 -54.73 18.71 34.89
N LEU E 470 -54.22 17.67 34.24
CA LEU E 470 -54.35 16.28 34.67
C LEU E 470 -53.00 15.67 35.05
N ILE E 471 -51.87 16.22 34.60
CA ILE E 471 -50.53 15.82 35.06
C ILE E 471 -50.04 16.66 36.26
N GLN E 472 -50.22 17.98 36.28
CA GLN E 472 -49.69 18.80 37.37
C GLN E 472 -50.38 18.51 38.73
N PRO E 473 -51.73 18.47 38.85
CA PRO E 473 -52.39 18.03 40.06
C PRO E 473 -52.07 16.59 40.45
N ALA E 474 -51.82 15.71 39.50
CA ALA E 474 -51.54 14.30 39.81
C ALA E 474 -50.20 14.10 40.49
N ARG E 475 -49.25 15.02 40.29
CA ARG E 475 -47.94 15.05 40.98
C ARG E 475 -48.03 15.68 42.36
N ALA E 476 -48.91 16.66 42.54
CA ALA E 476 -49.17 17.36 43.80
C ALA E 476 -50.40 16.81 44.55
N THR E 477 -50.52 15.49 44.68
CA THR E 477 -51.65 14.80 45.32
C THR E 477 -51.18 13.65 46.18
N ASP E 478 -51.84 13.42 47.31
CA ASP E 478 -51.51 12.34 48.24
C ASP E 478 -52.20 11.01 47.87
N ASP E 479 -53.48 11.05 47.52
CA ASP E 479 -54.28 9.82 47.39
C ASP E 479 -53.99 9.11 46.06
N HIS E 480 -53.36 7.93 46.12
CA HIS E 480 -53.06 7.10 44.95
C HIS E 480 -54.31 6.75 44.15
N ASN E 481 -55.44 6.53 44.81
CA ASN E 481 -56.72 6.22 44.16
C ASN E 481 -57.29 7.42 43.40
N LYS E 482 -56.84 8.64 43.68
CA LYS E 482 -57.11 9.84 42.88
C LYS E 482 -56.05 10.07 41.80
N ARG E 483 -54.76 9.84 42.09
CA ARG E 483 -53.68 9.85 41.07
C ARG E 483 -53.98 8.91 39.91
N VAL E 484 -54.39 7.67 40.22
CA VAL E 484 -54.80 6.67 39.24
C VAL E 484 -55.86 7.21 38.27
N GLU E 485 -56.90 7.87 38.77
CA GLU E 485 -57.97 8.37 37.91
C GLU E 485 -57.51 9.52 37.01
N LEU E 486 -56.74 10.47 37.52
CA LEU E 486 -56.17 11.54 36.70
C LEU E 486 -55.23 11.00 35.59
N TYR E 487 -54.39 9.99 35.88
CA TYR E 487 -53.60 9.34 34.84
C TYR E 487 -54.47 8.55 33.85
N LYS E 488 -55.54 7.87 34.30
CA LYS E 488 -56.49 7.24 33.38
C LYS E 488 -57.14 8.27 32.46
N GLN E 489 -57.42 9.47 32.93
CA GLN E 489 -57.93 10.55 32.07
C GLN E 489 -56.85 11.09 31.13
N ALA E 490 -55.61 11.21 31.59
CA ALA E 490 -54.51 11.73 30.80
C ALA E 490 -54.26 10.87 29.55
N GLN E 491 -54.35 9.54 29.67
CA GLN E 491 -54.24 8.60 28.56
C GLN E 491 -55.36 8.75 27.51
N VAL E 492 -56.59 9.06 27.92
CA VAL E 492 -57.71 9.32 27.01
C VAL E 492 -57.50 10.63 26.26
N VAL E 493 -57.09 11.71 26.93
CA VAL E 493 -56.83 12.98 26.23
C VAL E 493 -55.69 12.84 25.22
N MET E 494 -54.65 12.10 25.58
CA MET E 494 -53.53 11.76 24.70
C MET E 494 -53.97 10.94 23.47
N HIS E 495 -54.82 9.94 23.65
CA HIS E 495 -55.36 9.11 22.56
C HIS E 495 -56.19 9.91 21.57
N ASP E 496 -57.03 10.85 22.03
CA ASP E 496 -57.77 11.72 21.13
C ASP E 496 -56.84 12.62 20.29
N GLN E 497 -55.82 13.20 20.90
CA GLN E 497 -54.96 14.18 20.23
C GLN E 497 -53.83 13.58 19.37
N ALA E 498 -53.34 12.39 19.71
CA ALA E 498 -52.21 11.75 19.06
C ALA E 498 -50.98 12.68 18.93
N PRO E 499 -50.20 12.89 20.00
CA PRO E 499 -48.91 13.58 19.93
C PRO E 499 -47.80 12.69 19.39
N ALA E 500 -47.99 11.37 19.44
CA ALA E 500 -47.07 10.39 18.89
C ALA E 500 -47.78 9.11 18.45
N LEU E 501 -47.27 8.46 17.41
CA LEU E 501 -47.54 7.04 17.16
C LEU E 501 -46.78 6.21 18.20
N ILE E 502 -47.50 5.59 19.14
CA ILE E 502 -46.91 4.79 20.22
C ILE E 502 -46.90 3.32 19.80
N ILE E 503 -45.73 2.72 19.63
CA ILE E 503 -45.59 1.52 18.79
C ILE E 503 -45.62 0.23 19.62
N ALA E 504 -44.56 -0.08 20.34
CA ALA E 504 -44.46 -1.34 21.06
C ALA E 504 -43.63 -1.20 22.33
N HIS E 505 -43.95 -2.05 23.30
CA HIS E 505 -43.25 -2.11 24.57
C HIS E 505 -42.30 -3.29 24.52
N SER E 506 -41.00 -3.05 24.65
CA SER E 506 -39.99 -4.10 24.61
C SER E 506 -40.13 -5.07 25.81
N THR E 507 -39.86 -6.35 25.62
CA THR E 507 -39.72 -7.32 26.72
C THR E 507 -38.24 -7.52 27.01
N VAL E 508 -37.80 -7.30 28.24
CA VAL E 508 -36.38 -7.28 28.60
C VAL E 508 -35.87 -8.70 28.78
N PHE E 509 -35.30 -9.26 27.72
CA PHE E 509 -34.58 -10.55 27.75
C PHE E 509 -33.21 -10.39 28.40
N GLU E 510 -32.87 -11.22 29.38
CA GLU E 510 -31.70 -10.99 30.21
C GLU E 510 -30.99 -12.32 30.53
N PRO E 511 -30.23 -12.88 29.59
CA PRO E 511 -29.68 -14.23 29.72
C PRO E 511 -28.66 -14.37 30.84
N VAL E 512 -28.72 -15.52 31.50
CA VAL E 512 -27.96 -15.87 32.68
C VAL E 512 -27.57 -17.34 32.57
N ARG E 513 -26.33 -17.70 32.88
CA ARG E 513 -25.88 -19.10 32.83
C ARG E 513 -26.67 -19.96 33.82
N LYS E 514 -26.95 -21.22 33.49
CA LYS E 514 -27.68 -22.16 34.36
C LYS E 514 -27.00 -22.42 35.69
N GLU E 515 -25.68 -22.23 35.76
CA GLU E 515 -24.91 -22.27 37.01
C GLU E 515 -25.18 -21.07 37.95
N VAL E 516 -25.64 -19.92 37.46
CA VAL E 516 -25.99 -18.73 38.27
C VAL E 516 -27.35 -18.92 38.95
N LYS E 517 -27.44 -18.55 40.22
CA LYS E 517 -28.54 -18.70 41.08
C LYS E 517 -28.90 -17.45 41.82
N GLY E 518 -30.14 -17.11 41.98
CA GLY E 518 -30.62 -16.00 42.63
C GLY E 518 -30.77 -14.72 41.91
N TYR E 519 -30.36 -14.67 40.66
CA TYR E 519 -30.54 -13.49 39.85
C TYR E 519 -32.04 -13.19 39.67
N VAL E 520 -32.43 -11.93 39.85
CA VAL E 520 -33.80 -11.44 39.59
C VAL E 520 -33.70 -10.20 38.73
N VAL E 521 -34.57 -10.08 37.73
CA VAL E 521 -34.51 -8.98 36.75
C VAL E 521 -34.95 -7.67 37.39
N ASP E 522 -34.46 -6.51 36.94
CA ASP E 522 -34.98 -5.21 37.37
C ASP E 522 -35.77 -4.53 36.23
N PRO E 523 -37.09 -4.28 36.39
CA PRO E 523 -37.90 -3.56 35.42
C PRO E 523 -37.35 -2.21 34.97
N LEU E 524 -36.51 -1.57 35.80
CA LEU E 524 -35.93 -0.25 35.52
C LEU E 524 -34.77 -0.30 34.51
N GLY E 525 -34.25 -1.49 34.20
CA GLY E 525 -33.09 -1.67 33.34
C GLY E 525 -31.77 -1.50 34.08
N LYS E 526 -31.58 -2.25 35.18
CA LYS E 526 -30.38 -2.22 36.04
C LYS E 526 -29.98 -3.63 36.42
N HIS E 527 -28.69 -3.89 36.58
CA HIS E 527 -28.17 -5.24 36.81
C HIS E 527 -27.67 -5.39 38.24
N HIS E 528 -28.44 -6.06 39.09
CA HIS E 528 -28.21 -6.16 40.54
C HIS E 528 -27.52 -7.47 40.99
N PHE E 529 -26.20 -7.45 41.09
CA PHE E 529 -25.40 -8.61 41.45
C PHE E 529 -25.28 -8.89 42.95
N GLU E 530 -25.84 -8.04 43.81
CA GLU E 530 -25.70 -8.13 45.27
C GLU E 530 -26.11 -9.50 45.84
N ASN E 531 -27.14 -10.15 45.27
CA ASN E 531 -27.78 -11.36 45.80
C ASN E 531 -27.44 -12.66 45.05
N VAL E 532 -26.59 -12.62 44.02
CA VAL E 532 -26.27 -13.79 43.18
C VAL E 532 -25.37 -14.78 43.90
N SER E 533 -25.42 -16.03 43.48
CA SER E 533 -24.41 -17.05 43.79
C SER E 533 -24.20 -17.94 42.54
N ILE E 534 -23.04 -18.59 42.43
CA ILE E 534 -22.75 -19.53 41.35
C ILE E 534 -22.62 -20.95 41.90
N GLU E 535 -23.31 -21.91 41.29
CA GLU E 535 -23.29 -23.29 41.59
C GLU E 535 -21.89 -23.84 41.52
FE1 SF4 F . 25.53 -17.49 -52.82
FE2 SF4 F . 27.43 -15.97 -53.96
FE3 SF4 F . 26.16 -17.82 -55.43
FE4 SF4 F . 27.87 -18.62 -53.52
S1 SF4 F . 28.37 -17.45 -55.41
S2 SF4 F . 25.83 -19.45 -53.88
S3 SF4 F . 27.58 -17.03 -51.93
S4 SF4 F . 25.29 -15.95 -54.44
PG AGS G . 25.55 -9.16 -32.67
S1G AGS G . 27.39 -9.35 -33.03
O2G AGS G . 25.04 -7.72 -33.00
O3G AGS G . 25.11 -9.29 -31.17
PB AGS G . 24.17 -11.37 -33.19
O1B AGS G . 24.83 -11.77 -31.95
O2B AGS G . 24.64 -12.14 -34.37
O3B AGS G . 24.46 -9.88 -33.48
PA AGS G . 21.77 -12.10 -32.21
O1A AGS G . 22.32 -13.44 -32.02
O2A AGS G . 21.39 -11.42 -30.94
O3A AGS G . 22.63 -11.21 -33.15
O5' AGS G . 20.49 -12.20 -33.16
C5' AGS G . 19.89 -11.00 -33.60
C4' AGS G . 18.96 -11.36 -34.76
O4' AGS G . 17.79 -12.01 -34.23
C3' AGS G . 18.45 -10.10 -35.47
O3' AGS G . 17.98 -10.42 -36.78
C2' AGS G . 17.30 -9.71 -34.56
O2' AGS G . 16.38 -8.90 -35.29
C1' AGS G . 16.72 -11.06 -34.08
N9 AGS G . 16.24 -11.12 -32.68
C8 AGS G . 16.97 -11.46 -31.53
N7 AGS G . 16.19 -11.60 -30.44
C5 AGS G . 14.96 -11.43 -30.96
C6 AGS G . 13.72 -11.49 -30.33
N6 AGS G . 13.59 -11.71 -29.01
N1 AGS G . 12.58 -11.34 -30.96
C2 AGS G . 12.68 -11.10 -32.27
N3 AGS G . 13.82 -11.00 -32.98
C4 AGS G . 14.95 -11.17 -32.28
FE1 SF4 H . 58.71 9.97 -15.51
FE2 SF4 H . 57.59 10.44 -17.93
FE3 SF4 H . 56.02 9.87 -15.82
FE4 SF4 H . 57.59 7.94 -16.85
S1 SF4 H . 55.86 9.02 -17.90
S2 SF4 H . 57.30 8.35 -14.72
S3 SF4 H . 59.41 9.18 -17.48
S4 SF4 H . 57.32 11.69 -16.03
PG AGS I . 35.61 3.24 -19.85
S1G AGS I . 35.99 3.40 -21.67
O2G AGS I . 34.11 3.16 -19.39
O3G AGS I . 35.99 1.78 -19.40
PB AGS I . 36.09 5.55 -18.62
O1B AGS I . 37.43 6.18 -18.50
O2B AGS I . 35.34 6.09 -19.75
O3B AGS I . 36.33 4.02 -18.74
PA AGS I . 34.53 6.66 -16.74
O1A AGS I . 34.94 8.02 -17.19
O2A AGS I . 33.07 6.47 -16.86
O3A AGS I . 35.34 5.45 -17.27
O5' AGS I . 34.94 6.41 -15.23
C5' AGS I . 36.12 7.01 -14.72
C4' AGS I . 36.14 6.79 -13.20
O4' AGS I . 34.87 7.24 -12.66
C3' AGS I . 36.27 5.31 -12.81
O3' AGS I . 37.26 5.19 -11.78
C2' AGS I . 34.85 4.96 -12.30
O2' AGS I . 34.79 3.89 -11.35
C1' AGS I . 34.38 6.28 -11.73
N9 AGS I . 32.94 6.40 -11.63
C8 AGS I . 32.06 6.80 -12.64
N7 AGS I . 30.82 7.05 -12.18
C5 AGS I . 30.97 6.80 -10.84
C6 AGS I . 30.04 6.93 -9.81
N6 AGS I . 28.78 7.31 -10.01
N1 AGS I . 30.33 6.70 -8.56
C2 AGS I . 31.59 6.33 -8.32
N3 AGS I . 32.57 6.19 -9.23
C4 AGS I . 32.20 6.43 -10.49
#